data_1X49
#
_entry.id   1X49
#
_entity_poly.entity_id   1
_entity_poly.type   'polypeptide(L)'
_entity_poly.pdbx_seq_one_letter_code
;GSSGSSGMASDTPGFYMDKLNKYRQMHGVAITYKELSTSGPPHDRRFTFQVLIDEKEFPEAKGRSKQEARNAAAKLAVDI
LDNENKVDCHTSGPSSG
;
_entity_poly.pdbx_strand_id   A
#
# COMPACT_ATOMS: atom_id res chain seq x y z
N GLY A 1 -19.94 9.97 12.66
CA GLY A 1 -18.81 9.52 13.44
C GLY A 1 -17.52 10.23 13.06
N SER A 2 -17.55 11.55 13.13
CA SER A 2 -16.38 12.36 12.79
C SER A 2 -16.10 13.38 13.89
N SER A 3 -14.89 13.32 14.45
CA SER A 3 -14.49 14.24 15.51
C SER A 3 -13.17 14.92 15.16
N GLY A 4 -12.82 15.93 15.95
CA GLY A 4 -11.57 16.65 15.71
C GLY A 4 -10.59 16.50 16.86
N SER A 5 -10.31 15.26 17.24
CA SER A 5 -9.39 14.99 18.34
C SER A 5 -8.12 14.31 17.82
N SER A 6 -7.06 15.10 17.68
CA SER A 6 -5.78 14.58 17.19
C SER A 6 -4.62 15.16 18.00
N GLY A 7 -3.71 14.29 18.39
CA GLY A 7 -2.55 14.73 19.17
C GLY A 7 -1.35 13.82 18.98
N MET A 8 -1.25 12.80 19.82
CA MET A 8 -0.14 11.86 19.74
C MET A 8 -0.27 10.96 18.51
N ALA A 9 -1.43 10.34 18.37
CA ALA A 9 -1.69 9.44 17.24
C ALA A 9 -2.42 10.18 16.13
N SER A 10 -2.07 9.87 14.88
CA SER A 10 -2.69 10.50 13.73
C SER A 10 -3.56 9.51 12.98
N ASP A 11 -4.85 9.83 12.89
CA ASP A 11 -5.81 8.97 12.19
C ASP A 11 -6.23 9.58 10.86
N THR A 12 -5.25 10.00 10.07
CA THR A 12 -5.52 10.60 8.78
C THR A 12 -6.21 9.62 7.83
N PRO A 13 -7.20 10.12 7.09
CA PRO A 13 -7.96 9.29 6.14
C PRO A 13 -7.12 8.87 4.93
N GLY A 14 -6.33 7.83 5.11
CA GLY A 14 -5.49 7.34 4.03
C GLY A 14 -4.26 8.20 3.83
N PHE A 15 -3.38 8.23 4.82
CA PHE A 15 -2.16 9.02 4.75
C PHE A 15 -1.25 8.50 3.64
N TYR A 16 -0.90 7.22 3.71
CA TYR A 16 -0.03 6.61 2.71
C TYR A 16 -0.66 6.69 1.32
N MET A 17 -1.92 6.25 1.23
CA MET A 17 -2.63 6.27 -0.05
C MET A 17 -2.47 7.62 -0.74
N ASP A 18 -2.29 8.67 0.05
CA ASP A 18 -2.12 10.01 -0.49
C ASP A 18 -0.70 10.21 -1.03
N LYS A 19 0.26 9.57 -0.38
CA LYS A 19 1.65 9.68 -0.80
C LYS A 19 1.88 8.97 -2.13
N LEU A 20 1.15 7.88 -2.33
CA LEU A 20 1.27 7.11 -3.57
C LEU A 20 0.92 7.96 -4.78
N ASN A 21 -0.32 8.43 -4.83
CA ASN A 21 -0.78 9.26 -5.94
C ASN A 21 0.20 10.40 -6.22
N LYS A 22 0.59 11.10 -5.16
CA LYS A 22 1.53 12.22 -5.29
C LYS A 22 2.79 11.77 -6.01
N TYR A 23 3.04 10.47 -6.00
CA TYR A 23 4.23 9.92 -6.67
C TYR A 23 3.90 9.44 -8.08
N ARG A 24 2.74 8.81 -8.23
CA ARG A 24 2.30 8.31 -9.52
C ARG A 24 2.18 9.45 -10.53
N GLN A 25 1.90 10.65 -10.03
CA GLN A 25 1.75 11.82 -10.88
C GLN A 25 3.11 12.40 -11.25
N MET A 26 3.93 12.66 -10.23
CA MET A 26 5.26 13.23 -10.45
C MET A 26 6.08 12.34 -11.38
N HIS A 27 6.22 11.06 -11.02
CA HIS A 27 6.98 10.11 -11.83
C HIS A 27 6.23 9.78 -13.11
N GLY A 28 4.95 9.43 -12.98
CA GLY A 28 4.15 9.09 -14.13
C GLY A 28 3.90 7.59 -14.25
N VAL A 29 3.62 6.95 -13.12
CA VAL A 29 3.36 5.52 -13.10
C VAL A 29 1.87 5.23 -12.94
N ALA A 30 1.51 3.96 -13.09
CA ALA A 30 0.11 3.55 -12.95
C ALA A 30 -0.11 2.76 -11.67
N ILE A 31 -0.86 3.33 -10.75
CA ILE A 31 -1.15 2.68 -9.48
C ILE A 31 -2.56 2.07 -9.48
N THR A 32 -2.63 0.79 -9.14
CA THR A 32 -3.91 0.09 -9.10
C THR A 32 -4.09 -0.66 -7.78
N TYR A 33 -5.28 -0.53 -7.19
CA TYR A 33 -5.58 -1.20 -5.93
C TYR A 33 -6.48 -2.41 -6.14
N LYS A 34 -5.88 -3.59 -6.08
CA LYS A 34 -6.64 -4.83 -6.26
C LYS A 34 -7.34 -5.24 -4.98
N GLU A 35 -8.64 -5.50 -5.08
CA GLU A 35 -9.44 -5.90 -3.92
C GLU A 35 -9.36 -7.41 -3.71
N LEU A 36 -8.53 -7.83 -2.75
CA LEU A 36 -8.38 -9.25 -2.45
C LEU A 36 -9.53 -9.76 -1.59
N SER A 37 -9.63 -11.08 -1.45
CA SER A 37 -10.69 -11.69 -0.66
C SER A 37 -10.48 -11.41 0.83
N THR A 38 -11.35 -11.98 1.66
CA THR A 38 -11.27 -11.79 3.10
C THR A 38 -10.65 -13.02 3.78
N SER A 39 -9.82 -12.77 4.79
CA SER A 39 -9.17 -13.85 5.52
C SER A 39 -9.24 -13.62 7.02
N GLY A 40 -9.63 -14.64 7.77
CA GLY A 40 -9.73 -14.52 9.21
C GLY A 40 -10.89 -15.31 9.78
N PRO A 41 -11.13 -15.14 11.09
CA PRO A 41 -12.22 -15.83 11.79
C PRO A 41 -13.59 -15.32 11.37
N PRO A 42 -14.64 -16.04 11.79
CA PRO A 42 -16.02 -15.68 11.48
C PRO A 42 -16.48 -14.40 12.20
N HIS A 43 -16.01 -14.23 13.43
CA HIS A 43 -16.35 -13.06 14.22
C HIS A 43 -15.66 -11.81 13.69
N ASP A 44 -14.33 -11.90 13.53
CA ASP A 44 -13.55 -10.78 13.02
C ASP A 44 -13.06 -11.05 11.61
N ARG A 45 -13.53 -10.26 10.65
CA ARG A 45 -13.14 -10.42 9.26
C ARG A 45 -12.11 -9.37 8.86
N ARG A 46 -11.04 -9.82 8.21
CA ARG A 46 -9.97 -8.93 7.78
C ARG A 46 -9.88 -8.89 6.26
N PHE A 47 -10.11 -7.71 5.69
CA PHE A 47 -10.04 -7.54 4.24
C PHE A 47 -8.62 -7.23 3.78
N THR A 48 -8.12 -8.03 2.85
CA THR A 48 -6.77 -7.85 2.33
C THR A 48 -6.77 -6.99 1.07
N PHE A 49 -5.72 -6.21 0.90
CA PHE A 49 -5.62 -5.33 -0.27
C PHE A 49 -4.15 -5.20 -0.70
N GLN A 50 -3.95 -4.80 -1.96
CA GLN A 50 -2.60 -4.64 -2.50
C GLN A 50 -2.59 -3.59 -3.61
N VAL A 51 -1.42 -2.99 -3.84
CA VAL A 51 -1.28 -1.98 -4.87
C VAL A 51 -0.36 -2.45 -5.98
N LEU A 52 -0.54 -1.89 -7.18
CA LEU A 52 0.27 -2.26 -8.32
C LEU A 52 0.81 -1.02 -9.04
N ILE A 53 2.13 -0.83 -8.98
CA ILE A 53 2.76 0.31 -9.62
C ILE A 53 3.69 -0.13 -10.75
N ASP A 54 3.48 0.42 -11.93
CA ASP A 54 4.29 0.10 -13.10
C ASP A 54 4.23 -1.40 -13.40
N GLU A 55 3.01 -1.95 -13.36
CA GLU A 55 2.82 -3.37 -13.63
C GLU A 55 3.56 -4.23 -12.62
N LYS A 56 3.73 -3.69 -11.41
CA LYS A 56 4.43 -4.41 -10.35
C LYS A 56 3.44 -4.91 -9.29
N GLU A 57 3.75 -6.06 -8.70
CA GLU A 57 2.89 -6.65 -7.68
C GLU A 57 3.48 -6.43 -6.30
N PHE A 58 2.80 -5.61 -5.49
CA PHE A 58 3.25 -5.32 -4.13
C PHE A 58 2.65 -6.30 -3.13
N PRO A 59 3.31 -6.45 -1.97
CA PRO A 59 2.85 -7.35 -0.92
C PRO A 59 1.58 -6.85 -0.24
N GLU A 60 0.46 -7.47 -0.58
CA GLU A 60 -0.83 -7.08 0.00
C GLU A 60 -0.72 -6.92 1.51
N ALA A 61 -1.80 -6.45 2.13
CA ALA A 61 -1.83 -6.26 3.57
C ALA A 61 -3.23 -6.43 4.12
N LYS A 62 -3.32 -6.76 5.41
CA LYS A 62 -4.62 -6.96 6.06
C LYS A 62 -5.08 -5.68 6.75
N GLY A 63 -6.39 -5.51 6.85
CA GLY A 63 -6.93 -4.33 7.50
C GLY A 63 -8.38 -4.52 7.94
N ARG A 64 -8.72 -3.97 9.10
CA ARG A 64 -10.07 -4.09 9.64
C ARG A 64 -11.10 -3.86 8.55
N SER A 65 -11.06 -2.67 7.94
CA SER A 65 -12.00 -2.32 6.89
C SER A 65 -11.26 -2.03 5.58
N LYS A 66 -12.01 -2.02 4.47
CA LYS A 66 -11.43 -1.75 3.16
C LYS A 66 -10.40 -0.64 3.24
N GLN A 67 -10.76 0.44 3.93
CA GLN A 67 -9.86 1.58 4.07
C GLN A 67 -8.58 1.18 4.82
N GLU A 68 -8.75 0.71 6.05
CA GLU A 68 -7.61 0.29 6.86
C GLU A 68 -6.68 -0.64 6.07
N ALA A 69 -7.28 -1.47 5.22
CA ALA A 69 -6.52 -2.41 4.42
C ALA A 69 -5.74 -1.68 3.33
N ARG A 70 -6.43 -0.91 2.50
CA ARG A 70 -5.79 -0.17 1.42
C ARG A 70 -4.64 0.67 1.96
N ASN A 71 -4.88 1.39 3.03
CA ASN A 71 -3.85 2.24 3.65
C ASN A 71 -2.63 1.41 4.02
N ALA A 72 -2.86 0.26 4.64
CA ALA A 72 -1.78 -0.62 5.05
C ALA A 72 -0.96 -1.09 3.84
N ALA A 73 -1.64 -1.70 2.88
CA ALA A 73 -0.98 -2.20 1.68
C ALA A 73 -0.06 -1.12 1.08
N ALA A 74 -0.51 0.13 1.12
CA ALA A 74 0.26 1.24 0.59
C ALA A 74 1.54 1.46 1.40
N LYS A 75 1.44 1.24 2.71
CA LYS A 75 2.58 1.42 3.60
C LYS A 75 3.79 0.63 3.10
N LEU A 76 3.56 -0.63 2.75
CA LEU A 76 4.63 -1.49 2.26
C LEU A 76 5.14 -1.00 0.92
N ALA A 77 4.24 -0.51 0.08
CA ALA A 77 4.60 -0.01 -1.24
C ALA A 77 5.45 1.25 -1.13
N VAL A 78 4.86 2.31 -0.57
CA VAL A 78 5.56 3.57 -0.40
C VAL A 78 6.91 3.37 0.28
N ASP A 79 6.97 2.44 1.22
CA ASP A 79 8.19 2.14 1.94
C ASP A 79 9.28 1.64 0.99
N ILE A 80 8.86 0.95 -0.07
CA ILE A 80 9.79 0.41 -1.05
C ILE A 80 10.26 1.51 -2.01
N LEU A 81 9.30 2.17 -2.64
CA LEU A 81 9.60 3.24 -3.58
C LEU A 81 10.74 4.12 -3.07
N ASP A 82 10.54 4.71 -1.88
CA ASP A 82 11.54 5.56 -1.28
C ASP A 82 12.95 5.03 -1.55
N ASN A 83 13.08 3.71 -1.58
CA ASN A 83 14.37 3.08 -1.83
C ASN A 83 14.51 2.71 -3.31
N GLU A 84 13.39 2.38 -3.94
CA GLU A 84 13.40 2.00 -5.35
C GLU A 84 14.42 0.90 -5.62
N ASN A 85 14.60 0.01 -4.63
CA ASN A 85 15.55 -1.08 -4.76
C ASN A 85 14.83 -2.37 -5.17
N LYS A 86 14.55 -2.50 -6.46
CA LYS A 86 13.88 -3.69 -6.98
C LYS A 86 14.87 -4.79 -7.30
N VAL A 87 14.43 -6.03 -7.18
CA VAL A 87 15.29 -7.18 -7.46
C VAL A 87 15.03 -7.74 -8.85
N ASP A 88 16.11 -8.03 -9.58
CA ASP A 88 16.00 -8.57 -10.92
C ASP A 88 15.17 -9.85 -10.93
N CYS A 89 14.22 -9.92 -11.85
CA CYS A 89 13.35 -11.09 -11.97
C CYS A 89 13.97 -12.13 -12.88
N HIS A 90 14.25 -11.74 -14.13
CA HIS A 90 14.85 -12.65 -15.10
C HIS A 90 16.37 -12.62 -15.01
N THR A 91 16.96 -13.76 -14.63
CA THR A 91 18.40 -13.87 -14.50
C THR A 91 19.06 -14.20 -15.84
N SER A 92 19.88 -13.28 -16.34
CA SER A 92 20.56 -13.48 -17.61
C SER A 92 21.46 -14.72 -17.56
N GLY A 93 21.01 -15.79 -18.20
CA GLY A 93 21.78 -17.01 -18.22
C GLY A 93 23.00 -16.92 -19.11
N PRO A 94 23.52 -18.09 -19.54
CA PRO A 94 24.69 -18.15 -20.42
C PRO A 94 24.40 -17.65 -21.82
N SER A 95 23.13 -17.41 -22.11
CA SER A 95 22.72 -16.92 -23.43
C SER A 95 23.66 -15.82 -23.91
N SER A 96 24.57 -16.18 -24.80
CA SER A 96 25.53 -15.23 -25.35
C SER A 96 25.33 -15.04 -26.85
N GLY A 97 24.99 -16.13 -27.53
CA GLY A 97 24.77 -16.06 -28.96
C GLY A 97 25.48 -17.18 -29.71
N GLY A 1 0.26 16.35 19.06
CA GLY A 1 0.43 16.87 17.72
C GLY A 1 1.86 17.29 17.44
N SER A 2 2.06 17.96 16.31
CA SER A 2 3.39 18.43 15.93
C SER A 2 3.30 19.64 15.00
N SER A 3 4.43 20.29 14.77
CA SER A 3 4.49 21.47 13.91
C SER A 3 4.70 21.06 12.45
N GLY A 4 3.60 20.95 11.71
CA GLY A 4 3.68 20.58 10.31
C GLY A 4 3.02 19.24 10.04
N SER A 5 3.84 18.20 9.87
CA SER A 5 3.33 16.87 9.59
C SER A 5 3.83 15.87 10.63
N SER A 6 3.07 14.80 10.82
CA SER A 6 3.43 13.78 11.79
C SER A 6 2.46 12.60 11.73
N GLY A 7 2.98 11.43 11.36
CA GLY A 7 2.14 10.25 11.27
C GLY A 7 2.64 9.10 12.13
N MET A 8 2.41 9.22 13.44
CA MET A 8 2.85 8.19 14.38
C MET A 8 1.70 7.75 15.27
N ALA A 9 1.23 6.52 15.07
CA ALA A 9 0.13 5.97 15.84
C ALA A 9 -1.14 6.79 15.65
N SER A 10 -1.38 7.21 14.41
CA SER A 10 -2.57 8.00 14.09
C SER A 10 -3.52 7.22 13.20
N ASP A 11 -4.81 7.41 13.42
CA ASP A 11 -5.84 6.71 12.65
C ASP A 11 -6.20 7.51 11.39
N THR A 12 -5.18 8.03 10.72
CA THR A 12 -5.39 8.81 9.51
C THR A 12 -6.26 8.05 8.51
N PRO A 13 -7.22 8.77 7.89
CA PRO A 13 -8.14 8.18 6.91
C PRO A 13 -7.43 7.82 5.61
N GLY A 14 -6.28 8.44 5.37
CA GLY A 14 -5.52 8.17 4.16
C GLY A 14 -4.23 8.94 4.10
N PHE A 15 -3.22 8.44 4.80
CA PHE A 15 -1.91 9.09 4.83
C PHE A 15 -1.03 8.60 3.68
N TYR A 16 -0.80 7.29 3.64
CA TYR A 16 0.03 6.69 2.61
C TYR A 16 -0.64 6.80 1.24
N MET A 17 -1.85 6.27 1.14
CA MET A 17 -2.61 6.31 -0.11
C MET A 17 -2.45 7.67 -0.79
N ASP A 18 -2.33 8.72 0.02
CA ASP A 18 -2.18 10.07 -0.50
C ASP A 18 -0.77 10.29 -1.05
N LYS A 19 0.22 9.70 -0.38
CA LYS A 19 1.60 9.83 -0.80
C LYS A 19 1.83 9.13 -2.14
N LEU A 20 1.22 7.98 -2.31
CA LEU A 20 1.35 7.21 -3.55
C LEU A 20 1.02 8.08 -4.76
N ASN A 21 -0.22 8.55 -4.81
CA ASN A 21 -0.68 9.39 -5.91
C ASN A 21 0.31 10.51 -6.17
N LYS A 22 0.74 11.19 -5.11
CA LYS A 22 1.69 12.29 -5.23
C LYS A 22 2.97 11.83 -5.91
N TYR A 23 3.24 10.53 -5.86
CA TYR A 23 4.43 9.96 -6.48
C TYR A 23 4.12 9.46 -7.89
N ARG A 24 2.93 8.90 -8.06
CA ARG A 24 2.52 8.37 -9.36
C ARG A 24 2.39 9.49 -10.39
N GLN A 25 1.83 10.62 -9.96
CA GLN A 25 1.63 11.77 -10.83
C GLN A 25 2.94 12.54 -11.01
N MET A 26 3.88 12.33 -10.09
CA MET A 26 5.16 13.01 -10.14
C MET A 26 6.11 12.31 -11.11
N HIS A 27 6.20 10.98 -10.98
CA HIS A 27 7.07 10.19 -11.85
C HIS A 27 6.36 9.85 -13.17
N GLY A 28 5.14 9.35 -13.05
CA GLY A 28 4.37 9.00 -14.23
C GLY A 28 4.09 7.51 -14.32
N VAL A 29 3.66 6.92 -13.20
CA VAL A 29 3.36 5.51 -13.14
C VAL A 29 1.86 5.26 -13.00
N ALA A 30 1.47 4.00 -13.02
CA ALA A 30 0.06 3.63 -12.89
C ALA A 30 -0.18 2.81 -11.63
N ILE A 31 -0.89 3.39 -10.66
CA ILE A 31 -1.19 2.71 -9.41
C ILE A 31 -2.60 2.11 -9.43
N THR A 32 -2.69 0.82 -9.13
CA THR A 32 -3.97 0.13 -9.11
C THR A 32 -4.16 -0.65 -7.81
N TYR A 33 -5.33 -0.50 -7.21
CA TYR A 33 -5.64 -1.19 -5.95
C TYR A 33 -6.53 -2.41 -6.21
N LYS A 34 -5.95 -3.59 -6.06
CA LYS A 34 -6.68 -4.83 -6.27
C LYS A 34 -7.32 -5.30 -4.98
N GLU A 35 -8.65 -5.47 -5.00
CA GLU A 35 -9.38 -5.91 -3.82
C GLU A 35 -9.31 -7.43 -3.69
N LEU A 36 -8.55 -7.89 -2.70
CA LEU A 36 -8.40 -9.32 -2.45
C LEU A 36 -9.55 -9.85 -1.61
N SER A 37 -9.59 -11.17 -1.41
CA SER A 37 -10.63 -11.80 -0.63
C SER A 37 -10.44 -11.51 0.86
N THR A 38 -11.28 -12.12 1.70
CA THR A 38 -11.22 -11.92 3.14
C THR A 38 -10.56 -13.11 3.82
N SER A 39 -9.88 -12.85 4.93
CA SER A 39 -9.21 -13.90 5.68
C SER A 39 -9.26 -13.62 7.18
N GLY A 40 -9.42 -14.68 7.97
CA GLY A 40 -9.49 -14.52 9.41
C GLY A 40 -10.66 -15.26 10.02
N PRO A 41 -10.89 -15.02 11.32
CA PRO A 41 -12.00 -15.66 12.05
C PRO A 41 -13.36 -15.15 11.61
N PRO A 42 -14.43 -15.82 12.08
CA PRO A 42 -15.81 -15.44 11.74
C PRO A 42 -16.22 -14.13 12.40
N HIS A 43 -15.88 -13.97 13.67
CA HIS A 43 -16.23 -12.77 14.41
C HIS A 43 -15.54 -11.55 13.81
N ASP A 44 -14.23 -11.64 13.63
CA ASP A 44 -13.46 -10.54 13.07
C ASP A 44 -12.98 -10.88 11.66
N ARG A 45 -13.48 -10.13 10.67
CA ARG A 45 -13.11 -10.36 9.28
C ARG A 45 -12.07 -9.34 8.82
N ARG A 46 -10.90 -9.83 8.44
CA ARG A 46 -9.83 -8.95 7.98
C ARG A 46 -9.79 -8.88 6.45
N PHE A 47 -9.96 -7.68 5.92
CA PHE A 47 -9.94 -7.48 4.47
C PHE A 47 -8.53 -7.23 3.96
N THR A 48 -8.12 -8.02 2.98
CA THR A 48 -6.78 -7.90 2.41
C THR A 48 -6.80 -7.02 1.16
N PHE A 49 -5.69 -6.34 0.90
CA PHE A 49 -5.58 -5.46 -0.27
C PHE A 49 -4.14 -5.40 -0.76
N GLN A 50 -3.96 -4.84 -1.95
CA GLN A 50 -2.63 -4.71 -2.54
C GLN A 50 -2.61 -3.67 -3.64
N VAL A 51 -1.48 -3.00 -3.81
CA VAL A 51 -1.33 -1.97 -4.83
C VAL A 51 -0.42 -2.43 -5.95
N LEU A 52 -0.63 -1.87 -7.14
CA LEU A 52 0.18 -2.23 -8.31
C LEU A 52 0.69 -0.98 -9.02
N ILE A 53 2.00 -0.76 -8.95
CA ILE A 53 2.61 0.39 -9.59
C ILE A 53 3.55 -0.04 -10.72
N ASP A 54 3.45 0.64 -11.86
CA ASP A 54 4.29 0.33 -13.00
C ASP A 54 4.24 -1.16 -13.33
N GLU A 55 3.04 -1.73 -13.31
CA GLU A 55 2.86 -3.15 -13.60
C GLU A 55 3.62 -4.01 -12.59
N LYS A 56 3.79 -3.47 -11.39
CA LYS A 56 4.51 -4.19 -10.33
C LYS A 56 3.53 -4.72 -9.28
N GLU A 57 3.81 -5.91 -8.77
CA GLU A 57 2.95 -6.53 -7.76
C GLU A 57 3.54 -6.34 -6.36
N PHE A 58 2.86 -5.51 -5.57
CA PHE A 58 3.32 -5.24 -4.21
C PHE A 58 2.72 -6.24 -3.22
N PRO A 59 3.38 -6.39 -2.06
CA PRO A 59 2.93 -7.32 -1.02
C PRO A 59 1.65 -6.85 -0.34
N GLU A 60 0.55 -7.55 -0.62
CA GLU A 60 -0.75 -7.21 -0.04
C GLU A 60 -0.62 -7.02 1.47
N ALA A 61 -1.73 -6.66 2.10
CA ALA A 61 -1.76 -6.45 3.55
C ALA A 61 -3.18 -6.59 4.10
N LYS A 62 -3.28 -6.79 5.41
CA LYS A 62 -4.58 -6.93 6.07
C LYS A 62 -5.02 -5.61 6.68
N GLY A 63 -6.34 -5.44 6.80
CA GLY A 63 -6.88 -4.22 7.38
C GLY A 63 -8.27 -4.41 7.93
N ARG A 64 -8.48 -4.00 9.18
CA ARG A 64 -9.78 -4.12 9.81
C ARG A 64 -10.91 -3.83 8.84
N SER A 65 -10.95 -2.59 8.35
CA SER A 65 -11.98 -2.17 7.40
C SER A 65 -11.42 -2.10 5.98
N LYS A 66 -12.26 -2.43 5.00
CA LYS A 66 -11.86 -2.40 3.60
C LYS A 66 -10.88 -1.25 3.34
N GLN A 67 -11.28 -0.04 3.72
CA GLN A 67 -10.45 1.14 3.52
C GLN A 67 -9.12 0.99 4.26
N GLU A 68 -9.20 0.83 5.57
CA GLU A 68 -8.00 0.67 6.40
C GLU A 68 -6.98 -0.21 5.71
N ALA A 69 -7.46 -1.26 5.04
CA ALA A 69 -6.58 -2.19 4.33
C ALA A 69 -5.80 -1.48 3.24
N ARG A 70 -6.49 -0.67 2.44
CA ARG A 70 -5.84 0.07 1.36
C ARG A 70 -4.67 0.88 1.88
N ASN A 71 -4.87 1.53 3.02
CA ASN A 71 -3.82 2.35 3.62
C ASN A 71 -2.60 1.50 3.97
N ALA A 72 -2.85 0.31 4.50
CA ALA A 72 -1.77 -0.60 4.87
C ALA A 72 -0.95 -1.01 3.65
N ALA A 73 -1.59 -1.74 2.74
CA ALA A 73 -0.92 -2.20 1.53
C ALA A 73 0.01 -1.13 0.98
N ALA A 74 -0.45 0.11 0.99
CA ALA A 74 0.34 1.23 0.50
C ALA A 74 1.60 1.43 1.33
N LYS A 75 1.46 1.26 2.64
CA LYS A 75 2.59 1.42 3.56
C LYS A 75 3.80 0.63 3.07
N LEU A 76 3.59 -0.64 2.74
CA LEU A 76 4.67 -1.49 2.27
C LEU A 76 5.19 -1.00 0.92
N ALA A 77 4.31 -0.49 0.09
CA ALA A 77 4.69 0.02 -1.23
C ALA A 77 5.55 1.27 -1.09
N VAL A 78 4.96 2.33 -0.55
CA VAL A 78 5.68 3.59 -0.37
C VAL A 78 7.08 3.35 0.20
N ASP A 79 7.17 2.41 1.13
CA ASP A 79 8.44 2.08 1.76
C ASP A 79 9.47 1.65 0.71
N ILE A 80 9.05 0.74 -0.16
CA ILE A 80 9.93 0.24 -1.21
C ILE A 80 10.35 1.35 -2.16
N LEU A 81 9.36 2.04 -2.72
CA LEU A 81 9.61 3.13 -3.65
C LEU A 81 10.72 4.05 -3.12
N ASP A 82 10.56 4.50 -1.88
CA ASP A 82 11.53 5.37 -1.25
C ASP A 82 12.96 4.97 -1.64
N ASN A 83 13.18 3.67 -1.78
CA ASN A 83 14.49 3.16 -2.15
C ASN A 83 14.54 2.79 -3.63
N GLU A 84 13.39 2.40 -4.18
CA GLU A 84 13.29 2.03 -5.58
C GLU A 84 14.31 0.94 -5.92
N ASN A 85 14.49 0.00 -5.00
CA ASN A 85 15.43 -1.09 -5.20
C ASN A 85 16.72 -0.59 -5.84
N LYS A 86 17.12 0.61 -5.48
CA LYS A 86 18.34 1.21 -6.02
C LYS A 86 18.52 0.84 -7.48
N VAL A 87 17.44 0.90 -8.24
CA VAL A 87 17.48 0.57 -9.67
C VAL A 87 18.20 1.65 -10.46
N ASP A 88 18.43 1.39 -11.74
CA ASP A 88 19.10 2.34 -12.61
C ASP A 88 18.64 3.77 -12.32
N CYS A 89 19.60 4.66 -12.07
CA CYS A 89 19.28 6.05 -11.78
C CYS A 89 19.00 6.82 -13.05
N HIS A 90 19.94 6.77 -14.00
CA HIS A 90 19.80 7.46 -15.27
C HIS A 90 18.97 6.64 -16.25
N THR A 91 18.19 7.32 -17.09
CA THR A 91 17.35 6.65 -18.07
C THR A 91 18.18 5.72 -18.96
N SER A 92 17.50 4.83 -19.67
CA SER A 92 18.17 3.89 -20.56
C SER A 92 17.26 3.48 -21.71
N GLY A 93 17.85 3.27 -22.88
CA GLY A 93 17.08 2.87 -24.04
C GLY A 93 16.80 4.03 -24.98
N PRO A 94 17.78 4.35 -25.83
CA PRO A 94 17.66 5.46 -26.79
C PRO A 94 16.66 5.14 -27.90
N SER A 95 15.93 6.17 -28.33
CA SER A 95 14.93 6.00 -29.38
C SER A 95 15.56 6.18 -30.76
N SER A 96 15.47 5.15 -31.58
CA SER A 96 16.04 5.19 -32.93
C SER A 96 15.11 4.49 -33.92
N GLY A 97 14.42 5.28 -34.74
CA GLY A 97 13.52 4.73 -35.73
C GLY A 97 12.64 5.78 -36.36
N GLY A 1 10.10 21.18 26.88
CA GLY A 1 8.74 20.83 26.51
C GLY A 1 8.71 19.94 25.28
N SER A 2 7.51 19.73 24.75
CA SER A 2 7.32 18.88 23.58
C SER A 2 7.23 19.72 22.32
N SER A 3 7.86 19.24 21.24
CA SER A 3 7.85 19.96 19.97
C SER A 3 7.19 19.11 18.89
N GLY A 4 6.09 18.46 19.24
CA GLY A 4 5.37 17.64 18.27
C GLY A 4 5.28 16.19 18.72
N SER A 5 4.77 15.34 17.84
CA SER A 5 4.63 13.92 18.15
C SER A 5 5.99 13.25 18.25
N SER A 6 6.49 13.13 19.47
CA SER A 6 7.79 12.50 19.71
C SER A 6 7.97 11.27 18.83
N GLY A 7 7.09 10.29 19.02
CA GLY A 7 7.16 9.07 18.24
C GLY A 7 5.80 8.51 17.89
N MET A 8 4.90 8.52 18.87
CA MET A 8 3.55 8.00 18.66
C MET A 8 3.07 8.30 17.24
N ALA A 9 2.84 7.25 16.47
CA ALA A 9 2.37 7.40 15.10
C ALA A 9 0.87 7.63 15.06
N SER A 10 0.46 8.83 14.63
CA SER A 10 -0.94 9.18 14.55
C SER A 10 -1.67 8.28 13.56
N ASP A 11 -2.99 8.41 13.51
CA ASP A 11 -3.80 7.61 12.60
C ASP A 11 -4.60 8.51 11.65
N THR A 12 -3.95 8.92 10.57
CA THR A 12 -4.59 9.78 9.58
C THR A 12 -5.35 8.96 8.55
N PRO A 13 -6.55 9.44 8.17
CA PRO A 13 -7.40 8.76 7.19
C PRO A 13 -6.82 8.84 5.78
N GLY A 14 -5.87 7.94 5.48
CA GLY A 14 -5.26 7.92 4.17
C GLY A 14 -3.97 8.71 4.12
N PHE A 15 -2.99 8.30 4.92
CA PHE A 15 -1.70 8.98 4.97
C PHE A 15 -0.77 8.46 3.87
N TYR A 16 -0.70 7.15 3.74
CA TYR A 16 0.15 6.52 2.73
C TYR A 16 -0.47 6.64 1.34
N MET A 17 -1.73 6.25 1.23
CA MET A 17 -2.44 6.32 -0.04
C MET A 17 -2.24 7.67 -0.71
N ASP A 18 -2.19 8.72 0.10
CA ASP A 18 -2.01 10.08 -0.41
C ASP A 18 -0.63 10.23 -1.04
N LYS A 19 0.37 9.60 -0.43
CA LYS A 19 1.74 9.67 -0.93
C LYS A 19 1.85 9.02 -2.31
N LEU A 20 1.28 7.82 -2.43
CA LEU A 20 1.31 7.10 -3.70
C LEU A 20 0.87 8.00 -4.85
N ASN A 21 -0.36 8.49 -4.78
CA ASN A 21 -0.90 9.36 -5.82
C ASN A 21 0.04 10.53 -6.09
N LYS A 22 0.70 11.01 -5.04
CA LYS A 22 1.64 12.12 -5.17
C LYS A 22 2.89 11.69 -5.92
N TYR A 23 3.18 10.40 -5.90
CA TYR A 23 4.35 9.87 -6.59
C TYR A 23 3.99 9.36 -7.97
N ARG A 24 2.74 8.93 -8.13
CA ARG A 24 2.25 8.42 -9.42
C ARG A 24 2.08 9.55 -10.42
N GLN A 25 1.68 10.72 -9.92
CA GLN A 25 1.48 11.88 -10.78
C GLN A 25 2.80 12.62 -11.03
N MET A 26 3.70 12.57 -10.04
CA MET A 26 4.99 13.23 -10.15
C MET A 26 5.88 12.49 -11.15
N HIS A 27 6.12 11.21 -10.89
CA HIS A 27 6.96 10.40 -11.76
C HIS A 27 6.24 10.08 -13.07
N GLY A 28 5.03 9.54 -12.96
CA GLY A 28 4.26 9.20 -14.15
C GLY A 28 3.97 7.72 -14.23
N VAL A 29 3.60 7.12 -13.10
CA VAL A 29 3.29 5.69 -13.06
C VAL A 29 1.80 5.47 -12.84
N ALA A 30 1.34 4.26 -13.13
CA ALA A 30 -0.06 3.90 -12.95
C ALA A 30 -0.26 3.02 -11.72
N ILE A 31 -0.99 3.55 -10.74
CA ILE A 31 -1.25 2.82 -9.51
C ILE A 31 -2.62 2.16 -9.55
N THR A 32 -2.67 0.87 -9.23
CA THR A 32 -3.93 0.13 -9.22
C THR A 32 -4.10 -0.65 -7.93
N TYR A 33 -5.25 -0.49 -7.28
CA TYR A 33 -5.54 -1.18 -6.04
C TYR A 33 -6.43 -2.40 -6.28
N LYS A 34 -5.82 -3.58 -6.24
CA LYS A 34 -6.56 -4.83 -6.45
C LYS A 34 -7.21 -5.30 -5.16
N GLU A 35 -8.53 -5.50 -5.21
CA GLU A 35 -9.27 -5.95 -4.05
C GLU A 35 -9.14 -7.46 -3.86
N LEU A 36 -8.61 -7.86 -2.71
CA LEU A 36 -8.42 -9.28 -2.41
C LEU A 36 -9.51 -9.79 -1.49
N SER A 37 -9.52 -11.09 -1.24
CA SER A 37 -10.51 -11.71 -0.38
C SER A 37 -10.28 -11.34 1.08
N THR A 38 -11.17 -11.78 1.95
CA THR A 38 -11.06 -11.50 3.38
C THR A 38 -10.85 -12.77 4.18
N SER A 39 -9.90 -12.72 5.12
CA SER A 39 -9.61 -13.89 5.96
C SER A 39 -9.53 -13.49 7.43
N GLY A 40 -10.20 -14.27 8.28
CA GLY A 40 -10.20 -13.99 9.70
C GLY A 40 -11.47 -14.46 10.38
N PRO A 41 -11.65 -14.04 11.65
CA PRO A 41 -12.83 -14.43 12.44
C PRO A 41 -14.11 -13.76 11.93
N PRO A 42 -15.25 -14.20 12.45
CA PRO A 42 -16.56 -13.67 12.08
C PRO A 42 -16.77 -12.23 12.57
N HIS A 43 -16.52 -12.02 13.86
CA HIS A 43 -16.67 -10.70 14.46
C HIS A 43 -15.82 -9.67 13.74
N ASP A 44 -14.53 -9.97 13.60
CA ASP A 44 -13.61 -9.06 12.92
C ASP A 44 -13.18 -9.63 11.57
N ARG A 45 -13.56 -8.94 10.49
CA ARG A 45 -13.22 -9.38 9.16
C ARG A 45 -12.03 -8.59 8.60
N ARG A 46 -10.91 -9.27 8.42
CA ARG A 46 -9.71 -8.63 7.91
C ARG A 46 -9.69 -8.63 6.38
N PHE A 47 -9.80 -7.45 5.79
CA PHE A 47 -9.79 -7.32 4.35
C PHE A 47 -8.39 -7.09 3.81
N THR A 48 -7.96 -7.97 2.90
CA THR A 48 -6.63 -7.87 2.31
C THR A 48 -6.64 -7.03 1.04
N PHE A 49 -5.60 -6.22 0.86
CA PHE A 49 -5.50 -5.36 -0.32
C PHE A 49 -4.05 -5.29 -0.81
N GLN A 50 -3.89 -4.92 -2.08
CA GLN A 50 -2.57 -4.82 -2.68
C GLN A 50 -2.54 -3.76 -3.77
N VAL A 51 -1.43 -3.04 -3.87
CA VAL A 51 -1.27 -1.99 -4.87
C VAL A 51 -0.36 -2.44 -6.01
N LEU A 52 -0.54 -1.84 -7.18
CA LEU A 52 0.25 -2.18 -8.35
C LEU A 52 0.80 -0.93 -9.02
N ILE A 53 2.12 -0.80 -9.04
CA ILE A 53 2.77 0.36 -9.66
C ILE A 53 3.66 -0.07 -10.82
N ASP A 54 3.60 0.67 -11.92
CA ASP A 54 4.40 0.37 -13.10
C ASP A 54 4.29 -1.11 -13.46
N GLU A 55 3.09 -1.65 -13.37
CA GLU A 55 2.86 -3.05 -13.70
C GLU A 55 3.61 -3.97 -12.74
N LYS A 56 3.69 -3.56 -11.48
CA LYS A 56 4.40 -4.33 -10.46
C LYS A 56 3.43 -4.84 -9.40
N GLU A 57 3.68 -6.03 -8.89
CA GLU A 57 2.83 -6.63 -7.86
C GLU A 57 3.44 -6.45 -6.48
N PHE A 58 2.80 -5.62 -5.66
CA PHE A 58 3.29 -5.36 -4.31
C PHE A 58 2.68 -6.35 -3.31
N PRO A 59 3.35 -6.51 -2.16
CA PRO A 59 2.89 -7.42 -1.11
C PRO A 59 1.63 -6.92 -0.41
N GLU A 60 0.51 -7.58 -0.68
CA GLU A 60 -0.76 -7.20 -0.08
C GLU A 60 -0.62 -7.01 1.43
N ALA A 61 -1.72 -6.64 2.09
CA ALA A 61 -1.71 -6.43 3.52
C ALA A 61 -3.13 -6.47 4.10
N LYS A 62 -3.23 -6.75 5.39
CA LYS A 62 -4.52 -6.84 6.06
C LYS A 62 -4.90 -5.50 6.69
N GLY A 63 -6.20 -5.27 6.87
CA GLY A 63 -6.66 -4.04 7.48
C GLY A 63 -7.98 -4.19 8.19
N ARG A 64 -8.14 -3.49 9.30
CA ARG A 64 -9.37 -3.54 10.08
C ARG A 64 -10.60 -3.45 9.18
N SER A 65 -10.68 -2.38 8.41
CA SER A 65 -11.80 -2.16 7.51
C SER A 65 -11.32 -2.11 6.06
N LYS A 66 -12.21 -2.49 5.13
CA LYS A 66 -11.88 -2.49 3.72
C LYS A 66 -10.96 -1.32 3.37
N GLN A 67 -11.37 -0.12 3.75
CA GLN A 67 -10.57 1.07 3.48
C GLN A 67 -9.23 1.02 4.21
N GLU A 68 -9.29 0.69 5.50
CA GLU A 68 -8.08 0.60 6.32
C GLU A 68 -7.03 -0.28 5.64
N ALA A 69 -7.49 -1.35 5.00
CA ALA A 69 -6.59 -2.27 4.31
C ALA A 69 -5.84 -1.56 3.18
N ARG A 70 -6.55 -0.73 2.44
CA ARG A 70 -5.95 0.01 1.33
C ARG A 70 -4.75 0.82 1.80
N ASN A 71 -4.91 1.49 2.94
CA ASN A 71 -3.84 2.31 3.50
C ASN A 71 -2.62 1.45 3.85
N ALA A 72 -2.88 0.33 4.51
CA ALA A 72 -1.80 -0.58 4.90
C ALA A 72 -1.03 -1.07 3.68
N ALA A 73 -1.73 -1.75 2.77
CA ALA A 73 -1.10 -2.27 1.56
C ALA A 73 -0.12 -1.25 0.97
N ALA A 74 -0.52 0.02 1.00
CA ALA A 74 0.33 1.08 0.47
C ALA A 74 1.58 1.27 1.32
N LYS A 75 1.44 1.09 2.62
CA LYS A 75 2.57 1.23 3.54
C LYS A 75 3.78 0.45 3.04
N LEU A 76 3.55 -0.79 2.64
CA LEU A 76 4.62 -1.65 2.14
C LEU A 76 5.18 -1.11 0.83
N ALA A 77 4.29 -0.61 -0.02
CA ALA A 77 4.70 -0.06 -1.32
C ALA A 77 5.55 1.18 -1.14
N VAL A 78 4.95 2.21 -0.54
CA VAL A 78 5.65 3.48 -0.30
C VAL A 78 7.01 3.23 0.35
N ASP A 79 7.05 2.31 1.30
CA ASP A 79 8.28 1.98 2.00
C ASP A 79 9.38 1.58 1.02
N ILE A 80 8.99 0.86 -0.03
CA ILE A 80 9.94 0.42 -1.05
C ILE A 80 10.36 1.57 -1.95
N LEU A 81 9.38 2.25 -2.54
CA LEU A 81 9.65 3.37 -3.42
C LEU A 81 10.69 4.31 -2.81
N ASP A 82 10.42 4.77 -1.60
CA ASP A 82 11.33 5.67 -0.90
C ASP A 82 12.78 5.29 -1.17
N ASN A 83 13.03 4.01 -1.42
CA ASN A 83 14.36 3.51 -1.70
C ASN A 83 14.52 3.16 -3.18
N GLU A 84 13.42 2.77 -3.80
CA GLU A 84 13.44 2.41 -5.22
C GLU A 84 14.50 1.36 -5.50
N ASN A 85 14.71 0.47 -4.53
CA ASN A 85 15.71 -0.59 -4.68
C ASN A 85 15.03 -1.92 -5.01
N LYS A 86 14.06 -1.87 -5.91
CA LYS A 86 13.35 -3.08 -6.32
C LYS A 86 14.29 -4.27 -6.40
N VAL A 87 13.94 -5.34 -5.70
CA VAL A 87 14.75 -6.55 -5.68
C VAL A 87 15.02 -7.04 -7.10
N ASP A 88 16.25 -6.87 -7.56
CA ASP A 88 16.64 -7.30 -8.90
C ASP A 88 17.34 -8.65 -8.85
N CYS A 89 16.54 -9.71 -8.72
CA CYS A 89 17.08 -11.06 -8.66
C CYS A 89 18.21 -11.24 -9.67
N HIS A 90 19.45 -11.21 -9.18
CA HIS A 90 20.61 -11.37 -10.04
C HIS A 90 20.78 -12.82 -10.46
N THR A 91 20.97 -13.04 -11.76
CA THR A 91 21.15 -14.38 -12.29
C THR A 91 22.14 -14.39 -13.45
N SER A 92 22.68 -15.58 -13.75
CA SER A 92 23.65 -15.72 -14.83
C SER A 92 23.01 -15.43 -16.18
N GLY A 93 23.80 -14.87 -17.09
CA GLY A 93 23.29 -14.55 -18.42
C GLY A 93 23.51 -13.10 -18.78
N PRO A 94 23.50 -12.80 -20.09
CA PRO A 94 23.68 -11.44 -20.60
C PRO A 94 22.50 -10.53 -20.29
N SER A 95 22.61 -9.78 -19.20
CA SER A 95 21.54 -8.88 -18.78
C SER A 95 22.09 -7.46 -18.56
N SER A 96 21.96 -6.63 -19.58
CA SER A 96 22.44 -5.25 -19.50
C SER A 96 23.94 -5.21 -19.28
N GLY A 97 24.69 -5.95 -20.11
CA GLY A 97 26.12 -5.99 -19.99
C GLY A 97 26.83 -5.13 -21.03
N GLY A 1 -2.07 27.29 9.72
CA GLY A 1 -1.52 27.55 8.40
C GLY A 1 -0.01 27.59 8.39
N SER A 2 0.61 26.42 8.24
CA SER A 2 2.07 26.32 8.23
C SER A 2 2.52 25.14 7.39
N SER A 3 3.34 25.42 6.36
CA SER A 3 3.83 24.38 5.49
C SER A 3 5.25 23.98 5.87
N GLY A 4 5.43 22.72 6.25
CA GLY A 4 6.74 22.23 6.64
C GLY A 4 6.82 20.72 6.65
N SER A 5 7.19 20.15 7.79
CA SER A 5 7.30 18.71 7.92
C SER A 5 6.46 18.20 9.09
N SER A 6 5.78 17.07 8.87
CA SER A 6 4.94 16.48 9.89
C SER A 6 4.74 14.98 9.64
N GLY A 7 4.78 14.20 10.71
CA GLY A 7 4.60 12.77 10.59
C GLY A 7 4.64 12.06 11.92
N MET A 8 3.47 11.69 12.44
CA MET A 8 3.37 11.01 13.72
C MET A 8 2.62 9.68 13.57
N ALA A 9 2.42 8.99 14.69
CA ALA A 9 1.72 7.72 14.68
C ALA A 9 0.27 7.89 15.09
N SER A 10 -0.47 8.69 14.32
CA SER A 10 -1.88 8.95 14.62
C SER A 10 -2.77 8.07 13.76
N ASP A 11 -4.09 8.18 13.96
CA ASP A 11 -5.05 7.39 13.21
C ASP A 11 -5.52 8.15 11.97
N THR A 12 -4.63 8.26 10.99
CA THR A 12 -4.95 8.96 9.75
C THR A 12 -5.91 8.15 8.89
N PRO A 13 -6.92 8.83 8.31
CA PRO A 13 -7.92 8.19 7.45
C PRO A 13 -7.33 7.73 6.12
N GLY A 14 -6.17 8.27 5.78
CA GLY A 14 -5.52 7.91 4.52
C GLY A 14 -4.29 8.74 4.25
N PHE A 15 -3.16 8.35 4.85
CA PHE A 15 -1.91 9.07 4.67
C PHE A 15 -1.14 8.51 3.48
N TYR A 16 -0.65 7.28 3.61
CA TYR A 16 0.11 6.64 2.54
C TYR A 16 -0.63 6.75 1.21
N MET A 17 -1.90 6.35 1.20
CA MET A 17 -2.71 6.40 -0.01
C MET A 17 -2.52 7.74 -0.73
N ASP A 18 -2.44 8.82 0.05
CA ASP A 18 -2.27 10.14 -0.51
C ASP A 18 -0.84 10.35 -0.99
N LYS A 19 0.11 9.70 -0.31
CA LYS A 19 1.52 9.82 -0.65
C LYS A 19 1.81 9.08 -1.96
N LEU A 20 1.12 7.98 -2.19
CA LEU A 20 1.31 7.19 -3.40
C LEU A 20 0.97 8.01 -4.65
N ASN A 21 -0.20 8.65 -4.62
CA ASN A 21 -0.64 9.47 -5.75
C ASN A 21 0.41 10.53 -6.10
N LYS A 22 0.77 11.34 -5.11
CA LYS A 22 1.76 12.39 -5.29
C LYS A 22 3.01 11.85 -5.97
N TYR A 23 3.20 10.54 -5.88
CA TYR A 23 4.36 9.89 -6.47
C TYR A 23 4.02 9.34 -7.86
N ARG A 24 2.77 8.95 -8.04
CA ARG A 24 2.31 8.41 -9.32
C ARG A 24 2.14 9.52 -10.35
N GLN A 25 1.84 10.72 -9.87
CA GLN A 25 1.65 11.87 -10.76
C GLN A 25 2.97 12.57 -11.02
N MET A 26 3.92 12.41 -10.11
CA MET A 26 5.23 13.04 -10.25
C MET A 26 6.14 12.20 -11.15
N HIS A 27 6.14 10.89 -10.94
CA HIS A 27 6.96 9.99 -11.73
C HIS A 27 6.27 9.63 -13.03
N GLY A 28 4.94 9.67 -13.03
CA GLY A 28 4.17 9.35 -14.22
C GLY A 28 3.92 7.86 -14.36
N VAL A 29 3.48 7.23 -13.28
CA VAL A 29 3.20 5.80 -13.30
C VAL A 29 1.71 5.52 -13.14
N ALA A 30 1.36 4.25 -13.12
CA ALA A 30 -0.04 3.85 -12.98
C ALA A 30 -0.23 2.94 -11.77
N ILE A 31 -0.92 3.46 -10.75
CA ILE A 31 -1.17 2.70 -9.53
C ILE A 31 -2.57 2.10 -9.55
N THR A 32 -2.64 0.81 -9.22
CA THR A 32 -3.92 0.10 -9.19
C THR A 32 -4.10 -0.67 -7.89
N TYR A 33 -5.25 -0.48 -7.25
CA TYR A 33 -5.53 -1.16 -5.99
C TYR A 33 -6.43 -2.36 -6.21
N LYS A 34 -5.84 -3.56 -6.16
CA LYS A 34 -6.60 -4.78 -6.36
C LYS A 34 -7.24 -5.25 -5.06
N GLU A 35 -8.50 -5.65 -5.15
CA GLU A 35 -9.24 -6.11 -3.97
C GLU A 35 -9.09 -7.62 -3.79
N LEU A 36 -8.56 -8.03 -2.65
CA LEU A 36 -8.36 -9.44 -2.36
C LEU A 36 -9.51 -9.99 -1.52
N SER A 37 -9.48 -11.29 -1.24
CA SER A 37 -10.51 -11.94 -0.45
C SER A 37 -10.41 -11.53 1.02
N THR A 38 -11.24 -12.13 1.85
CA THR A 38 -11.25 -11.83 3.28
C THR A 38 -10.80 -13.02 4.09
N SER A 39 -10.21 -12.76 5.26
CA SER A 39 -9.72 -13.81 6.14
C SER A 39 -9.90 -13.43 7.60
N GLY A 40 -9.83 -14.42 8.48
CA GLY A 40 -9.98 -14.17 9.90
C GLY A 40 -11.21 -14.85 10.48
N PRO A 41 -11.53 -14.51 11.74
CA PRO A 41 -12.69 -15.08 12.44
C PRO A 41 -14.02 -14.58 11.86
N PRO A 42 -15.12 -15.19 12.29
CA PRO A 42 -16.47 -14.82 11.84
C PRO A 42 -16.90 -13.46 12.38
N HIS A 43 -16.61 -13.22 13.65
CA HIS A 43 -16.97 -11.95 14.28
C HIS A 43 -16.21 -10.79 13.66
N ASP A 44 -14.88 -10.92 13.59
CA ASP A 44 -14.03 -9.89 13.02
C ASP A 44 -13.46 -10.34 11.68
N ARG A 45 -13.85 -9.65 10.61
CA ARG A 45 -13.37 -9.99 9.28
C ARG A 45 -12.28 -9.02 8.84
N ARG A 46 -11.18 -9.57 8.31
CA ARG A 46 -10.06 -8.75 7.85
C ARG A 46 -10.01 -8.73 6.33
N PHE A 47 -10.03 -7.53 5.76
CA PHE A 47 -9.98 -7.36 4.32
C PHE A 47 -8.54 -7.13 3.85
N THR A 48 -8.11 -7.92 2.88
CA THR A 48 -6.75 -7.80 2.35
C THR A 48 -6.75 -7.04 1.03
N PHE A 49 -5.76 -6.17 0.85
CA PHE A 49 -5.65 -5.38 -0.38
C PHE A 49 -4.20 -5.29 -0.83
N GLN A 50 -4.00 -4.92 -2.09
CA GLN A 50 -2.65 -4.79 -2.65
C GLN A 50 -2.61 -3.74 -3.75
N VAL A 51 -1.50 -3.04 -3.85
CA VAL A 51 -1.33 -1.99 -4.86
C VAL A 51 -0.40 -2.46 -5.97
N LEU A 52 -0.57 -1.88 -7.16
CA LEU A 52 0.25 -2.23 -8.31
C LEU A 52 0.79 -0.98 -9.00
N ILE A 53 2.10 -0.76 -8.88
CA ILE A 53 2.73 0.40 -9.49
C ILE A 53 3.70 -0.02 -10.59
N ASP A 54 3.49 0.49 -11.80
CA ASP A 54 4.34 0.17 -12.93
C ASP A 54 4.28 -1.32 -13.26
N GLU A 55 3.08 -1.88 -13.23
CA GLU A 55 2.87 -3.29 -13.53
C GLU A 55 3.61 -4.16 -12.51
N LYS A 56 3.82 -3.62 -11.32
CA LYS A 56 4.50 -4.35 -10.26
C LYS A 56 3.52 -4.86 -9.22
N GLU A 57 3.77 -6.06 -8.71
CA GLU A 57 2.89 -6.66 -7.71
C GLU A 57 3.47 -6.47 -6.30
N PHE A 58 2.86 -5.56 -5.54
CA PHE A 58 3.31 -5.27 -4.19
C PHE A 58 2.69 -6.25 -3.20
N PRO A 59 3.33 -6.40 -2.03
CA PRO A 59 2.87 -7.29 -0.97
C PRO A 59 1.58 -6.79 -0.31
N GLU A 60 0.47 -7.47 -0.61
CA GLU A 60 -0.82 -7.08 -0.05
C GLU A 60 -0.71 -6.85 1.45
N ALA A 61 -1.80 -6.39 2.06
CA ALA A 61 -1.83 -6.13 3.50
C ALA A 61 -3.23 -6.31 4.06
N LYS A 62 -3.31 -6.52 5.36
CA LYS A 62 -4.60 -6.71 6.04
C LYS A 62 -5.06 -5.43 6.70
N GLY A 63 -6.37 -5.26 6.83
CA GLY A 63 -6.92 -4.07 7.45
C GLY A 63 -8.31 -4.29 7.98
N ARG A 64 -8.56 -3.83 9.21
CA ARG A 64 -9.86 -3.98 9.84
C ARG A 64 -10.98 -3.76 8.82
N SER A 65 -10.97 -2.59 8.18
CA SER A 65 -11.98 -2.25 7.20
C SER A 65 -11.37 -2.15 5.80
N LYS A 66 -12.22 -2.24 4.78
CA LYS A 66 -11.76 -2.15 3.40
C LYS A 66 -10.69 -1.08 3.25
N GLN A 67 -10.95 0.09 3.84
CA GLN A 67 -10.00 1.21 3.77
C GLN A 67 -8.72 0.88 4.53
N GLU A 68 -8.88 0.50 5.80
CA GLU A 68 -7.73 0.16 6.63
C GLU A 68 -6.74 -0.73 5.87
N ALA A 69 -7.27 -1.58 5.01
CA ALA A 69 -6.44 -2.49 4.23
C ALA A 69 -5.69 -1.74 3.13
N ARG A 70 -6.43 -0.91 2.40
CA ARG A 70 -5.83 -0.13 1.31
C ARG A 70 -4.66 0.70 1.82
N ASN A 71 -4.86 1.39 2.94
CA ASN A 71 -3.81 2.22 3.53
C ASN A 71 -2.60 1.38 3.91
N ALA A 72 -2.86 0.21 4.50
CA ALA A 72 -1.79 -0.69 4.91
C ALA A 72 -0.96 -1.14 3.71
N ALA A 73 -1.62 -1.73 2.72
CA ALA A 73 -0.94 -2.20 1.52
C ALA A 73 -0.07 -1.11 0.91
N ALA A 74 -0.54 0.14 1.00
CA ALA A 74 0.19 1.27 0.47
C ALA A 74 1.45 1.55 1.29
N LYS A 75 1.39 1.27 2.58
CA LYS A 75 2.52 1.48 3.47
C LYS A 75 3.75 0.72 2.99
N LEU A 76 3.56 -0.57 2.69
CA LEU A 76 4.66 -1.40 2.22
C LEU A 76 5.19 -0.91 0.87
N ALA A 77 4.27 -0.44 0.03
CA ALA A 77 4.65 0.07 -1.29
C ALA A 77 5.51 1.32 -1.17
N VAL A 78 4.97 2.35 -0.54
CA VAL A 78 5.69 3.61 -0.35
C VAL A 78 7.07 3.36 0.25
N ASP A 79 7.15 2.38 1.14
CA ASP A 79 8.42 2.04 1.79
C ASP A 79 9.46 1.60 0.76
N ILE A 80 9.01 0.84 -0.23
CA ILE A 80 9.91 0.35 -1.27
C ILE A 80 10.29 1.47 -2.23
N LEU A 81 9.28 2.16 -2.76
CA LEU A 81 9.50 3.24 -3.70
C LEU A 81 10.66 4.13 -3.24
N ASP A 82 10.55 4.66 -2.02
CA ASP A 82 11.59 5.51 -1.46
C ASP A 82 12.98 5.03 -1.89
N ASN A 83 13.14 3.72 -2.04
CA ASN A 83 14.40 3.14 -2.46
C ASN A 83 14.38 2.75 -3.93
N GLU A 84 13.19 2.44 -4.43
CA GLU A 84 13.02 2.04 -5.82
C GLU A 84 13.97 0.91 -6.19
N ASN A 85 14.20 0.01 -5.23
CA ASN A 85 15.09 -1.13 -5.45
C ASN A 85 16.44 -0.66 -5.97
N LYS A 86 16.97 0.40 -5.38
CA LYS A 86 18.27 0.94 -5.78
C LYS A 86 19.34 0.58 -4.76
N VAL A 87 20.06 -0.50 -5.03
CA VAL A 87 21.12 -0.94 -4.13
C VAL A 87 22.17 0.14 -3.94
N ASP A 88 22.75 0.19 -2.75
CA ASP A 88 23.77 1.19 -2.43
C ASP A 88 25.15 0.70 -2.86
N CYS A 89 25.47 0.89 -4.14
CA CYS A 89 26.76 0.47 -4.69
C CYS A 89 27.08 1.23 -5.97
N HIS A 90 28.37 1.45 -6.21
CA HIS A 90 28.82 2.18 -7.39
C HIS A 90 28.99 1.23 -8.58
N THR A 91 27.93 1.05 -9.35
CA THR A 91 27.97 0.17 -10.50
C THR A 91 28.11 0.97 -11.80
N SER A 92 29.06 0.56 -12.64
CA SER A 92 29.30 1.23 -13.91
C SER A 92 28.24 0.87 -14.93
N GLY A 93 27.63 1.88 -15.54
CA GLY A 93 26.59 1.64 -16.54
C GLY A 93 26.22 2.88 -17.30
N PRO A 94 25.02 2.89 -17.89
CA PRO A 94 24.53 4.02 -18.67
C PRO A 94 24.21 5.24 -17.81
N SER A 95 24.02 6.39 -18.44
CA SER A 95 23.73 7.62 -17.73
C SER A 95 22.27 8.03 -17.93
N SER A 96 21.83 8.03 -19.18
CA SER A 96 20.47 8.41 -19.52
C SER A 96 20.04 9.66 -18.77
N GLY A 97 20.97 10.61 -18.65
CA GLY A 97 20.67 11.85 -17.95
C GLY A 97 20.99 13.08 -18.79
N GLY A 1 -14.27 8.99 24.41
CA GLY A 1 -13.55 9.91 23.56
C GLY A 1 -13.41 9.39 22.14
N SER A 2 -12.24 9.61 21.55
CA SER A 2 -11.99 9.17 20.19
C SER A 2 -12.15 7.66 20.06
N SER A 3 -12.86 7.23 19.01
CA SER A 3 -13.10 5.81 18.78
C SER A 3 -11.78 5.06 18.57
N GLY A 4 -11.01 5.52 17.58
CA GLY A 4 -9.73 4.88 17.28
C GLY A 4 -8.87 4.71 18.52
N SER A 5 -8.25 3.55 18.64
CA SER A 5 -7.39 3.27 19.80
C SER A 5 -6.10 4.06 19.72
N SER A 6 -5.71 4.65 20.85
CA SER A 6 -4.49 5.46 20.92
C SER A 6 -3.38 4.69 21.62
N GLY A 7 -2.22 4.63 20.96
CA GLY A 7 -1.09 3.92 21.54
C GLY A 7 0.20 4.17 20.77
N MET A 8 0.70 3.14 20.09
CA MET A 8 1.93 3.27 19.32
C MET A 8 1.63 3.69 17.89
N ALA A 9 0.75 2.95 17.22
CA ALA A 9 0.39 3.26 15.85
C ALA A 9 -0.57 4.44 15.79
N SER A 10 -0.42 5.27 14.75
CA SER A 10 -1.28 6.44 14.59
C SER A 10 -2.47 6.12 13.69
N ASP A 11 -3.59 6.78 13.96
CA ASP A 11 -4.80 6.56 13.17
C ASP A 11 -5.06 7.75 12.24
N THR A 12 -4.39 7.74 11.09
CA THR A 12 -4.55 8.81 10.11
C THR A 12 -5.42 8.38 8.95
N PRO A 13 -6.33 9.25 8.53
CA PRO A 13 -7.25 8.98 7.41
C PRO A 13 -6.54 8.93 6.07
N GLY A 14 -6.20 7.73 5.63
CA GLY A 14 -5.51 7.57 4.36
C GLY A 14 -4.29 8.46 4.24
N PHE A 15 -3.21 8.06 4.90
CA PHE A 15 -1.97 8.84 4.88
C PHE A 15 -1.08 8.38 3.73
N TYR A 16 -0.79 7.08 3.69
CA TYR A 16 0.06 6.52 2.66
C TYR A 16 -0.60 6.62 1.29
N MET A 17 -1.85 6.16 1.20
CA MET A 17 -2.59 6.20 -0.04
C MET A 17 -2.40 7.53 -0.75
N ASP A 18 -2.44 8.62 0.01
CA ASP A 18 -2.26 9.95 -0.53
C ASP A 18 -0.85 10.14 -1.07
N LYS A 19 0.14 9.60 -0.36
CA LYS A 19 1.53 9.71 -0.77
C LYS A 19 1.75 9.01 -2.10
N LEU A 20 1.17 7.82 -2.26
CA LEU A 20 1.32 7.06 -3.48
C LEU A 20 0.98 7.91 -4.70
N ASN A 21 -0.20 8.51 -4.69
CA ASN A 21 -0.64 9.36 -5.79
C ASN A 21 0.40 10.42 -6.11
N LYS A 22 0.71 11.26 -5.13
CA LYS A 22 1.69 12.32 -5.31
C LYS A 22 2.94 11.79 -5.99
N TYR A 23 3.15 10.49 -5.92
CA TYR A 23 4.31 9.85 -6.53
C TYR A 23 3.98 9.35 -7.93
N ARG A 24 2.74 8.89 -8.11
CA ARG A 24 2.29 8.38 -9.40
C ARG A 24 2.15 9.51 -10.41
N GLN A 25 1.83 10.70 -9.92
CA GLN A 25 1.66 11.86 -10.79
C GLN A 25 3.00 12.53 -11.06
N MET A 26 3.93 12.37 -10.13
CA MET A 26 5.26 12.96 -10.27
C MET A 26 6.12 12.14 -11.24
N HIS A 27 6.29 10.86 -10.93
CA HIS A 27 7.09 9.98 -11.77
C HIS A 27 6.36 9.66 -13.06
N GLY A 28 5.04 9.53 -12.98
CA GLY A 28 4.24 9.22 -14.16
C GLY A 28 3.96 7.74 -14.29
N VAL A 29 3.51 7.13 -13.20
CA VAL A 29 3.20 5.70 -13.20
C VAL A 29 1.71 5.46 -13.01
N ALA A 30 1.30 4.20 -13.04
CA ALA A 30 -0.10 3.84 -12.86
C ALA A 30 -0.29 2.95 -11.65
N ILE A 31 -0.93 3.49 -10.61
CA ILE A 31 -1.18 2.74 -9.39
C ILE A 31 -2.59 2.15 -9.38
N THR A 32 -2.68 0.86 -9.07
CA THR A 32 -3.97 0.18 -9.03
C THR A 32 -4.14 -0.58 -7.71
N TYR A 33 -5.33 -0.48 -7.12
CA TYR A 33 -5.61 -1.16 -5.86
C TYR A 33 -6.51 -2.36 -6.09
N LYS A 34 -5.93 -3.55 -6.01
CA LYS A 34 -6.69 -4.79 -6.21
C LYS A 34 -7.33 -5.25 -4.91
N GLU A 35 -8.64 -5.41 -4.93
CA GLU A 35 -9.38 -5.85 -3.74
C GLU A 35 -9.28 -7.35 -3.57
N LEU A 36 -8.55 -7.79 -2.55
CA LEU A 36 -8.38 -9.21 -2.27
C LEU A 36 -9.53 -9.74 -1.42
N SER A 37 -9.60 -11.06 -1.31
CA SER A 37 -10.66 -11.70 -0.52
C SER A 37 -10.47 -11.41 0.97
N THR A 38 -11.32 -12.03 1.79
CA THR A 38 -11.26 -11.84 3.23
C THR A 38 -10.77 -13.10 3.93
N SER A 39 -9.96 -12.92 4.97
CA SER A 39 -9.42 -14.05 5.72
C SER A 39 -9.47 -13.77 7.22
N GLY A 40 -9.92 -14.76 7.99
CA GLY A 40 -10.00 -14.59 9.43
C GLY A 40 -11.24 -15.25 10.02
N PRO A 41 -11.52 -14.94 11.30
CA PRO A 41 -12.68 -15.50 12.00
C PRO A 41 -14.00 -14.94 11.47
N PRO A 42 -15.12 -15.54 11.91
CA PRO A 42 -16.45 -15.13 11.49
C PRO A 42 -16.85 -13.77 12.07
N HIS A 43 -16.44 -13.53 13.31
CA HIS A 43 -16.76 -12.27 13.99
C HIS A 43 -15.91 -11.14 13.43
N ASP A 44 -14.61 -11.38 13.33
CA ASP A 44 -13.68 -10.37 12.82
C ASP A 44 -13.20 -10.74 11.41
N ARG A 45 -13.56 -9.93 10.43
CA ARG A 45 -13.16 -10.18 9.05
C ARG A 45 -12.08 -9.20 8.61
N ARG A 46 -10.93 -9.73 8.24
CA ARG A 46 -9.81 -8.90 7.79
C ARG A 46 -9.76 -8.82 6.27
N PHE A 47 -9.99 -7.62 5.74
CA PHE A 47 -9.97 -7.41 4.30
C PHE A 47 -8.56 -7.10 3.81
N THR A 48 -8.02 -7.99 2.98
CA THR A 48 -6.67 -7.82 2.45
C THR A 48 -6.70 -7.00 1.17
N PHE A 49 -5.64 -6.24 0.94
CA PHE A 49 -5.53 -5.41 -0.25
C PHE A 49 -4.09 -5.34 -0.76
N GLN A 50 -3.92 -4.87 -1.99
CA GLN A 50 -2.60 -4.77 -2.59
C GLN A 50 -2.57 -3.69 -3.68
N VAL A 51 -1.44 -3.03 -3.82
CA VAL A 51 -1.28 -1.98 -4.82
C VAL A 51 -0.38 -2.44 -5.96
N LEU A 52 -0.59 -1.86 -7.13
CA LEU A 52 0.20 -2.21 -8.31
C LEU A 52 0.72 -0.96 -9.02
N ILE A 53 2.02 -0.73 -8.94
CA ILE A 53 2.63 0.43 -9.57
C ILE A 53 3.53 0.01 -10.74
N ASP A 54 3.25 0.58 -11.91
CA ASP A 54 4.03 0.26 -13.10
C ASP A 54 3.96 -1.23 -13.42
N GLU A 55 2.76 -1.80 -13.36
CA GLU A 55 2.57 -3.21 -13.63
C GLU A 55 3.35 -4.07 -12.64
N LYS A 56 3.58 -3.52 -11.45
CA LYS A 56 4.32 -4.23 -10.41
C LYS A 56 3.36 -4.80 -9.36
N GLU A 57 3.74 -5.93 -8.78
CA GLU A 57 2.91 -6.57 -7.76
C GLU A 57 3.50 -6.37 -6.37
N PHE A 58 2.85 -5.54 -5.57
CA PHE A 58 3.32 -5.25 -4.22
C PHE A 58 2.71 -6.25 -3.22
N PRO A 59 3.38 -6.39 -2.07
CA PRO A 59 2.93 -7.31 -1.01
C PRO A 59 1.66 -6.82 -0.32
N GLU A 60 0.55 -7.48 -0.62
CA GLU A 60 -0.73 -7.11 -0.03
C GLU A 60 -0.60 -6.89 1.48
N ALA A 61 -1.67 -6.39 2.10
CA ALA A 61 -1.67 -6.13 3.52
C ALA A 61 -3.06 -6.31 4.11
N LYS A 62 -3.12 -6.52 5.42
CA LYS A 62 -4.40 -6.71 6.11
C LYS A 62 -4.86 -5.41 6.77
N GLY A 63 -6.17 -5.18 6.75
CA GLY A 63 -6.71 -3.98 7.35
C GLY A 63 -8.07 -4.20 7.97
N ARG A 64 -8.27 -3.67 9.17
CA ARG A 64 -9.53 -3.82 9.87
C ARG A 64 -10.71 -3.72 8.91
N SER A 65 -10.78 -2.62 8.17
CA SER A 65 -11.85 -2.40 7.21
C SER A 65 -11.30 -2.33 5.79
N LYS A 66 -12.19 -2.45 4.80
CA LYS A 66 -11.80 -2.39 3.40
C LYS A 66 -10.80 -1.27 3.16
N GLN A 67 -11.18 -0.05 3.56
CA GLN A 67 -10.32 1.11 3.38
C GLN A 67 -9.01 0.95 4.15
N GLU A 68 -9.12 0.86 5.47
CA GLU A 68 -7.94 0.70 6.33
C GLU A 68 -6.90 -0.18 5.65
N ALA A 69 -7.37 -1.22 4.97
CA ALA A 69 -6.47 -2.14 4.27
C ALA A 69 -5.67 -1.41 3.19
N ARG A 70 -6.38 -0.66 2.36
CA ARG A 70 -5.73 0.09 1.28
C ARG A 70 -4.54 0.87 1.80
N ASN A 71 -4.71 1.52 2.94
CA ASN A 71 -3.64 2.32 3.55
C ASN A 71 -2.48 1.43 3.95
N ALA A 72 -2.78 0.27 4.53
CA ALA A 72 -1.75 -0.66 4.96
C ALA A 72 -0.95 -1.18 3.78
N ALA A 73 -1.65 -1.62 2.74
CA ALA A 73 -1.00 -2.14 1.54
C ALA A 73 -0.07 -1.10 0.93
N ALA A 74 -0.46 0.17 1.02
CA ALA A 74 0.35 1.25 0.48
C ALA A 74 1.60 1.48 1.31
N LYS A 75 1.48 1.27 2.61
CA LYS A 75 2.60 1.44 3.53
C LYS A 75 3.82 0.65 3.06
N LEU A 76 3.60 -0.60 2.70
CA LEU A 76 4.68 -1.47 2.23
C LEU A 76 5.22 -0.98 0.90
N ALA A 77 4.33 -0.48 0.04
CA ALA A 77 4.72 0.02 -1.27
C ALA A 77 5.55 1.30 -1.14
N VAL A 78 4.92 2.35 -0.63
CA VAL A 78 5.60 3.63 -0.45
C VAL A 78 6.99 3.44 0.17
N ASP A 79 7.07 2.53 1.13
CA ASP A 79 8.34 2.24 1.80
C ASP A 79 9.37 1.70 0.81
N ILE A 80 8.91 0.89 -0.14
CA ILE A 80 9.79 0.32 -1.14
C ILE A 80 10.28 1.38 -2.12
N LEU A 81 9.36 2.19 -2.63
CA LEU A 81 9.70 3.25 -3.57
C LEU A 81 10.86 4.08 -3.05
N ASP A 82 10.72 4.57 -1.82
CA ASP A 82 11.77 5.39 -1.20
C ASP A 82 13.16 4.85 -1.54
N ASN A 83 13.23 3.54 -1.78
CA ASN A 83 14.49 2.89 -2.11
C ASN A 83 14.53 2.48 -3.58
N GLU A 84 13.35 2.21 -4.15
CA GLU A 84 13.25 1.82 -5.54
C GLU A 84 14.13 0.61 -5.83
N ASN A 85 14.20 -0.31 -4.86
CA ASN A 85 15.01 -1.51 -5.01
C ASN A 85 14.18 -2.67 -5.57
N LYS A 86 13.98 -2.65 -6.88
CA LYS A 86 13.19 -3.69 -7.54
C LYS A 86 13.95 -5.02 -7.55
N VAL A 87 13.79 -5.79 -6.48
CA VAL A 87 14.46 -7.08 -6.36
C VAL A 87 13.75 -8.14 -7.20
N ASP A 88 14.52 -9.10 -7.71
CA ASP A 88 13.96 -10.17 -8.52
C ASP A 88 12.74 -10.78 -7.84
N CYS A 89 11.65 -10.89 -8.59
CA CYS A 89 10.40 -11.46 -8.06
C CYS A 89 9.88 -12.56 -8.98
N HIS A 90 9.95 -12.32 -10.29
CA HIS A 90 9.48 -13.30 -11.27
C HIS A 90 10.03 -14.69 -10.96
N THR A 91 9.43 -15.70 -11.58
CA THR A 91 9.85 -17.08 -11.36
C THR A 91 11.09 -17.41 -12.19
N SER A 92 12.12 -17.93 -11.52
CA SER A 92 13.37 -18.28 -12.20
C SER A 92 13.84 -19.66 -11.75
N GLY A 93 14.81 -20.21 -12.49
CA GLY A 93 15.35 -21.51 -12.16
C GLY A 93 16.32 -22.02 -13.20
N PRO A 94 15.82 -22.81 -14.17
CA PRO A 94 16.64 -23.37 -15.24
C PRO A 94 17.13 -22.30 -16.22
N SER A 95 16.31 -21.27 -16.42
CA SER A 95 16.66 -20.19 -17.33
C SER A 95 17.88 -19.43 -16.84
N SER A 96 19.03 -19.71 -17.46
CA SER A 96 20.28 -19.07 -17.08
C SER A 96 20.13 -17.55 -17.12
N GLY A 97 19.62 -17.04 -18.24
CA GLY A 97 19.44 -15.61 -18.40
C GLY A 97 20.29 -15.03 -19.51
N GLY A 1 -5.37 -14.02 29.07
CA GLY A 1 -5.45 -12.89 28.16
C GLY A 1 -5.64 -13.34 26.71
N SER A 2 -4.68 -13.00 25.86
CA SER A 2 -4.76 -13.36 24.45
C SER A 2 -6.11 -12.96 23.86
N SER A 3 -6.58 -11.77 24.22
CA SER A 3 -7.87 -11.28 23.73
C SER A 3 -7.67 -10.09 22.79
N GLY A 4 -7.65 -10.38 21.49
CA GLY A 4 -7.47 -9.32 20.51
C GLY A 4 -6.09 -9.35 19.89
N SER A 5 -5.90 -8.53 18.84
CA SER A 5 -4.61 -8.46 18.16
C SER A 5 -3.98 -7.09 18.32
N SER A 6 -2.72 -6.97 17.91
CA SER A 6 -2.00 -5.70 18.00
C SER A 6 -2.83 -4.56 17.44
N GLY A 7 -3.06 -3.54 18.26
CA GLY A 7 -3.84 -2.39 17.82
C GLY A 7 -2.97 -1.20 17.49
N MET A 8 -2.35 -1.23 16.31
CA MET A 8 -1.48 -0.14 15.88
C MET A 8 -1.95 0.41 14.53
N ALA A 9 -2.92 1.32 14.56
CA ALA A 9 -3.44 1.92 13.34
C ALA A 9 -3.10 3.40 13.27
N SER A 10 -3.17 3.96 12.07
CA SER A 10 -2.86 5.37 11.86
C SER A 10 -4.12 6.23 12.00
N ASP A 11 -3.97 7.40 12.61
CA ASP A 11 -5.09 8.31 12.80
C ASP A 11 -5.33 9.15 11.56
N THR A 12 -5.44 8.47 10.41
CA THR A 12 -5.67 9.16 9.14
C THR A 12 -6.48 8.29 8.18
N PRO A 13 -7.46 8.91 7.51
CA PRO A 13 -8.32 8.21 6.55
C PRO A 13 -7.57 7.80 5.29
N GLY A 14 -6.32 8.25 5.17
CA GLY A 14 -5.52 7.91 4.01
C GLY A 14 -4.25 8.73 3.94
N PHE A 15 -3.27 8.37 4.76
CA PHE A 15 -1.99 9.09 4.79
C PHE A 15 -1.05 8.54 3.73
N TYR A 16 -0.87 7.22 3.72
CA TYR A 16 0.02 6.57 2.75
C TYR A 16 -0.57 6.66 1.34
N MET A 17 -1.78 6.16 1.18
CA MET A 17 -2.45 6.17 -0.12
C MET A 17 -2.24 7.51 -0.82
N ASP A 18 -2.32 8.60 -0.05
CA ASP A 18 -2.14 9.94 -0.60
C ASP A 18 -0.71 10.14 -1.09
N LYS A 19 0.24 9.55 -0.37
CA LYS A 19 1.65 9.65 -0.74
C LYS A 19 1.92 8.98 -2.08
N LEU A 20 1.29 7.84 -2.30
CA LEU A 20 1.45 7.10 -3.55
C LEU A 20 1.05 7.95 -4.74
N ASN A 21 -0.18 8.47 -4.69
CA ASN A 21 -0.70 9.30 -5.77
C ASN A 21 0.25 10.46 -6.07
N LYS A 22 0.79 11.06 -5.01
CA LYS A 22 1.71 12.19 -5.15
C LYS A 22 2.97 11.77 -5.90
N TYR A 23 3.25 10.47 -5.88
CA TYR A 23 4.42 9.93 -6.57
C TYR A 23 4.08 9.44 -7.97
N ARG A 24 2.89 8.87 -8.10
CA ARG A 24 2.43 8.36 -9.39
C ARG A 24 2.29 9.49 -10.40
N GLN A 25 1.88 10.65 -9.93
CA GLN A 25 1.70 11.82 -10.80
C GLN A 25 3.03 12.54 -10.99
N MET A 26 3.98 12.29 -10.10
CA MET A 26 5.29 12.93 -10.18
C MET A 26 6.18 12.21 -11.18
N HIS A 27 6.22 10.89 -11.10
CA HIS A 27 7.03 10.08 -12.00
C HIS A 27 6.27 9.76 -13.28
N GLY A 28 4.97 9.51 -13.15
CA GLY A 28 4.15 9.18 -14.30
C GLY A 28 3.86 7.71 -14.42
N VAL A 29 3.51 7.09 -13.30
CA VAL A 29 3.20 5.66 -13.28
C VAL A 29 1.70 5.43 -13.07
N ALA A 30 1.30 4.16 -13.17
CA ALA A 30 -0.11 3.81 -13.00
C ALA A 30 -0.29 2.92 -11.78
N ILE A 31 -0.97 3.45 -10.76
CA ILE A 31 -1.22 2.70 -9.53
C ILE A 31 -2.62 2.10 -9.52
N THR A 32 -2.71 0.81 -9.24
CA THR A 32 -4.00 0.12 -9.19
C THR A 32 -4.14 -0.67 -7.89
N TYR A 33 -5.27 -0.45 -7.20
CA TYR A 33 -5.53 -1.14 -5.95
C TYR A 33 -6.44 -2.35 -6.18
N LYS A 34 -5.85 -3.54 -6.15
CA LYS A 34 -6.60 -4.77 -6.35
C LYS A 34 -7.25 -5.23 -5.05
N GLU A 35 -8.53 -5.57 -5.11
CA GLU A 35 -9.26 -6.04 -3.93
C GLU A 35 -9.14 -7.55 -3.77
N LEU A 36 -8.53 -7.97 -2.67
CA LEU A 36 -8.35 -9.40 -2.40
C LEU A 36 -9.49 -9.94 -1.55
N SER A 37 -9.50 -11.25 -1.34
CA SER A 37 -10.54 -11.89 -0.54
C SER A 37 -10.31 -11.63 0.95
N THR A 38 -11.27 -12.06 1.76
CA THR A 38 -11.19 -11.88 3.20
C THR A 38 -10.63 -13.12 3.89
N SER A 39 -9.71 -12.92 4.84
CA SER A 39 -9.11 -14.03 5.56
C SER A 39 -9.11 -13.75 7.06
N GLY A 40 -9.75 -14.63 7.81
CA GLY A 40 -9.81 -14.47 9.25
C GLY A 40 -10.99 -15.18 9.87
N PRO A 41 -11.27 -14.89 11.16
CA PRO A 41 -12.38 -15.49 11.88
C PRO A 41 -13.74 -15.00 11.38
N PRO A 42 -14.82 -15.67 11.82
CA PRO A 42 -16.19 -15.33 11.44
C PRO A 42 -16.65 -14.00 12.02
N HIS A 43 -16.43 -13.84 13.33
CA HIS A 43 -16.83 -12.61 14.01
C HIS A 43 -16.11 -11.40 13.43
N ASP A 44 -14.79 -11.50 13.32
CA ASP A 44 -13.98 -10.42 12.77
C ASP A 44 -13.44 -10.78 11.39
N ARG A 45 -13.88 -10.05 10.38
CA ARG A 45 -13.44 -10.30 9.01
C ARG A 45 -12.37 -9.30 8.58
N ARG A 46 -11.19 -9.80 8.26
CA ARG A 46 -10.09 -8.94 7.84
C ARG A 46 -10.02 -8.85 6.32
N PHE A 47 -10.16 -7.64 5.80
CA PHE A 47 -10.11 -7.42 4.36
C PHE A 47 -8.68 -7.16 3.89
N THR A 48 -8.23 -7.95 2.92
CA THR A 48 -6.88 -7.81 2.39
C THR A 48 -6.87 -6.95 1.12
N PHE A 49 -5.82 -6.17 0.95
CA PHE A 49 -5.70 -5.31 -0.23
C PHE A 49 -4.25 -5.25 -0.70
N GLN A 50 -4.06 -4.84 -1.96
CA GLN A 50 -2.73 -4.74 -2.53
C GLN A 50 -2.68 -3.67 -3.63
N VAL A 51 -1.53 -3.04 -3.78
CA VAL A 51 -1.36 -2.00 -4.80
C VAL A 51 -0.46 -2.48 -5.92
N LEU A 52 -0.65 -1.90 -7.11
CA LEU A 52 0.15 -2.27 -8.27
C LEU A 52 0.70 -1.02 -8.97
N ILE A 53 2.01 -0.84 -8.90
CA ILE A 53 2.66 0.31 -9.51
C ILE A 53 3.57 -0.14 -10.65
N ASP A 54 3.44 0.52 -11.80
CA ASP A 54 4.27 0.20 -12.96
C ASP A 54 4.16 -1.29 -13.31
N GLU A 55 2.94 -1.81 -13.27
CA GLU A 55 2.72 -3.22 -13.57
C GLU A 55 3.44 -4.12 -12.56
N LYS A 56 3.69 -3.59 -11.37
CA LYS A 56 4.37 -4.34 -10.33
C LYS A 56 3.38 -4.84 -9.28
N GLU A 57 3.67 -6.02 -8.73
CA GLU A 57 2.81 -6.61 -7.71
C GLU A 57 3.39 -6.43 -6.32
N PHE A 58 2.75 -5.56 -5.54
CA PHE A 58 3.20 -5.29 -4.18
C PHE A 58 2.56 -6.25 -3.18
N PRO A 59 3.20 -6.41 -2.02
CA PRO A 59 2.71 -7.31 -0.96
C PRO A 59 1.45 -6.78 -0.30
N GLU A 60 0.33 -7.46 -0.54
CA GLU A 60 -0.96 -7.06 0.02
C GLU A 60 -0.83 -6.81 1.52
N ALA A 61 -1.93 -6.42 2.16
CA ALA A 61 -1.94 -6.15 3.58
C ALA A 61 -3.33 -6.39 4.17
N LYS A 62 -3.38 -6.64 5.48
CA LYS A 62 -4.64 -6.89 6.16
C LYS A 62 -5.12 -5.63 6.88
N GLY A 63 -6.43 -5.41 6.87
CA GLY A 63 -6.99 -4.24 7.52
C GLY A 63 -8.39 -4.49 8.05
N ARG A 64 -8.63 -4.07 9.29
CA ARG A 64 -9.94 -4.26 9.91
C ARG A 64 -11.07 -3.89 8.94
N SER A 65 -10.96 -2.69 8.36
CA SER A 65 -11.97 -2.22 7.42
C SER A 65 -11.41 -2.19 6.00
N LYS A 66 -12.31 -2.09 5.02
CA LYS A 66 -11.91 -2.05 3.63
C LYS A 66 -10.88 -0.95 3.38
N GLN A 67 -11.15 0.24 3.89
CA GLN A 67 -10.25 1.38 3.74
C GLN A 67 -8.92 1.12 4.44
N GLU A 68 -8.99 0.92 5.76
CA GLU A 68 -7.79 0.67 6.55
C GLU A 68 -6.84 -0.29 5.82
N ALA A 69 -7.42 -1.30 5.17
CA ALA A 69 -6.64 -2.28 4.43
C ALA A 69 -5.86 -1.62 3.30
N ARG A 70 -6.54 -0.78 2.54
CA ARG A 70 -5.91 -0.09 1.42
C ARG A 70 -4.70 0.73 1.89
N ASN A 71 -4.87 1.45 2.99
CA ASN A 71 -3.79 2.26 3.54
C ASN A 71 -2.59 1.40 3.89
N ALA A 72 -2.85 0.22 4.45
CA ALA A 72 -1.78 -0.70 4.84
C ALA A 72 -0.93 -1.08 3.63
N ALA A 73 -1.54 -1.78 2.68
CA ALA A 73 -0.85 -2.21 1.47
C ALA A 73 0.03 -1.10 0.92
N ALA A 74 -0.42 0.15 1.08
CA ALA A 74 0.33 1.30 0.59
C ALA A 74 1.59 1.52 1.43
N LYS A 75 1.50 1.26 2.72
CA LYS A 75 2.63 1.42 3.62
C LYS A 75 3.85 0.65 3.11
N LEU A 76 3.63 -0.59 2.70
CA LEU A 76 4.72 -1.43 2.20
C LEU A 76 5.19 -0.93 0.84
N ALA A 77 4.26 -0.43 0.03
CA ALA A 77 4.58 0.08 -1.29
C ALA A 77 5.44 1.35 -1.19
N VAL A 78 4.87 2.39 -0.60
CA VAL A 78 5.58 3.66 -0.44
C VAL A 78 6.98 3.44 0.11
N ASP A 79 7.09 2.53 1.08
CA ASP A 79 8.38 2.22 1.69
C ASP A 79 9.39 1.78 0.64
N ILE A 80 8.97 0.91 -0.27
CA ILE A 80 9.83 0.42 -1.33
C ILE A 80 10.21 1.53 -2.29
N LEU A 81 9.23 2.35 -2.65
CA LEU A 81 9.47 3.47 -3.57
C LEU A 81 10.49 4.44 -3.00
N ASP A 82 10.38 4.71 -1.70
CA ASP A 82 11.29 5.62 -1.02
C ASP A 82 12.71 5.06 -1.01
N ASN A 83 12.82 3.74 -0.84
CA ASN A 83 14.12 3.09 -0.81
C ASN A 83 14.81 3.18 -2.17
N GLU A 84 14.01 3.14 -3.24
CA GLU A 84 14.55 3.22 -4.59
C GLU A 84 15.37 4.48 -4.78
N ASN A 85 15.07 5.51 -3.99
CA ASN A 85 15.78 6.77 -4.07
C ASN A 85 16.81 6.90 -2.96
N LYS A 86 17.93 6.21 -3.13
CA LYS A 86 19.01 6.22 -2.15
C LYS A 86 19.13 7.61 -1.51
N VAL A 87 19.06 7.65 -0.19
CA VAL A 87 19.17 8.91 0.54
C VAL A 87 19.68 8.69 1.97
N ASP A 88 20.56 9.57 2.41
CA ASP A 88 21.14 9.47 3.75
C ASP A 88 20.14 9.94 4.80
N CYS A 89 19.47 8.99 5.44
CA CYS A 89 18.48 9.30 6.47
C CYS A 89 18.41 8.20 7.52
N HIS A 90 18.56 8.58 8.78
CA HIS A 90 18.52 7.62 9.87
C HIS A 90 17.13 6.99 9.99
N THR A 91 17.04 5.71 9.65
CA THR A 91 15.78 4.99 9.70
C THR A 91 16.00 3.50 9.95
N SER A 92 15.13 2.91 10.77
CA SER A 92 15.25 1.49 11.09
C SER A 92 15.49 0.66 9.84
N GLY A 93 14.57 0.77 8.88
CA GLY A 93 14.71 0.03 7.64
C GLY A 93 14.02 -1.32 7.69
N PRO A 94 12.68 -1.31 7.68
CA PRO A 94 11.87 -2.54 7.72
C PRO A 94 11.98 -3.35 6.44
N SER A 95 11.85 -2.67 5.30
CA SER A 95 11.94 -3.34 4.01
C SER A 95 13.33 -3.90 3.77
N SER A 96 13.46 -4.75 2.75
CA SER A 96 14.75 -5.35 2.43
C SER A 96 14.89 -5.53 0.91
N GLY A 97 16.07 -5.98 0.48
CA GLY A 97 16.32 -6.18 -0.93
C GLY A 97 17.69 -6.75 -1.20
N GLY A 1 -11.84 -3.96 31.87
CA GLY A 1 -10.92 -5.08 31.67
C GLY A 1 -9.70 -4.68 30.87
N SER A 2 -9.92 -4.27 29.63
CA SER A 2 -8.81 -3.87 28.76
C SER A 2 -8.18 -2.57 29.25
N SER A 3 -6.84 -2.53 29.25
CA SER A 3 -6.11 -1.36 29.70
C SER A 3 -5.87 -0.39 28.53
N GLY A 4 -6.51 0.78 28.59
CA GLY A 4 -6.35 1.76 27.55
C GLY A 4 -5.15 2.66 27.77
N SER A 5 -5.39 3.96 27.85
CA SER A 5 -4.32 4.92 28.06
C SER A 5 -3.24 4.78 26.98
N SER A 6 -3.67 4.61 25.74
CA SER A 6 -2.75 4.46 24.63
C SER A 6 -2.48 5.80 23.94
N GLY A 7 -3.55 6.48 23.56
CA GLY A 7 -3.42 7.77 22.90
C GLY A 7 -3.10 7.64 21.42
N MET A 8 -3.62 8.57 20.63
CA MET A 8 -3.39 8.56 19.19
C MET A 8 -2.46 9.68 18.78
N ALA A 9 -1.81 9.52 17.63
CA ALA A 9 -0.89 10.52 17.12
C ALA A 9 -1.17 10.82 15.64
N SER A 10 -1.38 9.77 14.85
CA SER A 10 -1.65 9.92 13.43
C SER A 10 -3.08 9.49 13.10
N ASP A 11 -3.36 8.21 13.34
CA ASP A 11 -4.68 7.67 13.08
C ASP A 11 -5.28 8.28 11.80
N THR A 12 -4.41 8.60 10.84
CA THR A 12 -4.85 9.20 9.59
C THR A 12 -5.71 8.22 8.79
N PRO A 13 -6.81 8.75 8.22
CA PRO A 13 -7.73 7.94 7.43
C PRO A 13 -7.13 7.51 6.10
N GLY A 14 -5.91 7.96 5.83
CA GLY A 14 -5.24 7.61 4.59
C GLY A 14 -4.09 8.54 4.27
N PHE A 15 -2.94 8.30 4.91
CA PHE A 15 -1.76 9.12 4.70
C PHE A 15 -0.92 8.57 3.55
N TYR A 16 -0.62 7.28 3.62
CA TYR A 16 0.19 6.62 2.59
C TYR A 16 -0.52 6.65 1.25
N MET A 17 -1.78 6.21 1.24
CA MET A 17 -2.57 6.18 0.01
C MET A 17 -2.44 7.50 -0.75
N ASP A 18 -2.31 8.60 -0.01
CA ASP A 18 -2.19 9.92 -0.60
C ASP A 18 -0.76 10.15 -1.13
N LYS A 19 0.21 9.59 -0.43
CA LYS A 19 1.61 9.72 -0.82
C LYS A 19 1.87 9.03 -2.15
N LEU A 20 1.14 7.95 -2.41
CA LEU A 20 1.30 7.19 -3.64
C LEU A 20 0.81 8.01 -4.83
N ASN A 21 -0.48 8.32 -4.85
CA ASN A 21 -1.06 9.10 -5.93
C ASN A 21 -0.24 10.36 -6.21
N LYS A 22 0.47 10.82 -5.19
CA LYS A 22 1.30 12.02 -5.31
C LYS A 22 2.61 11.69 -6.03
N TYR A 23 3.08 10.46 -5.87
CA TYR A 23 4.32 10.02 -6.50
C TYR A 23 4.06 9.48 -7.89
N ARG A 24 2.85 8.96 -8.11
CA ARG A 24 2.48 8.41 -9.40
C ARG A 24 2.38 9.50 -10.46
N GLN A 25 1.83 10.65 -10.08
CA GLN A 25 1.68 11.77 -11.00
C GLN A 25 2.99 12.54 -11.14
N MET A 26 3.87 12.38 -10.15
CA MET A 26 5.16 13.06 -10.17
C MET A 26 6.13 12.37 -11.12
N HIS A 27 6.15 11.04 -11.08
CA HIS A 27 7.03 10.26 -11.95
C HIS A 27 6.32 9.91 -13.25
N GLY A 28 5.10 9.42 -13.15
CA GLY A 28 4.33 9.05 -14.32
C GLY A 28 4.05 7.56 -14.39
N VAL A 29 3.75 6.97 -13.24
CA VAL A 29 3.45 5.54 -13.16
C VAL A 29 1.95 5.30 -13.03
N ALA A 30 1.56 4.03 -13.05
CA ALA A 30 0.16 3.66 -12.92
C ALA A 30 -0.09 2.86 -11.65
N ILE A 31 -0.79 3.47 -10.70
CA ILE A 31 -1.10 2.82 -9.43
C ILE A 31 -2.51 2.23 -9.44
N THR A 32 -2.62 0.95 -9.10
CA THR A 32 -3.90 0.28 -9.06
C THR A 32 -4.09 -0.49 -7.75
N TYR A 33 -5.27 -0.35 -7.15
CA TYR A 33 -5.57 -1.01 -5.90
C TYR A 33 -6.47 -2.23 -6.12
N LYS A 34 -5.88 -3.42 -6.07
CA LYS A 34 -6.62 -4.65 -6.27
C LYS A 34 -7.24 -5.13 -4.97
N GLU A 35 -8.48 -5.62 -5.05
CA GLU A 35 -9.18 -6.11 -3.87
C GLU A 35 -9.07 -7.63 -3.76
N LEU A 36 -8.60 -8.11 -2.61
CA LEU A 36 -8.45 -9.54 -2.38
C LEU A 36 -9.57 -10.08 -1.50
N SER A 37 -9.60 -11.39 -1.33
CA SER A 37 -10.62 -12.04 -0.51
C SER A 37 -10.44 -11.69 0.96
N THR A 38 -11.28 -12.27 1.81
CA THR A 38 -11.22 -12.02 3.24
C THR A 38 -10.58 -13.19 3.98
N SER A 39 -9.44 -12.94 4.61
CA SER A 39 -8.73 -13.98 5.34
C SER A 39 -8.82 -13.74 6.84
N GLY A 40 -9.42 -14.70 7.55
CA GLY A 40 -9.57 -14.57 8.98
C GLY A 40 -10.72 -15.40 9.53
N PRO A 41 -11.03 -15.22 10.82
CA PRO A 41 -12.11 -15.95 11.48
C PRO A 41 -13.49 -15.51 10.99
N PRO A 42 -14.53 -16.27 11.37
CA PRO A 42 -15.91 -15.97 10.98
C PRO A 42 -16.44 -14.72 11.67
N HIS A 43 -16.17 -14.60 12.98
CA HIS A 43 -16.62 -13.44 13.74
C HIS A 43 -15.95 -12.16 13.26
N ASP A 44 -14.63 -12.22 13.11
CA ASP A 44 -13.86 -11.06 12.65
C ASP A 44 -13.35 -11.28 11.24
N ARG A 45 -13.83 -10.46 10.31
CA ARG A 45 -13.42 -10.56 8.91
C ARG A 45 -12.41 -9.47 8.56
N ARG A 46 -11.25 -9.88 8.06
CA ARG A 46 -10.20 -8.93 7.68
C ARG A 46 -10.13 -8.77 6.17
N PHE A 47 -10.27 -7.53 5.70
CA PHE A 47 -10.22 -7.25 4.28
C PHE A 47 -8.79 -6.99 3.82
N THR A 48 -8.31 -7.82 2.90
CA THR A 48 -6.95 -7.69 2.38
C THR A 48 -6.93 -6.85 1.11
N PHE A 49 -5.87 -6.08 0.92
CA PHE A 49 -5.72 -5.24 -0.25
C PHE A 49 -4.26 -5.18 -0.72
N GLN A 50 -4.05 -4.69 -1.94
CA GLN A 50 -2.71 -4.59 -2.49
C GLN A 50 -2.65 -3.51 -3.56
N VAL A 51 -1.45 -2.99 -3.80
CA VAL A 51 -1.26 -1.95 -4.80
C VAL A 51 -0.36 -2.43 -5.95
N LEU A 52 -0.53 -1.83 -7.12
CA LEU A 52 0.25 -2.20 -8.28
C LEU A 52 0.83 -0.97 -8.97
N ILE A 53 2.15 -0.87 -8.97
CA ILE A 53 2.83 0.26 -9.59
C ILE A 53 3.77 -0.20 -10.70
N ASP A 54 3.59 0.34 -11.90
CA ASP A 54 4.42 -0.02 -13.04
C ASP A 54 4.31 -1.51 -13.34
N GLU A 55 3.09 -2.03 -13.27
CA GLU A 55 2.86 -3.45 -13.54
C GLU A 55 3.57 -4.32 -12.52
N LYS A 56 3.81 -3.76 -11.34
CA LYS A 56 4.49 -4.48 -10.26
C LYS A 56 3.49 -4.91 -9.19
N GLU A 57 3.60 -6.16 -8.75
CA GLU A 57 2.71 -6.68 -7.71
C GLU A 57 3.32 -6.49 -6.33
N PHE A 58 2.71 -5.63 -5.53
CA PHE A 58 3.19 -5.36 -4.18
C PHE A 58 2.56 -6.32 -3.17
N PRO A 59 3.22 -6.48 -2.01
CA PRO A 59 2.74 -7.37 -0.95
C PRO A 59 1.48 -6.84 -0.27
N GLU A 60 0.34 -7.47 -0.57
CA GLU A 60 -0.93 -7.06 0.01
C GLU A 60 -0.80 -6.87 1.52
N ALA A 61 -1.89 -6.43 2.15
CA ALA A 61 -1.91 -6.20 3.59
C ALA A 61 -3.32 -6.31 4.15
N LYS A 62 -3.43 -6.52 5.46
CA LYS A 62 -4.72 -6.64 6.11
C LYS A 62 -5.11 -5.32 6.79
N GLY A 63 -6.40 -5.04 6.84
CA GLY A 63 -6.87 -3.82 7.47
C GLY A 63 -8.24 -3.98 8.09
N ARG A 64 -8.43 -3.43 9.28
CA ARG A 64 -9.71 -3.52 9.98
C ARG A 64 -10.87 -3.29 9.01
N SER A 65 -10.86 -2.15 8.34
CA SER A 65 -11.92 -1.81 7.39
C SER A 65 -11.37 -1.73 5.97
N LYS A 66 -12.25 -1.88 4.99
CA LYS A 66 -11.85 -1.83 3.59
C LYS A 66 -10.83 -0.72 3.36
N GLN A 67 -11.08 0.44 3.96
CA GLN A 67 -10.18 1.57 3.82
C GLN A 67 -8.86 1.32 4.53
N GLU A 68 -8.94 0.87 5.78
CA GLU A 68 -7.75 0.59 6.57
C GLU A 68 -6.81 -0.36 5.83
N ALA A 69 -7.40 -1.29 5.08
CA ALA A 69 -6.62 -2.26 4.31
C ALA A 69 -5.80 -1.57 3.22
N ARG A 70 -6.47 -0.76 2.41
CA ARG A 70 -5.81 -0.05 1.33
C ARG A 70 -4.58 0.70 1.85
N ASN A 71 -4.73 1.36 2.99
CA ASN A 71 -3.64 2.11 3.59
C ASN A 71 -2.47 1.20 3.93
N ALA A 72 -2.74 0.18 4.73
CA ALA A 72 -1.71 -0.77 5.13
C ALA A 72 -0.94 -1.28 3.92
N ALA A 73 -1.66 -1.68 2.88
CA ALA A 73 -1.04 -2.18 1.66
C ALA A 73 -0.11 -1.14 1.05
N ALA A 74 -0.53 0.11 1.10
CA ALA A 74 0.26 1.20 0.54
C ALA A 74 1.52 1.44 1.37
N LYS A 75 1.43 1.16 2.66
CA LYS A 75 2.57 1.35 3.57
C LYS A 75 3.79 0.60 3.05
N LEU A 76 3.61 -0.67 2.73
CA LEU A 76 4.70 -1.49 2.22
C LEU A 76 5.18 -1.00 0.86
N ALA A 77 4.25 -0.49 0.07
CA ALA A 77 4.58 0.03 -1.26
C ALA A 77 5.45 1.29 -1.16
N VAL A 78 4.90 2.32 -0.53
CA VAL A 78 5.61 3.58 -0.38
C VAL A 78 6.99 3.35 0.25
N ASP A 79 7.07 2.38 1.14
CA ASP A 79 8.34 2.06 1.81
C ASP A 79 9.39 1.64 0.79
N ILE A 80 9.00 0.78 -0.15
CA ILE A 80 9.91 0.30 -1.17
C ILE A 80 10.37 1.44 -2.08
N LEU A 81 9.41 2.15 -2.66
CA LEU A 81 9.70 3.27 -3.54
C LEU A 81 10.78 4.17 -2.94
N ASP A 82 10.54 4.62 -1.71
CA ASP A 82 11.49 5.49 -1.00
C ASP A 82 12.93 5.08 -1.32
N ASN A 83 13.14 3.79 -1.56
CA ASN A 83 14.45 3.27 -1.88
C ASN A 83 14.58 2.94 -3.36
N GLU A 84 13.45 2.57 -3.97
CA GLU A 84 13.44 2.22 -5.39
C GLU A 84 14.54 1.21 -5.72
N ASN A 85 14.92 0.43 -4.72
CA ASN A 85 15.96 -0.59 -4.90
C ASN A 85 15.39 -1.99 -4.73
N LYS A 86 14.26 -2.25 -5.39
CA LYS A 86 13.62 -3.55 -5.31
C LYS A 86 14.19 -4.50 -6.37
N VAL A 87 14.99 -5.46 -5.92
CA VAL A 87 15.60 -6.43 -6.82
C VAL A 87 14.53 -7.24 -7.55
N ASP A 88 14.75 -7.46 -8.85
CA ASP A 88 13.81 -8.22 -9.66
C ASP A 88 13.96 -9.72 -9.40
N CYS A 89 12.84 -10.44 -9.43
CA CYS A 89 12.85 -11.87 -9.20
C CYS A 89 13.04 -12.64 -10.51
N HIS A 90 12.28 -12.23 -11.54
CA HIS A 90 12.37 -12.87 -12.84
C HIS A 90 12.39 -11.83 -13.95
N THR A 91 13.34 -11.97 -14.87
CA THR A 91 13.48 -11.05 -15.99
C THR A 91 12.19 -10.99 -16.82
N SER A 92 12.00 -9.89 -17.52
CA SER A 92 10.81 -9.71 -18.35
C SER A 92 10.95 -8.49 -19.25
N GLY A 93 10.05 -8.37 -20.22
CA GLY A 93 10.10 -7.26 -21.14
C GLY A 93 10.17 -7.69 -22.59
N PRO A 94 10.63 -6.79 -23.47
CA PRO A 94 10.75 -7.07 -24.90
C PRO A 94 11.87 -8.05 -25.20
N SER A 95 12.85 -8.13 -24.31
CA SER A 95 13.98 -9.03 -24.48
C SER A 95 13.51 -10.40 -24.95
N SER A 96 12.68 -11.05 -24.15
CA SER A 96 12.16 -12.37 -24.48
C SER A 96 10.76 -12.27 -25.06
N GLY A 97 10.67 -12.09 -26.37
CA GLY A 97 9.38 -11.99 -27.03
C GLY A 97 8.90 -13.30 -27.58
N GLY A 1 -0.37 20.65 9.09
CA GLY A 1 -0.97 21.91 9.49
C GLY A 1 -0.30 22.51 10.71
N SER A 2 -1.07 22.75 11.77
CA SER A 2 -0.55 23.33 13.00
C SER A 2 0.04 22.25 13.90
N SER A 3 -0.71 21.17 14.09
CA SER A 3 -0.27 20.08 14.93
C SER A 3 0.87 19.30 14.26
N GLY A 4 1.99 19.18 14.97
CA GLY A 4 3.13 18.46 14.42
C GLY A 4 3.49 17.24 15.25
N SER A 5 4.58 17.36 16.02
CA SER A 5 5.05 16.26 16.86
C SER A 5 3.97 15.86 17.86
N SER A 6 3.23 14.81 17.53
CA SER A 6 2.17 14.32 18.41
C SER A 6 2.32 12.82 18.66
N GLY A 7 3.14 12.46 19.63
CA GLY A 7 3.36 11.07 19.95
C GLY A 7 3.74 10.25 18.74
N MET A 8 4.59 10.81 17.88
CA MET A 8 5.03 10.13 16.68
C MET A 8 3.90 9.30 16.07
N ALA A 9 2.70 9.87 16.05
CA ALA A 9 1.53 9.20 15.50
C ALA A 9 0.41 10.19 15.20
N SER A 10 0.03 10.27 13.93
CA SER A 10 -1.03 11.18 13.51
C SER A 10 -2.25 10.40 13.02
N ASP A 11 -3.41 11.04 13.10
CA ASP A 11 -4.66 10.41 12.67
C ASP A 11 -5.14 11.03 11.36
N THR A 12 -4.62 10.53 10.25
CA THR A 12 -5.00 11.04 8.93
C THR A 12 -5.71 9.96 8.12
N PRO A 13 -6.76 10.37 7.40
CA PRO A 13 -7.55 9.45 6.56
C PRO A 13 -6.78 8.98 5.34
N GLY A 14 -5.92 8.00 5.53
CA GLY A 14 -5.12 7.48 4.43
C GLY A 14 -3.96 8.37 4.08
N PHE A 15 -2.99 8.46 4.98
CA PHE A 15 -1.81 9.29 4.76
C PHE A 15 -0.94 8.73 3.64
N TYR A 16 -0.65 7.43 3.73
CA TYR A 16 0.17 6.76 2.72
C TYR A 16 -0.48 6.84 1.35
N MET A 17 -1.69 6.29 1.24
CA MET A 17 -2.42 6.31 -0.02
C MET A 17 -2.20 7.61 -0.77
N ASP A 18 -2.18 8.72 -0.03
CA ASP A 18 -1.98 10.03 -0.62
C ASP A 18 -0.57 10.16 -1.20
N LYS A 19 0.41 9.68 -0.44
CA LYS A 19 1.80 9.74 -0.87
C LYS A 19 2.00 9.01 -2.20
N LEU A 20 1.27 7.92 -2.39
CA LEU A 20 1.36 7.14 -3.61
C LEU A 20 0.97 7.99 -4.83
N ASN A 21 -0.28 8.45 -4.85
CA ASN A 21 -0.77 9.27 -5.95
C ASN A 21 0.18 10.43 -6.22
N LYS A 22 0.60 11.11 -5.17
CA LYS A 22 1.51 12.25 -5.29
C LYS A 22 2.78 11.84 -6.03
N TYR A 23 3.08 10.54 -6.03
CA TYR A 23 4.27 10.02 -6.68
C TYR A 23 3.93 9.54 -8.10
N ARG A 24 2.77 8.91 -8.24
CA ARG A 24 2.34 8.40 -9.53
C ARG A 24 2.14 9.53 -10.53
N GLN A 25 1.66 10.68 -10.03
CA GLN A 25 1.42 11.83 -10.89
C GLN A 25 2.72 12.61 -11.10
N MET A 26 3.71 12.36 -10.26
CA MET A 26 4.99 13.04 -10.36
C MET A 26 5.93 12.28 -11.30
N HIS A 27 6.27 11.05 -10.92
CA HIS A 27 7.17 10.23 -11.73
C HIS A 27 6.50 9.83 -13.04
N GLY A 28 5.25 9.39 -12.95
CA GLY A 28 4.52 8.98 -14.13
C GLY A 28 4.26 7.49 -14.17
N VAL A 29 3.75 6.94 -13.07
CA VAL A 29 3.46 5.51 -12.99
C VAL A 29 1.97 5.27 -12.80
N ALA A 30 1.55 4.02 -12.97
CA ALA A 30 0.15 3.64 -12.83
C ALA A 30 -0.06 2.81 -11.57
N ILE A 31 -0.83 3.35 -10.63
CA ILE A 31 -1.12 2.66 -9.38
C ILE A 31 -2.53 2.07 -9.39
N THR A 32 -2.60 0.77 -9.10
CA THR A 32 -3.89 0.08 -9.08
C THR A 32 -4.08 -0.68 -7.77
N TYR A 33 -5.24 -0.52 -7.16
CA TYR A 33 -5.55 -1.19 -5.90
C TYR A 33 -6.46 -2.38 -6.13
N LYS A 34 -5.89 -3.58 -6.08
CA LYS A 34 -6.65 -4.80 -6.28
C LYS A 34 -7.33 -5.24 -4.99
N GLU A 35 -8.64 -5.53 -5.08
CA GLU A 35 -9.40 -5.96 -3.92
C GLU A 35 -9.33 -7.47 -3.74
N LEU A 36 -8.55 -7.92 -2.77
CA LEU A 36 -8.39 -9.34 -2.50
C LEU A 36 -9.60 -9.89 -1.74
N SER A 37 -9.54 -11.17 -1.39
CA SER A 37 -10.62 -11.81 -0.66
C SER A 37 -10.53 -11.51 0.84
N THR A 38 -11.46 -12.06 1.60
CA THR A 38 -11.49 -11.85 3.05
C THR A 38 -11.10 -13.12 3.79
N SER A 39 -10.00 -13.05 4.54
CA SER A 39 -9.51 -14.20 5.29
C SER A 39 -9.63 -13.94 6.80
N GLY A 40 -9.86 -15.00 7.55
CA GLY A 40 -9.98 -14.88 9.00
C GLY A 40 -11.22 -15.57 9.53
N PRO A 41 -11.45 -15.43 10.85
CA PRO A 41 -12.61 -16.04 11.51
C PRO A 41 -13.93 -15.38 11.11
N PRO A 42 -15.04 -16.00 11.50
CA PRO A 42 -16.39 -15.49 11.19
C PRO A 42 -16.71 -14.22 11.96
N HIS A 43 -16.27 -14.16 13.21
CA HIS A 43 -16.51 -13.00 14.06
C HIS A 43 -15.73 -11.78 13.56
N ASP A 44 -14.43 -11.97 13.38
CA ASP A 44 -13.57 -10.89 12.89
C ASP A 44 -13.11 -11.15 11.46
N ARG A 45 -13.54 -10.29 10.54
CA ARG A 45 -13.17 -10.44 9.13
C ARG A 45 -12.07 -9.45 8.76
N ARG A 46 -11.02 -9.97 8.14
CA ARG A 46 -9.89 -9.13 7.73
C ARG A 46 -9.88 -8.95 6.22
N PHE A 47 -9.99 -7.69 5.79
CA PHE A 47 -9.99 -7.37 4.36
C PHE A 47 -8.58 -7.14 3.85
N THR A 48 -8.12 -8.02 2.97
CA THR A 48 -6.78 -7.91 2.40
C THR A 48 -6.78 -7.05 1.14
N PHE A 49 -5.73 -6.27 0.96
CA PHE A 49 -5.62 -5.40 -0.21
C PHE A 49 -4.17 -5.34 -0.70
N GLN A 50 -3.98 -4.85 -1.92
CA GLN A 50 -2.65 -4.73 -2.51
C GLN A 50 -2.62 -3.67 -3.59
N VAL A 51 -1.46 -3.07 -3.80
CA VAL A 51 -1.30 -2.03 -4.80
C VAL A 51 -0.36 -2.49 -5.92
N LEU A 52 -0.54 -1.92 -7.12
CA LEU A 52 0.28 -2.27 -8.26
C LEU A 52 0.80 -1.02 -8.95
N ILE A 53 2.12 -0.81 -8.87
CA ILE A 53 2.75 0.34 -9.49
C ILE A 53 3.68 -0.08 -10.63
N ASP A 54 3.48 0.51 -11.80
CA ASP A 54 4.29 0.20 -12.96
C ASP A 54 4.24 -1.30 -13.27
N GLU A 55 3.04 -1.85 -13.27
CA GLU A 55 2.86 -3.28 -13.54
C GLU A 55 3.60 -4.13 -12.52
N LYS A 56 3.81 -3.57 -11.34
CA LYS A 56 4.51 -4.29 -10.28
C LYS A 56 3.53 -4.82 -9.24
N GLU A 57 3.85 -5.96 -8.65
CA GLU A 57 2.99 -6.58 -7.65
C GLU A 57 3.57 -6.36 -6.25
N PHE A 58 2.88 -5.55 -5.46
CA PHE A 58 3.32 -5.25 -4.09
C PHE A 58 2.70 -6.24 -3.10
N PRO A 59 3.34 -6.38 -1.93
CA PRO A 59 2.88 -7.29 -0.88
C PRO A 59 1.60 -6.80 -0.22
N GLU A 60 0.50 -7.50 -0.48
CA GLU A 60 -0.79 -7.13 0.09
C GLU A 60 -0.68 -6.93 1.60
N ALA A 61 -1.80 -6.63 2.24
CA ALA A 61 -1.84 -6.42 3.67
C ALA A 61 -3.26 -6.51 4.21
N LYS A 62 -3.39 -6.73 5.52
CA LYS A 62 -4.69 -6.85 6.16
C LYS A 62 -5.08 -5.54 6.85
N GLY A 63 -6.38 -5.28 6.92
CA GLY A 63 -6.86 -4.07 7.55
C GLY A 63 -8.24 -4.22 8.13
N ARG A 64 -8.40 -3.85 9.40
CA ARG A 64 -9.68 -3.96 10.08
C ARG A 64 -10.82 -3.60 9.14
N SER A 65 -10.79 -2.39 8.59
CA SER A 65 -11.83 -1.93 7.68
C SER A 65 -11.35 -2.00 6.24
N LYS A 66 -12.28 -2.24 5.32
CA LYS A 66 -11.96 -2.33 3.90
C LYS A 66 -10.98 -1.23 3.50
N GLN A 67 -11.28 0.00 3.89
CA GLN A 67 -10.43 1.14 3.57
C GLN A 67 -9.11 1.05 4.31
N GLU A 68 -9.18 0.82 5.61
CA GLU A 68 -7.98 0.72 6.43
C GLU A 68 -6.94 -0.19 5.78
N ALA A 69 -7.41 -1.27 5.16
CA ALA A 69 -6.54 -2.22 4.49
C ALA A 69 -5.75 -1.54 3.38
N ARG A 70 -6.44 -0.75 2.56
CA ARG A 70 -5.81 -0.05 1.45
C ARG A 70 -4.61 0.76 1.94
N ASN A 71 -4.79 1.47 3.05
CA ASN A 71 -3.72 2.29 3.60
C ASN A 71 -2.50 1.42 3.96
N ALA A 72 -2.73 0.36 4.70
CA ALA A 72 -1.66 -0.55 5.08
C ALA A 72 -0.88 -1.04 3.87
N ALA A 73 -1.58 -1.65 2.93
CA ALA A 73 -0.95 -2.16 1.71
C ALA A 73 -0.04 -1.11 1.09
N ALA A 74 -0.48 0.14 1.12
CA ALA A 74 0.30 1.24 0.56
C ALA A 74 1.57 1.49 1.38
N LYS A 75 1.47 1.32 2.69
CA LYS A 75 2.61 1.51 3.57
C LYS A 75 3.83 0.73 3.08
N LEU A 76 3.63 -0.55 2.82
CA LEU A 76 4.71 -1.41 2.33
C LEU A 76 5.23 -0.93 0.98
N ALA A 77 4.32 -0.44 0.14
CA ALA A 77 4.69 0.05 -1.18
C ALA A 77 5.55 1.31 -1.07
N VAL A 78 5.00 2.35 -0.46
CA VAL A 78 5.72 3.61 -0.29
C VAL A 78 7.11 3.37 0.30
N ASP A 79 7.20 2.42 1.22
CA ASP A 79 8.47 2.10 1.86
C ASP A 79 9.51 1.68 0.83
N ILE A 80 9.09 0.86 -0.13
CA ILE A 80 9.99 0.39 -1.17
C ILE A 80 10.40 1.53 -2.10
N LEU A 81 9.40 2.12 -2.74
CA LEU A 81 9.65 3.23 -3.67
C LEU A 81 10.81 4.10 -3.18
N ASP A 82 10.74 4.53 -1.93
CA ASP A 82 11.79 5.36 -1.34
C ASP A 82 13.16 4.85 -1.76
N ASN A 83 13.39 3.55 -1.61
CA ASN A 83 14.67 2.95 -1.97
C ASN A 83 14.73 2.65 -3.46
N GLU A 84 13.58 2.37 -4.05
CA GLU A 84 13.51 2.07 -5.48
C GLU A 84 14.57 1.05 -5.87
N ASN A 85 14.99 0.25 -4.91
CA ASN A 85 16.01 -0.77 -5.15
C ASN A 85 15.52 -2.15 -4.70
N LYS A 86 14.94 -2.89 -5.63
CA LYS A 86 14.42 -4.23 -5.34
C LYS A 86 15.57 -5.18 -5.00
N VAL A 87 15.38 -5.97 -3.94
CA VAL A 87 16.39 -6.92 -3.52
C VAL A 87 16.70 -7.92 -4.63
N ASP A 88 17.67 -8.80 -4.37
CA ASP A 88 18.07 -9.81 -5.34
C ASP A 88 17.31 -11.11 -5.13
N CYS A 89 15.98 -11.02 -5.06
CA CYS A 89 15.14 -12.19 -4.85
C CYS A 89 14.06 -12.29 -5.92
N HIS A 90 13.73 -13.50 -6.32
CA HIS A 90 12.70 -13.73 -7.33
C HIS A 90 11.48 -14.42 -6.72
N THR A 91 10.46 -14.63 -7.55
CA THR A 91 9.23 -15.28 -7.09
C THR A 91 8.49 -15.93 -8.25
N SER A 92 7.58 -16.84 -7.93
CA SER A 92 6.80 -17.53 -8.96
C SER A 92 5.33 -17.14 -8.87
N GLY A 93 4.60 -17.39 -9.96
CA GLY A 93 3.19 -17.05 -9.99
C GLY A 93 2.95 -15.65 -10.52
N PRO A 94 2.91 -15.51 -11.85
CA PRO A 94 2.68 -14.22 -12.52
C PRO A 94 1.26 -13.72 -12.33
N SER A 95 0.35 -14.64 -12.01
CA SER A 95 -1.05 -14.28 -11.81
C SER A 95 -1.66 -15.11 -10.68
N SER A 96 -2.63 -14.52 -9.99
CA SER A 96 -3.30 -15.20 -8.88
C SER A 96 -4.75 -14.75 -8.76
N GLY A 97 -5.57 -15.57 -8.11
CA GLY A 97 -6.97 -15.25 -7.95
C GLY A 97 -7.78 -15.46 -9.21
N GLY A 1 -5.07 16.32 0.02
CA GLY A 1 -3.92 17.13 0.37
C GLY A 1 -4.28 18.27 1.30
N SER A 2 -3.26 18.85 1.93
CA SER A 2 -3.48 19.96 2.85
C SER A 2 -2.28 20.91 2.84
N SER A 3 -2.46 22.08 3.45
CA SER A 3 -1.40 23.08 3.51
C SER A 3 -0.51 22.85 4.73
N GLY A 4 -0.18 21.59 4.99
CA GLY A 4 0.66 21.26 6.12
C GLY A 4 0.01 20.28 7.07
N SER A 5 0.69 19.16 7.32
CA SER A 5 0.18 18.13 8.21
C SER A 5 1.20 17.78 9.29
N SER A 6 0.76 17.82 10.55
CA SER A 6 1.64 17.50 11.66
C SER A 6 1.97 16.01 11.69
N GLY A 7 3.26 15.69 11.64
CA GLY A 7 3.69 14.31 11.65
C GLY A 7 3.52 13.67 13.02
N MET A 8 2.68 12.64 13.09
CA MET A 8 2.43 11.94 14.35
C MET A 8 1.54 10.73 14.12
N ALA A 9 1.94 9.59 14.68
CA ALA A 9 1.18 8.35 14.55
C ALA A 9 -0.29 8.58 14.93
N SER A 10 -1.17 8.49 13.94
CA SER A 10 -2.60 8.68 14.17
C SER A 10 -3.42 7.68 13.37
N ASP A 11 -4.74 7.80 13.45
CA ASP A 11 -5.63 6.90 12.74
C ASP A 11 -6.08 7.53 11.42
N THR A 12 -5.19 8.31 10.81
CA THR A 12 -5.50 8.97 9.54
C THR A 12 -6.23 8.02 8.60
N PRO A 13 -7.27 8.54 7.93
CA PRO A 13 -8.07 7.77 6.99
C PRO A 13 -7.31 7.43 5.71
N GLY A 14 -6.38 8.30 5.33
CA GLY A 14 -5.59 8.08 4.14
C GLY A 14 -4.26 8.80 4.18
N PHE A 15 -3.27 8.18 4.80
CA PHE A 15 -1.94 8.78 4.91
C PHE A 15 -1.06 8.35 3.74
N TYR A 16 -0.78 7.05 3.66
CA TYR A 16 0.06 6.51 2.59
C TYR A 16 -0.64 6.64 1.25
N MET A 17 -1.89 6.18 1.18
CA MET A 17 -2.66 6.24 -0.05
C MET A 17 -2.52 7.61 -0.71
N ASP A 18 -2.29 8.64 0.10
CA ASP A 18 -2.14 9.99 -0.41
C ASP A 18 -0.73 10.22 -0.93
N LYS A 19 0.24 9.55 -0.32
CA LYS A 19 1.64 9.68 -0.72
C LYS A 19 1.88 9.00 -2.06
N LEU A 20 1.19 7.89 -2.28
CA LEU A 20 1.34 7.13 -3.53
C LEU A 20 1.00 8.01 -4.74
N ASN A 21 -0.20 8.58 -4.74
CA ASN A 21 -0.63 9.44 -5.83
C ASN A 21 0.41 10.52 -6.11
N LYS A 22 0.71 11.32 -5.09
CA LYS A 22 1.69 12.40 -5.23
C LYS A 22 2.96 11.89 -5.93
N TYR A 23 3.18 10.58 -5.87
CA TYR A 23 4.35 9.98 -6.48
C TYR A 23 4.04 9.49 -7.89
N ARG A 24 2.83 8.97 -8.07
CA ARG A 24 2.41 8.47 -9.37
C ARG A 24 2.27 9.61 -10.38
N GLN A 25 1.80 10.76 -9.90
CA GLN A 25 1.62 11.93 -10.76
C GLN A 25 2.95 12.64 -10.99
N MET A 26 3.94 12.32 -10.16
CA MET A 26 5.25 12.94 -10.27
C MET A 26 6.13 12.16 -11.24
N HIS A 27 6.30 10.86 -10.97
CA HIS A 27 7.12 10.00 -11.83
C HIS A 27 6.39 9.66 -13.13
N GLY A 28 5.08 9.47 -13.03
CA GLY A 28 4.29 9.15 -14.20
C GLY A 28 4.00 7.66 -14.29
N VAL A 29 3.57 7.07 -13.19
CA VAL A 29 3.25 5.64 -13.15
C VAL A 29 1.76 5.42 -12.93
N ALA A 30 1.31 4.19 -13.18
CA ALA A 30 -0.09 3.84 -13.00
C ALA A 30 -0.29 2.97 -11.76
N ILE A 31 -0.97 3.52 -10.76
CA ILE A 31 -1.22 2.78 -9.52
C ILE A 31 -2.62 2.18 -9.52
N THR A 32 -2.70 0.88 -9.23
CA THR A 32 -3.98 0.18 -9.19
C THR A 32 -4.15 -0.58 -7.88
N TYR A 33 -5.32 -0.43 -7.27
CA TYR A 33 -5.60 -1.11 -6.00
C TYR A 33 -6.47 -2.34 -6.24
N LYS A 34 -5.85 -3.52 -6.13
CA LYS A 34 -6.56 -4.77 -6.32
C LYS A 34 -7.20 -5.24 -5.02
N GLU A 35 -8.49 -5.56 -5.08
CA GLU A 35 -9.21 -6.03 -3.90
C GLU A 35 -9.06 -7.53 -3.72
N LEU A 36 -8.64 -7.95 -2.53
CA LEU A 36 -8.44 -9.35 -2.23
C LEU A 36 -9.53 -9.87 -1.29
N SER A 37 -9.67 -11.19 -1.23
CA SER A 37 -10.68 -11.80 -0.37
C SER A 37 -10.41 -11.49 1.10
N THR A 38 -11.31 -11.94 1.97
CA THR A 38 -11.18 -11.70 3.40
C THR A 38 -10.68 -12.94 4.13
N SER A 39 -9.77 -12.76 5.07
CA SER A 39 -9.21 -13.87 5.83
C SER A 39 -9.26 -13.58 7.32
N GLY A 40 -9.78 -14.54 8.09
CA GLY A 40 -9.89 -14.37 9.52
C GLY A 40 -11.12 -15.04 10.10
N PRO A 41 -11.37 -14.82 11.40
CA PRO A 41 -12.52 -15.39 12.10
C PRO A 41 -13.84 -14.79 11.64
N PRO A 42 -14.96 -15.40 12.06
CA PRO A 42 -16.30 -14.92 11.70
C PRO A 42 -16.65 -13.61 12.39
N HIS A 43 -16.31 -13.49 13.67
CA HIS A 43 -16.58 -12.28 14.43
C HIS A 43 -15.83 -11.09 13.85
N ASP A 44 -14.51 -11.23 13.73
CA ASP A 44 -13.68 -10.17 13.20
C ASP A 44 -13.16 -10.54 11.81
N ARG A 45 -13.58 -9.78 10.80
CA ARG A 45 -13.15 -10.03 9.43
C ARG A 45 -12.04 -9.06 9.02
N ARG A 46 -11.01 -9.59 8.38
CA ARG A 46 -9.89 -8.78 7.93
C ARG A 46 -9.82 -8.73 6.42
N PHE A 47 -9.96 -7.53 5.85
CA PHE A 47 -9.91 -7.35 4.41
C PHE A 47 -8.48 -7.08 3.93
N THR A 48 -8.03 -7.87 2.97
CA THR A 48 -6.68 -7.71 2.43
C THR A 48 -6.70 -6.90 1.14
N PHE A 49 -5.65 -6.12 0.93
CA PHE A 49 -5.54 -5.30 -0.27
C PHE A 49 -4.09 -5.23 -0.76
N GLN A 50 -3.90 -4.79 -2.00
CA GLN A 50 -2.57 -4.67 -2.58
C GLN A 50 -2.56 -3.63 -3.69
N VAL A 51 -1.44 -2.92 -3.81
CA VAL A 51 -1.29 -1.89 -4.84
C VAL A 51 -0.40 -2.37 -5.98
N LEU A 52 -0.60 -1.80 -7.16
CA LEU A 52 0.19 -2.18 -8.32
C LEU A 52 0.74 -0.94 -9.03
N ILE A 53 2.04 -0.75 -8.97
CA ILE A 53 2.69 0.40 -9.61
C ILE A 53 3.61 -0.05 -10.73
N ASP A 54 3.56 0.66 -11.85
CA ASP A 54 4.39 0.35 -13.00
C ASP A 54 4.28 -1.13 -13.36
N GLU A 55 3.07 -1.67 -13.31
CA GLU A 55 2.83 -3.07 -13.62
C GLU A 55 3.59 -3.97 -12.65
N LYS A 56 3.71 -3.54 -11.40
CA LYS A 56 4.41 -4.30 -10.38
C LYS A 56 3.45 -4.80 -9.32
N GLU A 57 3.65 -6.04 -8.86
CA GLU A 57 2.80 -6.64 -7.85
C GLU A 57 3.41 -6.46 -6.46
N PHE A 58 2.82 -5.58 -5.67
CA PHE A 58 3.31 -5.31 -4.31
C PHE A 58 2.70 -6.30 -3.32
N PRO A 59 3.37 -6.46 -2.17
CA PRO A 59 2.91 -7.37 -1.11
C PRO A 59 1.65 -6.86 -0.42
N GLU A 60 0.53 -7.52 -0.68
CA GLU A 60 -0.75 -7.14 -0.08
C GLU A 60 -0.59 -6.93 1.42
N ALA A 61 -1.68 -6.51 2.06
CA ALA A 61 -1.67 -6.27 3.50
C ALA A 61 -3.07 -6.43 4.09
N LYS A 62 -3.13 -6.71 5.39
CA LYS A 62 -4.41 -6.88 6.08
C LYS A 62 -4.84 -5.58 6.75
N GLY A 63 -6.15 -5.37 6.81
CA GLY A 63 -6.69 -4.17 7.43
C GLY A 63 -8.04 -4.39 8.06
N ARG A 64 -8.27 -3.79 9.23
CA ARG A 64 -9.53 -3.93 9.94
C ARG A 64 -10.71 -3.75 8.98
N SER A 65 -10.80 -2.59 8.36
CA SER A 65 -11.87 -2.29 7.42
C SER A 65 -11.36 -2.30 5.98
N LYS A 66 -12.29 -2.37 5.03
CA LYS A 66 -11.93 -2.38 3.62
C LYS A 66 -10.93 -1.28 3.30
N GLN A 67 -11.31 -0.04 3.59
CA GLN A 67 -10.44 1.11 3.33
C GLN A 67 -9.13 0.98 4.09
N GLU A 68 -9.24 0.71 5.40
CA GLU A 68 -8.05 0.57 6.24
C GLU A 68 -7.01 -0.31 5.57
N ALA A 69 -7.48 -1.39 4.92
CA ALA A 69 -6.59 -2.30 4.23
C ALA A 69 -5.79 -1.60 3.14
N ARG A 70 -6.50 -0.82 2.33
CA ARG A 70 -5.87 -0.09 1.23
C ARG A 70 -4.68 0.73 1.74
N ASN A 71 -4.87 1.39 2.88
CA ASN A 71 -3.82 2.21 3.48
C ASN A 71 -2.60 1.37 3.82
N ALA A 72 -2.82 0.29 4.58
CA ALA A 72 -1.74 -0.60 4.98
C ALA A 72 -0.95 -1.07 3.77
N ALA A 73 -1.64 -1.69 2.82
CA ALA A 73 -0.99 -2.20 1.61
C ALA A 73 -0.04 -1.15 1.01
N ALA A 74 -0.48 0.11 1.02
CA ALA A 74 0.34 1.19 0.50
C ALA A 74 1.60 1.38 1.32
N LYS A 75 1.48 1.17 2.63
CA LYS A 75 2.62 1.32 3.53
C LYS A 75 3.83 0.52 3.03
N LEU A 76 3.58 -0.73 2.66
CA LEU A 76 4.65 -1.59 2.17
C LEU A 76 5.20 -1.08 0.84
N ALA A 77 4.30 -0.61 -0.02
CA ALA A 77 4.70 -0.09 -1.33
C ALA A 77 5.53 1.17 -1.18
N VAL A 78 4.92 2.23 -0.64
CA VAL A 78 5.61 3.49 -0.44
C VAL A 78 6.98 3.29 0.19
N ASP A 79 7.06 2.32 1.11
CA ASP A 79 8.32 2.01 1.78
C ASP A 79 9.39 1.60 0.78
N ILE A 80 8.98 0.80 -0.21
CA ILE A 80 9.91 0.33 -1.23
C ILE A 80 10.33 1.46 -2.16
N LEU A 81 9.35 2.25 -2.59
CA LEU A 81 9.60 3.37 -3.49
C LEU A 81 10.71 4.26 -2.95
N ASP A 82 10.56 4.69 -1.70
CA ASP A 82 11.56 5.55 -1.07
C ASP A 82 12.88 4.80 -0.88
N ASN A 83 12.79 3.57 -0.39
CA ASN A 83 13.97 2.74 -0.16
C ASN A 83 14.85 2.69 -1.41
N GLU A 84 14.21 2.73 -2.57
CA GLU A 84 14.91 2.68 -3.85
C GLU A 84 15.90 3.84 -3.96
N ASN A 85 15.61 4.92 -3.26
CA ASN A 85 16.47 6.11 -3.28
C ASN A 85 17.04 6.39 -1.89
N LYS A 86 18.14 5.71 -1.57
CA LYS A 86 18.79 5.88 -0.27
C LYS A 86 19.78 7.04 -0.31
N VAL A 87 19.91 7.75 0.80
CA VAL A 87 20.83 8.88 0.89
C VAL A 87 22.28 8.41 0.89
N ASP A 88 23.17 9.27 0.43
CA ASP A 88 24.59 8.95 0.37
C ASP A 88 25.01 8.16 1.62
N CYS A 89 24.68 8.69 2.80
CA CYS A 89 25.01 8.05 4.05
C CYS A 89 24.09 6.87 4.33
N HIS A 90 24.41 5.72 3.77
CA HIS A 90 23.60 4.52 3.96
C HIS A 90 23.47 4.19 5.45
N THR A 91 22.71 3.14 5.74
CA THR A 91 22.50 2.71 7.12
C THR A 91 23.71 1.94 7.64
N SER A 92 24.02 2.14 8.93
CA SER A 92 25.15 1.47 9.54
C SER A 92 25.11 -0.05 9.28
N GLY A 93 24.06 -0.69 9.76
CA GLY A 93 23.91 -2.12 9.57
C GLY A 93 24.14 -2.91 10.84
N PRO A 94 23.10 -3.02 11.68
CA PRO A 94 23.17 -3.75 12.94
C PRO A 94 23.29 -5.26 12.73
N SER A 95 24.06 -5.91 13.61
CA SER A 95 24.27 -7.34 13.52
C SER A 95 24.97 -7.88 14.77
N SER A 96 24.37 -8.89 15.39
CA SER A 96 24.94 -9.48 16.60
C SER A 96 26.30 -10.11 16.31
N GLY A 97 27.36 -9.50 16.84
CA GLY A 97 28.69 -10.02 16.63
C GLY A 97 29.70 -8.92 16.30
N GLY A 1 -18.45 -6.30 22.18
CA GLY A 1 -17.32 -5.40 22.04
C GLY A 1 -17.68 -3.98 22.43
N SER A 2 -16.73 -3.27 23.03
CA SER A 2 -16.95 -1.90 23.45
C SER A 2 -16.07 -0.94 22.65
N SER A 3 -16.48 0.32 22.59
CA SER A 3 -15.74 1.34 21.85
C SER A 3 -15.40 2.51 22.75
N GLY A 4 -14.24 2.45 23.40
CA GLY A 4 -13.82 3.51 24.29
C GLY A 4 -12.44 3.26 24.88
N SER A 5 -11.46 4.04 24.43
CA SER A 5 -10.09 3.89 24.92
C SER A 5 -9.45 5.25 25.16
N SER A 6 -8.48 5.29 26.06
CA SER A 6 -7.79 6.53 26.39
C SER A 6 -6.66 6.79 25.41
N GLY A 7 -6.12 8.03 25.45
CA GLY A 7 -5.03 8.38 24.55
C GLY A 7 -5.43 8.27 23.09
N MET A 8 -6.50 8.97 22.72
CA MET A 8 -6.97 8.94 21.33
C MET A 8 -5.88 9.41 20.38
N ALA A 9 -5.42 8.50 19.51
CA ALA A 9 -4.39 8.81 18.55
C ALA A 9 -4.98 9.38 17.26
N SER A 10 -4.12 9.89 16.38
CA SER A 10 -4.57 10.47 15.13
C SER A 10 -4.75 9.38 14.07
N ASP A 11 -5.87 9.43 13.36
CA ASP A 11 -6.17 8.45 12.32
C ASP A 11 -6.51 9.15 11.00
N THR A 12 -5.47 9.42 10.20
CA THR A 12 -5.67 10.08 8.92
C THR A 12 -6.49 9.22 7.97
N PRO A 13 -7.45 9.85 7.27
CA PRO A 13 -8.32 9.16 6.33
C PRO A 13 -7.58 8.70 5.08
N GLY A 14 -6.28 8.98 5.03
CA GLY A 14 -5.48 8.59 3.88
C GLY A 14 -4.12 9.25 3.88
N PHE A 15 -3.18 8.69 4.64
CA PHE A 15 -1.83 9.24 4.71
C PHE A 15 -0.95 8.66 3.62
N TYR A 16 -0.71 7.35 3.67
CA TYR A 16 0.12 6.68 2.69
C TYR A 16 -0.52 6.76 1.30
N MET A 17 -1.80 6.43 1.23
CA MET A 17 -2.52 6.46 -0.04
C MET A 17 -2.31 7.78 -0.76
N ASP A 18 -2.12 8.85 0.01
CA ASP A 18 -1.89 10.18 -0.56
C ASP A 18 -0.45 10.31 -1.06
N LYS A 19 0.47 9.61 -0.40
CA LYS A 19 1.88 9.66 -0.76
C LYS A 19 2.11 8.94 -2.09
N LEU A 20 1.31 7.91 -2.35
CA LEU A 20 1.44 7.13 -3.58
C LEU A 20 1.05 7.97 -4.79
N ASN A 21 -0.17 8.52 -4.76
CA ASN A 21 -0.67 9.35 -5.84
C ASN A 21 0.33 10.46 -6.18
N LYS A 22 0.68 11.25 -5.17
CA LYS A 22 1.61 12.35 -5.34
C LYS A 22 2.87 11.89 -6.06
N TYR A 23 3.14 10.58 -6.00
CA TYR A 23 4.31 10.01 -6.64
C TYR A 23 3.97 9.49 -8.03
N ARG A 24 2.78 8.93 -8.18
CA ARG A 24 2.32 8.40 -9.45
C ARG A 24 2.13 9.51 -10.48
N GLN A 25 1.56 10.62 -10.03
CA GLN A 25 1.32 11.76 -10.91
C GLN A 25 2.62 12.51 -11.19
N MET A 26 3.61 12.31 -10.33
CA MET A 26 4.91 12.97 -10.50
C MET A 26 5.82 12.16 -11.41
N HIS A 27 6.02 10.89 -11.06
CA HIS A 27 6.86 10.01 -11.85
C HIS A 27 6.19 9.63 -13.17
N GLY A 28 4.89 9.37 -13.10
CA GLY A 28 4.15 9.00 -14.29
C GLY A 28 3.87 7.51 -14.37
N VAL A 29 3.44 6.93 -13.25
CA VAL A 29 3.14 5.50 -13.20
C VAL A 29 1.66 5.26 -12.93
N ALA A 30 1.18 4.08 -13.29
CA ALA A 30 -0.22 3.72 -13.09
C ALA A 30 -0.38 2.84 -11.85
N ILE A 31 -1.01 3.39 -10.82
CA ILE A 31 -1.23 2.66 -9.58
C ILE A 31 -2.66 2.10 -9.52
N THR A 32 -2.77 0.81 -9.20
CA THR A 32 -4.07 0.16 -9.11
C THR A 32 -4.20 -0.61 -7.80
N TYR A 33 -5.31 -0.38 -7.09
CA TYR A 33 -5.55 -1.06 -5.82
C TYR A 33 -6.36 -2.33 -6.03
N LYS A 34 -5.69 -3.47 -5.97
CA LYS A 34 -6.35 -4.75 -6.15
C LYS A 34 -7.17 -5.13 -4.91
N GLU A 35 -8.38 -5.63 -5.15
CA GLU A 35 -9.26 -6.02 -4.05
C GLU A 35 -9.20 -7.53 -3.83
N LEU A 36 -8.46 -7.94 -2.81
CA LEU A 36 -8.32 -9.36 -2.48
C LEU A 36 -9.48 -9.83 -1.62
N SER A 37 -9.67 -11.15 -1.55
CA SER A 37 -10.75 -11.73 -0.76
C SER A 37 -10.52 -11.51 0.72
N THR A 38 -11.41 -12.04 1.54
CA THR A 38 -11.30 -11.90 3.00
C THR A 38 -10.63 -13.11 3.62
N SER A 39 -9.77 -12.86 4.60
CA SER A 39 -9.06 -13.95 5.28
C SER A 39 -9.07 -13.74 6.79
N GLY A 40 -9.53 -14.75 7.52
CA GLY A 40 -9.59 -14.66 8.96
C GLY A 40 -10.74 -15.47 9.55
N PRO A 41 -10.98 -15.30 10.86
CA PRO A 41 -12.05 -16.01 11.57
C PRO A 41 -13.43 -15.53 11.15
N PRO A 42 -14.47 -16.27 11.58
CA PRO A 42 -15.87 -15.93 11.27
C PRO A 42 -16.33 -14.66 11.97
N HIS A 43 -15.95 -14.52 13.24
CA HIS A 43 -16.34 -13.35 14.03
C HIS A 43 -15.67 -12.10 13.48
N ASP A 44 -14.35 -12.13 13.36
CA ASP A 44 -13.58 -11.00 12.86
C ASP A 44 -13.03 -11.29 11.47
N ARG A 45 -13.50 -10.53 10.49
CA ARG A 45 -13.06 -10.71 9.11
C ARG A 45 -12.07 -9.61 8.71
N ARG A 46 -10.89 -10.03 8.25
CA ARG A 46 -9.86 -9.08 7.84
C ARG A 46 -9.78 -8.99 6.32
N PHE A 47 -9.98 -7.78 5.79
CA PHE A 47 -9.94 -7.57 4.35
C PHE A 47 -8.51 -7.30 3.89
N THR A 48 -8.04 -8.10 2.93
CA THR A 48 -6.69 -7.96 2.40
C THR A 48 -6.68 -7.10 1.15
N PHE A 49 -5.65 -6.27 1.01
CA PHE A 49 -5.52 -5.39 -0.14
C PHE A 49 -4.06 -5.28 -0.57
N GLN A 50 -3.86 -4.75 -1.78
CA GLN A 50 -2.51 -4.60 -2.32
C GLN A 50 -2.50 -3.61 -3.49
N VAL A 51 -1.45 -2.81 -3.57
CA VAL A 51 -1.33 -1.83 -4.65
C VAL A 51 -0.48 -2.38 -5.80
N LEU A 52 -0.71 -1.85 -6.99
CA LEU A 52 0.03 -2.28 -8.18
C LEU A 52 0.55 -1.08 -8.96
N ILE A 53 1.87 -0.90 -8.93
CA ILE A 53 2.50 0.20 -9.64
C ILE A 53 3.38 -0.31 -10.79
N ASP A 54 3.31 0.38 -11.92
CA ASP A 54 4.10 -0.01 -13.09
C ASP A 54 4.03 -1.51 -13.33
N GLU A 55 2.82 -2.06 -13.25
CA GLU A 55 2.60 -3.49 -13.45
C GLU A 55 3.38 -4.30 -12.43
N LYS A 56 3.59 -3.72 -11.25
CA LYS A 56 4.31 -4.39 -10.18
C LYS A 56 3.35 -4.87 -9.09
N GLU A 57 3.56 -6.10 -8.63
CA GLU A 57 2.72 -6.68 -7.59
C GLU A 57 3.33 -6.47 -6.21
N PHE A 58 2.71 -5.62 -5.41
CA PHE A 58 3.20 -5.32 -4.07
C PHE A 58 2.65 -6.33 -3.07
N PRO A 59 3.33 -6.45 -1.92
CA PRO A 59 2.95 -7.37 -0.85
C PRO A 59 1.66 -6.95 -0.15
N GLU A 60 0.55 -7.60 -0.50
CA GLU A 60 -0.74 -7.27 0.10
C GLU A 60 -0.61 -7.12 1.61
N ALA A 61 -1.68 -6.63 2.24
CA ALA A 61 -1.69 -6.43 3.69
C ALA A 61 -3.10 -6.56 4.25
N LYS A 62 -3.20 -6.72 5.56
CA LYS A 62 -4.50 -6.86 6.22
C LYS A 62 -4.95 -5.53 6.81
N GLY A 63 -6.26 -5.30 6.81
CA GLY A 63 -6.79 -4.07 7.35
C GLY A 63 -8.17 -4.26 7.98
N ARG A 64 -8.33 -3.73 9.18
CA ARG A 64 -9.60 -3.85 9.90
C ARG A 64 -10.78 -3.71 8.94
N SER A 65 -10.78 -2.63 8.16
CA SER A 65 -11.85 -2.38 7.21
C SER A 65 -11.30 -2.25 5.79
N LYS A 66 -12.16 -2.40 4.80
CA LYS A 66 -11.77 -2.29 3.40
C LYS A 66 -10.82 -1.12 3.19
N GLN A 67 -11.19 0.03 3.75
CA GLN A 67 -10.37 1.23 3.62
C GLN A 67 -9.06 1.09 4.39
N GLU A 68 -9.17 0.72 5.66
CA GLU A 68 -7.99 0.53 6.50
C GLU A 68 -6.95 -0.35 5.81
N ALA A 69 -7.44 -1.30 5.02
CA ALA A 69 -6.56 -2.21 4.29
C ALA A 69 -5.80 -1.49 3.19
N ARG A 70 -6.51 -0.65 2.45
CA ARG A 70 -5.91 0.11 1.35
C ARG A 70 -4.71 0.90 1.85
N ASN A 71 -4.86 1.57 2.98
CA ASN A 71 -3.78 2.37 3.56
C ASN A 71 -2.62 1.49 3.98
N ALA A 72 -2.91 0.45 4.75
CA ALA A 72 -1.88 -0.46 5.23
C ALA A 72 -1.08 -1.04 4.05
N ALA A 73 -1.79 -1.39 2.99
CA ALA A 73 -1.15 -1.95 1.80
C ALA A 73 -0.18 -0.95 1.18
N ALA A 74 -0.56 0.32 1.21
CA ALA A 74 0.28 1.38 0.65
C ALA A 74 1.55 1.58 1.47
N LYS A 75 1.46 1.28 2.75
CA LYS A 75 2.60 1.42 3.66
C LYS A 75 3.79 0.61 3.14
N LEU A 76 3.54 -0.65 2.82
CA LEU A 76 4.60 -1.53 2.33
C LEU A 76 5.12 -1.05 0.98
N ALA A 77 4.23 -0.52 0.15
CA ALA A 77 4.60 -0.01 -1.16
C ALA A 77 5.50 1.21 -1.04
N VAL A 78 4.97 2.26 -0.41
CA VAL A 78 5.74 3.50 -0.22
C VAL A 78 7.12 3.21 0.35
N ASP A 79 7.20 2.23 1.23
CA ASP A 79 8.47 1.85 1.85
C ASP A 79 9.47 1.39 0.80
N ILE A 80 9.01 0.58 -0.15
CA ILE A 80 9.87 0.08 -1.21
C ILE A 80 10.31 1.21 -2.13
N LEU A 81 9.37 2.00 -2.61
CA LEU A 81 9.65 3.12 -3.49
C LEU A 81 10.85 3.92 -2.98
N ASP A 82 10.76 4.36 -1.73
CA ASP A 82 11.84 5.13 -1.12
C ASP A 82 13.20 4.54 -1.45
N ASN A 83 13.34 3.24 -1.21
CA ASN A 83 14.60 2.54 -1.48
C ASN A 83 14.85 2.46 -2.99
N GLU A 84 13.78 2.36 -3.76
CA GLU A 84 13.89 2.27 -5.21
C GLU A 84 14.66 3.46 -5.77
N ASN A 85 14.66 4.56 -5.03
CA ASN A 85 15.36 5.77 -5.46
C ASN A 85 16.32 6.25 -4.38
N LYS A 86 17.51 5.66 -4.35
CA LYS A 86 18.53 6.03 -3.36
C LYS A 86 18.63 7.54 -3.23
N VAL A 87 18.33 8.04 -2.04
CA VAL A 87 18.39 9.48 -1.78
C VAL A 87 19.79 10.02 -2.01
N ASP A 88 19.87 11.28 -2.46
CA ASP A 88 21.15 11.92 -2.72
C ASP A 88 21.69 12.59 -1.47
N CYS A 89 23.01 12.61 -1.33
CA CYS A 89 23.65 13.22 -0.17
C CYS A 89 23.86 14.72 -0.40
N HIS A 90 23.65 15.51 0.65
CA HIS A 90 23.83 16.96 0.56
C HIS A 90 23.72 17.60 1.94
N THR A 91 24.69 18.46 2.26
CA THR A 91 24.71 19.14 3.55
C THR A 91 24.41 20.62 3.40
N SER A 92 23.62 21.16 4.32
CA SER A 92 23.24 22.57 4.28
C SER A 92 24.44 23.45 4.61
N GLY A 93 24.99 23.29 5.80
CA GLY A 93 26.14 24.07 6.22
C GLY A 93 26.30 24.11 7.72
N PRO A 94 27.56 24.18 8.17
CA PRO A 94 27.88 24.23 9.61
C PRO A 94 27.47 25.54 10.26
N SER A 95 27.09 26.52 9.43
CA SER A 95 26.67 27.82 9.92
C SER A 95 25.79 27.68 11.16
N SER A 96 26.19 28.36 12.24
CA SER A 96 25.44 28.31 13.49
C SER A 96 24.19 29.18 13.41
N GLY A 97 23.33 29.07 14.43
CA GLY A 97 22.10 29.84 14.44
C GLY A 97 21.96 30.64 15.72
N GLY A 1 14.80 19.06 -0.80
CA GLY A 1 14.76 20.12 0.20
C GLY A 1 13.46 20.10 1.00
N SER A 2 13.58 19.91 2.31
CA SER A 2 12.42 19.88 3.19
C SER A 2 12.70 20.59 4.50
N SER A 3 11.87 21.58 4.83
CA SER A 3 12.04 22.34 6.06
C SER A 3 12.20 21.42 7.26
N GLY A 4 11.48 20.30 7.23
CA GLY A 4 11.55 19.34 8.32
C GLY A 4 10.58 19.66 9.44
N SER A 5 9.98 18.62 10.01
CA SER A 5 9.02 18.79 11.10
C SER A 5 9.28 17.79 12.22
N SER A 6 9.74 18.30 13.36
CA SER A 6 10.03 17.46 14.51
C SER A 6 8.89 16.48 14.78
N GLY A 7 7.68 17.02 14.91
CA GLY A 7 6.52 16.19 15.18
C GLY A 7 5.49 16.26 14.07
N MET A 8 4.37 16.94 14.34
CA MET A 8 3.31 17.08 13.35
C MET A 8 2.95 15.73 12.74
N ALA A 9 2.87 14.71 13.58
CA ALA A 9 2.52 13.37 13.13
C ALA A 9 1.24 12.87 13.77
N SER A 10 0.12 13.02 13.05
CA SER A 10 -1.17 12.60 13.55
C SER A 10 -1.54 11.22 13.02
N ASP A 11 -2.65 10.67 13.52
CA ASP A 11 -3.10 9.36 13.09
C ASP A 11 -4.07 9.46 11.91
N THR A 12 -3.51 9.69 10.72
CA THR A 12 -4.31 9.82 9.52
C THR A 12 -4.67 8.45 8.95
N PRO A 13 -5.94 8.29 8.55
CA PRO A 13 -6.45 7.03 7.99
C PRO A 13 -5.88 6.75 6.60
N GLY A 14 -5.97 7.74 5.71
CA GLY A 14 -5.46 7.58 4.36
C GLY A 14 -4.23 8.43 4.11
N PHE A 15 -3.12 8.07 4.76
CA PHE A 15 -1.88 8.80 4.60
C PHE A 15 -1.08 8.27 3.41
N TYR A 16 -0.56 7.05 3.55
CA TYR A 16 0.23 6.44 2.49
C TYR A 16 -0.48 6.54 1.15
N MET A 17 -1.76 6.16 1.13
CA MET A 17 -2.56 6.21 -0.09
C MET A 17 -2.42 7.57 -0.77
N ASP A 18 -2.29 8.62 0.03
CA ASP A 18 -2.15 9.97 -0.49
C ASP A 18 -0.73 10.21 -0.99
N LYS A 19 0.23 9.56 -0.36
CA LYS A 19 1.64 9.70 -0.74
C LYS A 19 1.90 9.04 -2.09
N LEU A 20 1.15 7.98 -2.38
CA LEU A 20 1.30 7.26 -3.63
C LEU A 20 0.83 8.10 -4.82
N ASN A 21 -0.43 8.52 -4.77
CA ASN A 21 -1.01 9.34 -5.83
C ASN A 21 -0.13 10.55 -6.12
N LYS A 22 0.54 11.04 -5.09
CA LYS A 22 1.42 12.20 -5.23
C LYS A 22 2.72 11.82 -5.93
N TYR A 23 3.07 10.54 -5.87
CA TYR A 23 4.28 10.05 -6.50
C TYR A 23 3.99 9.50 -7.89
N ARG A 24 2.76 9.03 -8.09
CA ARG A 24 2.35 8.46 -9.37
C ARG A 24 2.27 9.55 -10.44
N GLN A 25 1.83 10.74 -10.03
CA GLN A 25 1.73 11.86 -10.96
C GLN A 25 3.08 12.48 -11.24
N MET A 26 3.93 12.55 -10.22
CA MET A 26 5.26 13.11 -10.37
C MET A 26 6.09 12.29 -11.35
N HIS A 27 6.31 11.03 -11.02
CA HIS A 27 7.09 10.13 -11.88
C HIS A 27 6.33 9.81 -13.16
N GLY A 28 5.02 9.59 -13.03
CA GLY A 28 4.20 9.28 -14.19
C GLY A 28 3.94 7.80 -14.31
N VAL A 29 3.58 7.16 -13.21
CA VAL A 29 3.30 5.73 -13.20
C VAL A 29 1.81 5.47 -13.07
N ALA A 30 1.44 4.18 -13.01
CA ALA A 30 0.04 3.80 -12.88
C ALA A 30 -0.18 2.96 -11.63
N ILE A 31 -0.89 3.51 -10.65
CA ILE A 31 -1.16 2.81 -9.41
C ILE A 31 -2.57 2.21 -9.42
N THR A 32 -2.66 0.92 -9.10
CA THR A 32 -3.93 0.22 -9.07
C THR A 32 -4.11 -0.55 -7.77
N TYR A 33 -5.26 -0.37 -7.14
CA TYR A 33 -5.56 -1.06 -5.88
C TYR A 33 -6.46 -2.26 -6.12
N LYS A 34 -5.88 -3.46 -6.07
CA LYS A 34 -6.63 -4.69 -6.28
C LYS A 34 -7.27 -5.16 -4.97
N GLU A 35 -8.53 -5.55 -5.05
CA GLU A 35 -9.27 -6.03 -3.88
C GLU A 35 -9.17 -7.54 -3.76
N LEU A 36 -8.55 -8.00 -2.67
CA LEU A 36 -8.39 -9.44 -2.43
C LEU A 36 -9.55 -9.97 -1.59
N SER A 37 -9.53 -11.27 -1.34
CA SER A 37 -10.57 -11.92 -0.56
C SER A 37 -10.46 -11.54 0.92
N THR A 38 -11.32 -12.13 1.75
CA THR A 38 -11.31 -11.85 3.18
C THR A 38 -10.80 -13.05 3.97
N SER A 39 -9.90 -12.79 4.92
CA SER A 39 -9.34 -13.85 5.74
C SER A 39 -9.43 -13.49 7.22
N GLY A 40 -9.52 -14.52 8.06
CA GLY A 40 -9.61 -14.29 9.49
C GLY A 40 -10.80 -14.99 10.12
N PRO A 41 -11.04 -14.74 11.42
CA PRO A 41 -12.15 -15.34 12.16
C PRO A 41 -13.51 -14.79 11.70
N PRO A 42 -14.58 -15.43 12.17
CA PRO A 42 -15.96 -15.03 11.83
C PRO A 42 -16.34 -13.70 12.47
N HIS A 43 -16.04 -13.55 13.76
CA HIS A 43 -16.36 -12.33 14.49
C HIS A 43 -15.66 -11.13 13.86
N ASP A 44 -14.33 -11.22 13.74
CA ASP A 44 -13.54 -10.14 13.16
C ASP A 44 -13.01 -10.53 11.78
N ARG A 45 -13.46 -9.84 10.76
CA ARG A 45 -13.04 -10.12 9.39
C ARG A 45 -11.98 -9.12 8.94
N ARG A 46 -10.89 -9.63 8.38
CA ARG A 46 -9.80 -8.78 7.91
C ARG A 46 -9.75 -8.76 6.38
N PHE A 47 -9.92 -7.56 5.81
CA PHE A 47 -9.90 -7.41 4.37
C PHE A 47 -8.47 -7.14 3.87
N THR A 48 -8.02 -7.99 2.94
CA THR A 48 -6.68 -7.87 2.38
C THR A 48 -6.70 -7.02 1.11
N PHE A 49 -5.68 -6.19 0.94
CA PHE A 49 -5.58 -5.33 -0.24
C PHE A 49 -4.13 -5.24 -0.71
N GLN A 50 -3.96 -4.82 -1.97
CA GLN A 50 -2.62 -4.69 -2.54
C GLN A 50 -2.60 -3.60 -3.62
N VAL A 51 -1.44 -2.99 -3.81
CA VAL A 51 -1.29 -1.94 -4.81
C VAL A 51 -0.38 -2.39 -5.95
N LEU A 52 -0.59 -1.81 -7.13
CA LEU A 52 0.21 -2.15 -8.30
C LEU A 52 0.71 -0.90 -9.00
N ILE A 53 2.02 -0.67 -8.94
CA ILE A 53 2.63 0.48 -9.57
C ILE A 53 3.53 0.08 -10.74
N ASP A 54 3.25 0.62 -11.91
CA ASP A 54 4.04 0.32 -13.10
C ASP A 54 3.98 -1.17 -13.43
N GLU A 55 2.78 -1.75 -13.32
CA GLU A 55 2.60 -3.17 -13.60
C GLU A 55 3.37 -4.03 -12.61
N LYS A 56 3.55 -3.51 -11.40
CA LYS A 56 4.27 -4.23 -10.35
C LYS A 56 3.31 -4.80 -9.32
N GLU A 57 3.68 -5.93 -8.73
CA GLU A 57 2.85 -6.58 -7.72
C GLU A 57 3.44 -6.39 -6.33
N PHE A 58 2.83 -5.52 -5.54
CA PHE A 58 3.28 -5.25 -4.19
C PHE A 58 2.68 -6.24 -3.20
N PRO A 59 3.35 -6.41 -2.05
CA PRO A 59 2.90 -7.32 -0.99
C PRO A 59 1.64 -6.83 -0.30
N GLU A 60 0.51 -7.47 -0.61
CA GLU A 60 -0.76 -7.11 -0.02
C GLU A 60 -0.64 -6.94 1.50
N ALA A 61 -1.72 -6.49 2.12
CA ALA A 61 -1.73 -6.30 3.58
C ALA A 61 -3.13 -6.44 4.14
N LYS A 62 -3.22 -6.73 5.43
CA LYS A 62 -4.50 -6.90 6.10
C LYS A 62 -4.92 -5.61 6.81
N GLY A 63 -6.23 -5.37 6.88
CA GLY A 63 -6.73 -4.18 7.54
C GLY A 63 -8.07 -4.42 8.23
N ARG A 64 -8.40 -3.56 9.19
CA ARG A 64 -9.65 -3.68 9.91
C ARG A 64 -10.84 -3.46 8.98
N SER A 65 -10.81 -2.37 8.23
CA SER A 65 -11.90 -2.05 7.31
C SER A 65 -11.38 -2.01 5.87
N LYS A 66 -12.30 -2.20 4.92
CA LYS A 66 -11.93 -2.19 3.51
C LYS A 66 -10.92 -1.09 3.21
N GLN A 67 -11.22 0.12 3.68
CA GLN A 67 -10.33 1.26 3.46
C GLN A 67 -9.04 1.10 4.25
N GLU A 68 -9.17 0.87 5.56
CA GLU A 68 -8.02 0.71 6.41
C GLU A 68 -6.97 -0.20 5.77
N ALA A 69 -7.45 -1.24 5.09
CA ALA A 69 -6.56 -2.17 4.41
C ALA A 69 -5.77 -1.49 3.31
N ARG A 70 -6.47 -0.75 2.46
CA ARG A 70 -5.83 -0.04 1.35
C ARG A 70 -4.58 0.69 1.84
N ASN A 71 -4.71 1.40 2.95
CA ASN A 71 -3.59 2.15 3.51
C ASN A 71 -2.44 1.22 3.90
N ALA A 72 -2.78 0.17 4.63
CA ALA A 72 -1.78 -0.80 5.07
C ALA A 72 -0.96 -1.32 3.88
N ALA A 73 -1.65 -1.69 2.81
CA ALA A 73 -0.99 -2.20 1.62
C ALA A 73 -0.06 -1.15 1.02
N ALA A 74 -0.50 0.11 1.05
CA ALA A 74 0.30 1.20 0.51
C ALA A 74 1.57 1.42 1.34
N LYS A 75 1.46 1.21 2.64
CA LYS A 75 2.60 1.38 3.54
C LYS A 75 3.81 0.63 3.03
N LEU A 76 3.63 -0.65 2.71
CA LEU A 76 4.71 -1.49 2.21
C LEU A 76 5.22 -0.97 0.87
N ALA A 77 4.29 -0.50 0.04
CA ALA A 77 4.65 0.03 -1.28
C ALA A 77 5.52 1.27 -1.15
N VAL A 78 4.97 2.33 -0.56
CA VAL A 78 5.70 3.57 -0.38
C VAL A 78 7.08 3.32 0.24
N ASP A 79 7.11 2.50 1.28
CA ASP A 79 8.35 2.16 1.96
C ASP A 79 9.38 1.61 0.97
N ILE A 80 8.90 0.83 0.00
CA ILE A 80 9.78 0.24 -1.00
C ILE A 80 10.29 1.29 -1.98
N LEU A 81 9.37 2.00 -2.61
CA LEU A 81 9.73 3.04 -3.57
C LEU A 81 10.89 3.88 -3.05
N ASP A 82 10.75 4.41 -1.84
CA ASP A 82 11.80 5.22 -1.23
C ASP A 82 13.18 4.68 -1.59
N ASN A 83 13.31 3.36 -1.62
CA ASN A 83 14.58 2.73 -1.96
C ASN A 83 14.61 2.31 -3.42
N GLU A 84 13.43 2.01 -3.98
CA GLU A 84 13.33 1.59 -5.37
C GLU A 84 14.21 0.37 -5.64
N ASN A 85 14.19 -0.58 -4.71
CA ASN A 85 14.99 -1.80 -4.85
C ASN A 85 14.35 -2.75 -5.86
N LYS A 86 14.33 -2.33 -7.13
CA LYS A 86 13.77 -3.13 -8.20
C LYS A 86 14.44 -4.50 -8.28
N VAL A 87 13.67 -5.53 -8.59
CA VAL A 87 14.20 -6.88 -8.70
C VAL A 87 15.61 -6.88 -9.29
N ASP A 88 16.55 -7.41 -8.54
CA ASP A 88 17.95 -7.47 -8.98
C ASP A 88 18.10 -8.43 -10.17
N CYS A 89 18.99 -8.09 -11.08
CA CYS A 89 19.23 -8.93 -12.26
C CYS A 89 20.71 -9.30 -12.37
N HIS A 90 21.02 -10.14 -13.35
CA HIS A 90 22.40 -10.57 -13.56
C HIS A 90 23.07 -9.75 -14.67
N THR A 91 24.00 -8.90 -14.27
CA THR A 91 24.71 -8.04 -15.22
C THR A 91 26.06 -8.64 -15.60
N SER A 92 26.20 -9.05 -16.85
CA SER A 92 27.44 -9.66 -17.33
C SER A 92 28.45 -8.58 -17.70
N GLY A 93 29.55 -8.53 -16.96
CA GLY A 93 30.58 -7.53 -17.23
C GLY A 93 30.61 -6.43 -16.19
N PRO A 94 31.72 -5.68 -16.15
CA PRO A 94 31.91 -4.59 -15.20
C PRO A 94 30.99 -3.39 -15.51
N SER A 95 30.16 -3.54 -16.53
CA SER A 95 29.24 -2.49 -16.92
C SER A 95 28.70 -1.75 -15.70
N SER A 96 29.00 -0.45 -15.62
CA SER A 96 28.55 0.36 -14.50
C SER A 96 27.14 0.89 -14.75
N GLY A 97 26.94 1.54 -15.90
CA GLY A 97 25.64 2.08 -16.23
C GLY A 97 24.73 1.04 -16.86
N GLY A 1 -3.10 26.93 16.62
CA GLY A 1 -2.31 27.60 15.61
C GLY A 1 -0.96 28.06 16.13
N SER A 2 -0.02 27.13 16.25
CA SER A 2 1.31 27.44 16.75
C SER A 2 2.38 26.93 15.79
N SER A 3 3.61 27.42 15.98
CA SER A 3 4.73 27.02 15.13
C SER A 3 5.76 26.22 15.92
N GLY A 4 6.58 25.45 15.21
CA GLY A 4 7.60 24.66 15.87
C GLY A 4 7.23 23.19 15.96
N SER A 5 7.75 22.51 16.97
CA SER A 5 7.48 21.09 17.16
C SER A 5 6.10 20.87 17.77
N SER A 6 5.29 20.05 17.10
CA SER A 6 3.94 19.77 17.56
C SER A 6 3.73 18.26 17.72
N GLY A 7 3.12 17.86 18.84
CA GLY A 7 2.87 16.46 19.08
C GLY A 7 1.40 16.17 19.35
N MET A 8 0.81 15.27 18.58
CA MET A 8 -0.59 14.90 18.74
C MET A 8 -0.95 13.73 17.84
N ALA A 9 -1.93 12.95 18.26
CA ALA A 9 -2.39 11.80 17.49
C ALA A 9 -3.45 12.20 16.48
N SER A 10 -3.39 11.59 15.30
CA SER A 10 -4.35 11.89 14.23
C SER A 10 -4.99 10.61 13.70
N ASP A 11 -6.18 10.75 13.11
CA ASP A 11 -6.89 9.61 12.57
C ASP A 11 -7.16 9.80 11.08
N THR A 12 -6.18 9.41 10.26
CA THR A 12 -6.31 9.54 8.82
C THR A 12 -6.74 8.22 8.18
N PRO A 13 -7.68 8.29 7.24
CA PRO A 13 -8.19 7.11 6.54
C PRO A 13 -7.16 6.50 5.59
N GLY A 14 -6.56 7.34 4.74
CA GLY A 14 -5.57 6.86 3.81
C GLY A 14 -4.38 7.80 3.70
N PHE A 15 -3.59 7.87 4.77
CA PHE A 15 -2.41 8.74 4.79
C PHE A 15 -1.42 8.32 3.71
N TYR A 16 -1.03 7.06 3.73
CA TYR A 16 -0.07 6.54 2.76
C TYR A 16 -0.62 6.64 1.34
N MET A 17 -1.91 6.32 1.19
CA MET A 17 -2.56 6.38 -0.11
C MET A 17 -2.35 7.75 -0.76
N ASP A 18 -2.18 8.77 0.07
CA ASP A 18 -1.97 10.12 -0.43
C ASP A 18 -0.56 10.29 -0.97
N LYS A 19 0.40 9.66 -0.32
CA LYS A 19 1.80 9.74 -0.74
C LYS A 19 2.01 9.01 -2.06
N LEU A 20 1.17 8.01 -2.32
CA LEU A 20 1.26 7.24 -3.55
C LEU A 20 0.95 8.11 -4.77
N ASN A 21 -0.25 8.66 -4.81
CA ASN A 21 -0.67 9.51 -5.91
C ASN A 21 0.37 10.60 -6.19
N LYS A 22 0.86 11.22 -5.12
CA LYS A 22 1.85 12.28 -5.25
C LYS A 22 3.12 11.75 -5.93
N TYR A 23 3.31 10.43 -5.87
CA TYR A 23 4.48 9.82 -6.48
C TYR A 23 4.15 9.30 -7.88
N ARG A 24 2.91 8.89 -8.08
CA ARG A 24 2.47 8.38 -9.37
C ARG A 24 2.36 9.50 -10.39
N GLN A 25 2.07 10.71 -9.90
CA GLN A 25 1.93 11.87 -10.78
C GLN A 25 3.29 12.49 -11.07
N MET A 26 4.22 12.36 -10.13
CA MET A 26 5.56 12.91 -10.28
C MET A 26 6.40 12.03 -11.20
N HIS A 27 6.54 10.76 -10.83
CA HIS A 27 7.32 9.82 -11.64
C HIS A 27 6.60 9.47 -12.93
N GLY A 28 5.27 9.48 -12.88
CA GLY A 28 4.48 9.15 -14.06
C GLY A 28 4.19 7.67 -14.17
N VAL A 29 3.75 7.05 -13.08
CA VAL A 29 3.43 5.64 -13.07
C VAL A 29 1.95 5.40 -12.88
N ALA A 30 1.52 4.15 -13.02
CA ALA A 30 0.12 3.79 -12.87
C ALA A 30 -0.10 2.96 -11.61
N ILE A 31 -0.87 3.49 -10.68
CA ILE A 31 -1.16 2.80 -9.43
C ILE A 31 -2.56 2.20 -9.43
N THR A 32 -2.65 0.91 -9.19
CA THR A 32 -3.93 0.21 -9.17
C THR A 32 -4.11 -0.57 -7.87
N TYR A 33 -5.26 -0.38 -7.22
CA TYR A 33 -5.55 -1.06 -5.97
C TYR A 33 -6.46 -2.26 -6.21
N LYS A 34 -5.89 -3.46 -6.11
CA LYS A 34 -6.65 -4.69 -6.32
C LYS A 34 -7.29 -5.15 -5.02
N GLU A 35 -8.50 -5.70 -5.14
CA GLU A 35 -9.22 -6.19 -3.96
C GLU A 35 -9.08 -7.70 -3.83
N LEU A 36 -8.52 -8.14 -2.70
CA LEU A 36 -8.32 -9.57 -2.45
C LEU A 36 -9.45 -10.12 -1.58
N SER A 37 -9.36 -11.41 -1.25
CA SER A 37 -10.38 -12.06 -0.43
C SER A 37 -10.22 -11.67 1.03
N THR A 38 -11.11 -12.18 1.87
CA THR A 38 -11.07 -11.88 3.31
C THR A 38 -10.55 -13.07 4.10
N SER A 39 -9.51 -12.83 4.90
CA SER A 39 -8.92 -13.89 5.70
C SER A 39 -9.00 -13.55 7.19
N GLY A 40 -9.16 -14.57 8.02
CA GLY A 40 -9.25 -14.37 9.45
C GLY A 40 -10.38 -15.14 10.08
N PRO A 41 -10.65 -14.87 11.37
CA PRO A 41 -11.71 -15.55 12.12
C PRO A 41 -13.11 -15.14 11.64
N PRO A 42 -14.13 -15.89 12.11
CA PRO A 42 -15.52 -15.62 11.74
C PRO A 42 -16.05 -14.33 12.36
N HIS A 43 -15.79 -14.15 13.64
CA HIS A 43 -16.24 -12.96 14.36
C HIS A 43 -15.61 -11.70 13.76
N ASP A 44 -14.30 -11.71 13.63
CA ASP A 44 -13.58 -10.57 13.07
C ASP A 44 -13.05 -10.90 11.67
N ARG A 45 -13.57 -10.19 10.67
CA ARG A 45 -13.14 -10.41 9.30
C ARG A 45 -12.17 -9.31 8.85
N ARG A 46 -10.99 -9.73 8.42
CA ARG A 46 -9.97 -8.79 7.96
C ARG A 46 -9.89 -8.76 6.44
N PHE A 47 -10.05 -7.58 5.86
CA PHE A 47 -10.00 -7.42 4.41
C PHE A 47 -8.59 -7.13 3.94
N THR A 48 -8.11 -7.92 3.00
CA THR A 48 -6.77 -7.76 2.46
C THR A 48 -6.79 -6.98 1.15
N PHE A 49 -5.76 -6.16 0.94
CA PHE A 49 -5.66 -5.36 -0.28
C PHE A 49 -4.21 -5.28 -0.76
N GLN A 50 -4.03 -4.78 -1.97
CA GLN A 50 -2.69 -4.65 -2.55
C GLN A 50 -2.67 -3.56 -3.62
N VAL A 51 -1.50 -3.01 -3.87
CA VAL A 51 -1.33 -1.96 -4.87
C VAL A 51 -0.41 -2.42 -6.00
N LEU A 52 -0.60 -1.83 -7.18
CA LEU A 52 0.21 -2.18 -8.34
C LEU A 52 0.73 -0.92 -9.02
N ILE A 53 2.06 -0.73 -8.96
CA ILE A 53 2.68 0.44 -9.58
C ILE A 53 3.60 0.02 -10.72
N ASP A 54 3.29 0.48 -11.92
CA ASP A 54 4.08 0.16 -13.10
C ASP A 54 4.02 -1.33 -13.41
N GLU A 55 2.81 -1.89 -13.37
CA GLU A 55 2.62 -3.31 -13.64
C GLU A 55 3.38 -4.17 -12.63
N LYS A 56 3.63 -3.60 -11.45
CA LYS A 56 4.35 -4.31 -10.40
C LYS A 56 3.38 -4.83 -9.34
N GLU A 57 3.67 -6.01 -8.82
CA GLU A 57 2.83 -6.63 -7.79
C GLU A 57 3.43 -6.43 -6.41
N PHE A 58 2.80 -5.57 -5.61
CA PHE A 58 3.27 -5.30 -4.26
C PHE A 58 2.67 -6.28 -3.26
N PRO A 59 3.35 -6.43 -2.11
CA PRO A 59 2.89 -7.35 -1.05
C PRO A 59 1.63 -6.84 -0.36
N GLU A 60 0.51 -7.50 -0.64
CA GLU A 60 -0.77 -7.13 -0.05
C GLU A 60 -0.64 -6.98 1.46
N ALA A 61 -1.75 -6.64 2.12
CA ALA A 61 -1.76 -6.46 3.57
C ALA A 61 -3.18 -6.55 4.12
N LYS A 62 -3.29 -6.85 5.41
CA LYS A 62 -4.59 -6.97 6.05
C LYS A 62 -4.97 -5.67 6.76
N GLY A 63 -6.25 -5.33 6.72
CA GLY A 63 -6.72 -4.11 7.36
C GLY A 63 -8.07 -4.28 8.02
N ARG A 64 -8.18 -3.84 9.27
CA ARG A 64 -9.42 -3.94 10.02
C ARG A 64 -10.63 -3.76 9.11
N SER A 65 -10.71 -2.59 8.48
CA SER A 65 -11.80 -2.28 7.57
C SER A 65 -11.33 -2.23 6.12
N LYS A 66 -12.28 -2.12 5.20
CA LYS A 66 -11.96 -2.06 3.78
C LYS A 66 -10.94 -0.95 3.49
N GLN A 67 -11.17 0.21 4.11
CA GLN A 67 -10.28 1.35 3.92
C GLN A 67 -8.94 1.12 4.62
N GLU A 68 -9.00 0.67 5.87
CA GLU A 68 -7.79 0.41 6.64
C GLU A 68 -6.81 -0.46 5.84
N ALA A 69 -7.35 -1.39 5.07
CA ALA A 69 -6.54 -2.29 4.26
C ALA A 69 -5.81 -1.52 3.16
N ARG A 70 -6.56 -0.76 2.38
CA ARG A 70 -5.99 0.02 1.29
C ARG A 70 -4.81 0.85 1.77
N ASN A 71 -4.97 1.49 2.93
CA ASN A 71 -3.92 2.31 3.50
C ASN A 71 -2.71 1.46 3.86
N ALA A 72 -2.96 0.32 4.48
CA ALA A 72 -1.89 -0.60 4.87
C ALA A 72 -1.10 -1.08 3.67
N ALA A 73 -1.81 -1.66 2.70
CA ALA A 73 -1.17 -2.17 1.50
C ALA A 73 -0.27 -1.11 0.86
N ALA A 74 -0.65 0.15 1.01
CA ALA A 74 0.14 1.25 0.46
C ALA A 74 1.39 1.51 1.29
N LYS A 75 1.33 1.15 2.57
CA LYS A 75 2.47 1.34 3.47
C LYS A 75 3.68 0.55 2.98
N LEU A 76 3.46 -0.70 2.60
CA LEU A 76 4.54 -1.56 2.12
C LEU A 76 5.09 -1.04 0.80
N ALA A 77 4.20 -0.54 -0.06
CA ALA A 77 4.60 -0.01 -1.35
C ALA A 77 5.40 1.27 -1.20
N VAL A 78 4.78 2.30 -0.63
CA VAL A 78 5.44 3.58 -0.42
C VAL A 78 6.84 3.39 0.16
N ASP A 79 6.98 2.40 1.03
CA ASP A 79 8.27 2.10 1.66
C ASP A 79 9.30 1.70 0.61
N ILE A 80 8.91 0.79 -0.28
CA ILE A 80 9.81 0.32 -1.33
C ILE A 80 10.22 1.45 -2.26
N LEU A 81 9.23 2.20 -2.74
CA LEU A 81 9.49 3.32 -3.64
C LEU A 81 10.62 4.19 -3.11
N ASP A 82 10.51 4.62 -1.86
CA ASP A 82 11.53 5.45 -1.23
C ASP A 82 12.92 4.90 -1.50
N ASN A 83 13.09 3.60 -1.28
CA ASN A 83 14.38 2.95 -1.50
C ASN A 83 14.69 2.86 -3.00
N GLU A 84 13.65 2.72 -3.80
CA GLU A 84 13.82 2.62 -5.25
C GLU A 84 14.47 3.88 -5.82
N ASN A 85 14.34 4.98 -5.08
CA ASN A 85 14.91 6.25 -5.50
C ASN A 85 16.43 6.15 -5.63
N LYS A 86 17.07 5.58 -4.61
CA LYS A 86 18.52 5.42 -4.62
C LYS A 86 18.92 4.13 -5.34
N VAL A 87 19.70 4.27 -6.40
CA VAL A 87 20.16 3.13 -7.17
C VAL A 87 21.33 2.42 -6.48
N ASP A 88 21.41 1.11 -6.67
CA ASP A 88 22.48 0.32 -6.06
C ASP A 88 22.89 -0.83 -6.97
N CYS A 89 24.13 -1.27 -6.84
CA CYS A 89 24.65 -2.37 -7.65
C CYS A 89 24.55 -3.69 -6.89
N HIS A 90 23.44 -3.89 -6.20
CA HIS A 90 23.22 -5.12 -5.44
C HIS A 90 22.74 -6.24 -6.35
N THR A 91 21.80 -5.93 -7.23
CA THR A 91 21.25 -6.91 -8.14
C THR A 91 22.26 -7.28 -9.22
N SER A 92 22.70 -8.54 -9.21
CA SER A 92 23.68 -9.02 -10.19
C SER A 92 23.02 -9.25 -11.54
N GLY A 93 23.66 -8.74 -12.60
CA GLY A 93 23.14 -8.91 -13.94
C GLY A 93 23.85 -8.04 -14.95
N PRO A 94 25.00 -8.53 -15.44
CA PRO A 94 25.80 -7.81 -16.43
C PRO A 94 25.13 -7.75 -17.80
N SER A 95 24.34 -8.77 -18.10
CA SER A 95 23.64 -8.84 -19.38
C SER A 95 22.19 -8.40 -19.23
N SER A 96 21.87 -7.23 -19.77
CA SER A 96 20.51 -6.70 -19.69
C SER A 96 19.48 -7.79 -19.95
N GLY A 97 18.76 -8.18 -18.90
CA GLY A 97 17.76 -9.21 -19.04
C GLY A 97 17.29 -9.75 -17.70
N GLY A 1 -21.98 1.19 12.52
CA GLY A 1 -21.81 2.21 13.53
C GLY A 1 -20.37 2.67 13.65
N SER A 2 -20.05 3.33 14.77
CA SER A 2 -18.70 3.82 15.00
C SER A 2 -18.18 3.36 16.36
N SER A 3 -17.30 2.37 16.35
CA SER A 3 -16.73 1.84 17.57
C SER A 3 -15.23 2.16 17.67
N GLY A 4 -14.92 3.28 18.32
CA GLY A 4 -13.53 3.68 18.46
C GLY A 4 -13.30 5.13 18.06
N SER A 5 -14.14 6.02 18.57
CA SER A 5 -14.02 7.44 18.25
C SER A 5 -12.63 7.97 18.58
N SER A 6 -12.23 9.03 17.91
CA SER A 6 -10.92 9.62 18.13
C SER A 6 -10.75 10.04 19.59
N GLY A 7 -9.49 10.07 20.04
CA GLY A 7 -9.23 10.45 21.42
C GLY A 7 -8.08 11.44 21.54
N MET A 8 -6.87 10.92 21.72
CA MET A 8 -5.69 11.77 21.84
C MET A 8 -4.65 11.41 20.79
N ALA A 9 -4.58 10.13 20.44
CA ALA A 9 -3.63 9.66 19.43
C ALA A 9 -4.05 10.10 18.04
N SER A 10 -3.17 10.82 17.36
CA SER A 10 -3.45 11.30 16.01
C SER A 10 -3.62 10.14 15.04
N ASP A 11 -4.17 10.43 13.87
CA ASP A 11 -4.39 9.40 12.85
C ASP A 11 -4.90 10.03 11.56
N THR A 12 -4.07 9.97 10.51
CA THR A 12 -4.44 10.53 9.23
C THR A 12 -5.19 9.51 8.37
N PRO A 13 -6.29 9.96 7.76
CA PRO A 13 -7.13 9.11 6.90
C PRO A 13 -6.43 8.73 5.61
N GLY A 14 -5.57 7.72 5.67
CA GLY A 14 -4.85 7.29 4.48
C GLY A 14 -3.66 8.16 4.17
N PHE A 15 -2.69 8.20 5.08
CA PHE A 15 -1.49 9.00 4.90
C PHE A 15 -0.69 8.53 3.69
N TYR A 16 -0.43 7.23 3.63
CA TYR A 16 0.33 6.66 2.52
C TYR A 16 -0.44 6.81 1.21
N MET A 17 -1.69 6.36 1.20
CA MET A 17 -2.53 6.44 0.01
C MET A 17 -2.32 7.77 -0.70
N ASP A 18 -2.35 8.86 0.05
CA ASP A 18 -2.17 10.20 -0.50
C ASP A 18 -0.78 10.35 -1.10
N LYS A 19 0.21 9.77 -0.43
CA LYS A 19 1.59 9.84 -0.89
C LYS A 19 1.75 9.16 -2.24
N LEU A 20 1.13 7.99 -2.38
CA LEU A 20 1.20 7.24 -3.63
C LEU A 20 0.74 8.08 -4.81
N ASN A 21 -0.50 8.56 -4.74
CA ASN A 21 -1.05 9.39 -5.80
C ASN A 21 -0.13 10.57 -6.12
N LYS A 22 0.53 11.08 -5.08
CA LYS A 22 1.44 12.20 -5.24
C LYS A 22 2.69 11.79 -6.00
N TYR A 23 2.99 10.50 -5.98
CA TYR A 23 4.17 9.97 -6.67
C TYR A 23 3.79 9.46 -8.06
N ARG A 24 2.59 8.92 -8.18
CA ARG A 24 2.11 8.39 -9.45
C ARG A 24 2.01 9.50 -10.50
N GLN A 25 1.72 10.71 -10.04
CA GLN A 25 1.59 11.85 -10.94
C GLN A 25 2.95 12.52 -11.16
N MET A 26 3.73 12.63 -10.09
CA MET A 26 5.05 13.25 -10.18
C MET A 26 5.95 12.47 -11.13
N HIS A 27 6.06 11.17 -10.90
CA HIS A 27 6.90 10.32 -11.73
C HIS A 27 6.19 9.98 -13.05
N GLY A 28 4.93 9.59 -12.95
CA GLY A 28 4.17 9.26 -14.14
C GLY A 28 3.91 7.76 -14.26
N VAL A 29 3.45 7.16 -13.16
CA VAL A 29 3.16 5.72 -13.14
C VAL A 29 1.68 5.47 -12.94
N ALA A 30 1.25 4.23 -13.17
CA ALA A 30 -0.14 3.86 -13.02
C ALA A 30 -0.33 2.95 -11.81
N ILE A 31 -0.99 3.49 -10.77
CA ILE A 31 -1.25 2.73 -9.55
C ILE A 31 -2.60 2.03 -9.62
N THR A 32 -2.63 0.76 -9.21
CA THR A 32 -3.85 -0.02 -9.21
C THR A 32 -4.03 -0.77 -7.90
N TYR A 33 -5.21 -0.63 -7.30
CA TYR A 33 -5.51 -1.28 -6.03
C TYR A 33 -6.40 -2.50 -6.25
N LYS A 34 -5.81 -3.69 -6.18
CA LYS A 34 -6.55 -4.93 -6.37
C LYS A 34 -7.19 -5.38 -5.07
N GLU A 35 -8.51 -5.56 -5.09
CA GLU A 35 -9.24 -5.99 -3.90
C GLU A 35 -9.13 -7.51 -3.72
N LEU A 36 -8.54 -7.92 -2.60
CA LEU A 36 -8.38 -9.33 -2.30
C LEU A 36 -9.55 -9.86 -1.48
N SER A 37 -9.63 -11.18 -1.35
CA SER A 37 -10.70 -11.82 -0.59
C SER A 37 -10.49 -11.62 0.91
N THR A 38 -11.52 -11.92 1.69
CA THR A 38 -11.46 -11.77 3.13
C THR A 38 -11.05 -13.08 3.80
N SER A 39 -10.30 -12.99 4.90
CA SER A 39 -9.85 -14.17 5.62
C SER A 39 -9.90 -13.94 7.12
N GLY A 40 -10.41 -14.91 7.85
CA GLY A 40 -10.51 -14.80 9.29
C GLY A 40 -11.82 -15.34 9.83
N PRO A 41 -12.08 -15.09 11.13
CA PRO A 41 -13.30 -15.55 11.79
C PRO A 41 -14.55 -14.81 11.29
N PRO A 42 -15.72 -15.32 11.69
CA PRO A 42 -17.01 -14.71 11.29
C PRO A 42 -17.25 -13.36 11.94
N HIS A 43 -16.93 -13.27 13.24
CA HIS A 43 -17.11 -12.04 13.98
C HIS A 43 -16.16 -10.95 13.48
N ASP A 44 -14.88 -11.28 13.42
CA ASP A 44 -13.87 -10.35 12.95
C ASP A 44 -13.34 -10.75 11.58
N ARG A 45 -13.59 -9.91 10.57
CA ARG A 45 -13.14 -10.19 9.22
C ARG A 45 -12.04 -9.22 8.81
N ARG A 46 -10.92 -9.75 8.33
CA ARG A 46 -9.79 -8.94 7.90
C ARG A 46 -9.76 -8.81 6.38
N PHE A 47 -9.93 -7.59 5.90
CA PHE A 47 -9.92 -7.33 4.46
C PHE A 47 -8.51 -7.11 3.96
N THR A 48 -8.08 -7.95 3.02
CA THR A 48 -6.73 -7.85 2.45
C THR A 48 -6.75 -7.04 1.15
N PHE A 49 -5.68 -6.29 0.93
CA PHE A 49 -5.57 -5.47 -0.27
C PHE A 49 -4.12 -5.40 -0.75
N GLN A 50 -3.92 -4.89 -1.96
CA GLN A 50 -2.59 -4.76 -2.53
C GLN A 50 -2.56 -3.70 -3.62
N VAL A 51 -1.42 -3.02 -3.75
CA VAL A 51 -1.26 -1.97 -4.76
C VAL A 51 -0.32 -2.42 -5.86
N LEU A 52 -0.48 -1.83 -7.05
CA LEU A 52 0.36 -2.17 -8.19
C LEU A 52 0.88 -0.91 -8.87
N ILE A 53 2.19 -0.71 -8.79
CA ILE A 53 2.83 0.45 -9.39
C ILE A 53 3.75 0.04 -10.54
N ASP A 54 3.52 0.61 -11.71
CA ASP A 54 4.33 0.31 -12.89
C ASP A 54 4.26 -1.17 -13.23
N GLU A 55 3.06 -1.73 -13.18
CA GLU A 55 2.85 -3.14 -13.49
C GLU A 55 3.62 -4.02 -12.50
N LYS A 56 3.72 -3.58 -11.26
CA LYS A 56 4.42 -4.32 -10.23
C LYS A 56 3.46 -4.88 -9.19
N GLU A 57 3.81 -6.02 -8.61
CA GLU A 57 2.96 -6.66 -7.61
C GLU A 57 3.54 -6.46 -6.21
N PHE A 58 2.88 -5.63 -5.42
CA PHE A 58 3.32 -5.35 -4.06
C PHE A 58 2.71 -6.34 -3.08
N PRO A 59 3.37 -6.49 -1.91
CA PRO A 59 2.91 -7.40 -0.86
C PRO A 59 1.62 -6.92 -0.19
N GLU A 60 0.52 -7.62 -0.47
CA GLU A 60 -0.78 -7.26 0.09
C GLU A 60 -0.67 -7.05 1.61
N ALA A 61 -1.78 -6.69 2.22
CA ALA A 61 -1.81 -6.46 3.67
C ALA A 61 -3.24 -6.48 4.20
N LYS A 62 -3.38 -6.73 5.50
CA LYS A 62 -4.70 -6.77 6.12
C LYS A 62 -5.05 -5.42 6.75
N GLY A 63 -6.33 -5.07 6.71
CA GLY A 63 -6.77 -3.81 7.27
C GLY A 63 -8.11 -3.93 7.98
N ARG A 64 -8.17 -3.42 9.21
CA ARG A 64 -9.41 -3.47 9.98
C ARG A 64 -10.64 -3.34 9.09
N SER A 65 -10.72 -2.23 8.36
CA SER A 65 -11.83 -1.99 7.47
C SER A 65 -11.39 -2.02 6.01
N LYS A 66 -12.35 -1.99 5.10
CA LYS A 66 -12.07 -2.02 3.67
C LYS A 66 -11.04 -0.95 3.30
N GLN A 67 -11.16 0.22 3.91
CA GLN A 67 -10.24 1.33 3.65
C GLN A 67 -8.89 1.08 4.33
N GLU A 68 -8.93 0.82 5.63
CA GLU A 68 -7.72 0.58 6.39
C GLU A 68 -6.77 -0.33 5.62
N ALA A 69 -7.33 -1.32 4.93
CA ALA A 69 -6.53 -2.26 4.15
C ALA A 69 -5.78 -1.55 3.03
N ARG A 70 -6.50 -0.73 2.27
CA ARG A 70 -5.91 0.01 1.17
C ARG A 70 -4.68 0.80 1.63
N ASN A 71 -4.80 1.46 2.78
CA ASN A 71 -3.71 2.25 3.33
C ASN A 71 -2.56 1.35 3.75
N ALA A 72 -2.87 0.29 4.49
CA ALA A 72 -1.85 -0.66 4.94
C ALA A 72 -0.99 -1.14 3.78
N ALA A 73 -1.62 -1.79 2.82
CA ALA A 73 -0.90 -2.30 1.65
C ALA A 73 0.02 -1.25 1.07
N ALA A 74 -0.42 0.00 1.09
CA ALA A 74 0.37 1.10 0.56
C ALA A 74 1.63 1.33 1.41
N LYS A 75 1.48 1.18 2.72
CA LYS A 75 2.60 1.36 3.63
C LYS A 75 3.83 0.59 3.16
N LEU A 76 3.62 -0.68 2.82
CA LEU A 76 4.71 -1.52 2.35
C LEU A 76 5.24 -1.05 1.00
N ALA A 77 4.32 -0.56 0.17
CA ALA A 77 4.69 -0.06 -1.16
C ALA A 77 5.57 1.18 -1.06
N VAL A 78 5.02 2.26 -0.50
CA VAL A 78 5.75 3.50 -0.34
C VAL A 78 7.15 3.25 0.23
N ASP A 79 7.22 2.35 1.20
CA ASP A 79 8.50 2.02 1.83
C ASP A 79 9.54 1.63 0.78
N ILE A 80 9.15 0.74 -0.12
CA ILE A 80 10.05 0.28 -1.18
C ILE A 80 10.43 1.43 -2.10
N LEU A 81 9.43 2.19 -2.54
CA LEU A 81 9.66 3.32 -3.44
C LEU A 81 10.64 4.32 -2.81
N ASP A 82 10.43 4.60 -1.52
CA ASP A 82 11.30 5.53 -0.81
C ASP A 82 12.77 5.31 -1.16
N ASN A 83 13.12 4.06 -1.41
CA ASN A 83 14.49 3.70 -1.76
C ASN A 83 14.60 3.36 -3.25
N GLU A 84 13.51 2.88 -3.82
CA GLU A 84 13.49 2.52 -5.24
C GLU A 84 14.65 1.60 -5.58
N ASN A 85 15.03 0.75 -4.63
CA ASN A 85 16.14 -0.18 -4.83
C ASN A 85 15.61 -1.57 -5.17
N LYS A 86 14.63 -1.63 -6.07
CA LYS A 86 14.05 -2.91 -6.48
C LYS A 86 14.33 -3.19 -7.95
N VAL A 87 14.67 -4.44 -8.25
CA VAL A 87 14.97 -4.84 -9.62
C VAL A 87 13.69 -5.07 -10.41
N ASP A 88 13.71 -4.71 -11.70
CA ASP A 88 12.56 -4.89 -12.56
C ASP A 88 12.42 -6.34 -13.00
N CYS A 89 11.20 -6.75 -13.34
CA CYS A 89 10.94 -8.11 -13.78
C CYS A 89 11.57 -8.37 -15.15
N HIS A 90 12.44 -9.36 -15.22
CA HIS A 90 13.11 -9.71 -16.46
C HIS A 90 12.14 -10.43 -17.41
N THR A 91 11.33 -11.32 -16.85
CA THR A 91 10.37 -12.08 -17.64
C THR A 91 8.94 -11.70 -17.28
N SER A 92 8.07 -11.67 -18.28
CA SER A 92 6.67 -11.32 -18.06
C SER A 92 5.89 -12.50 -17.50
N GLY A 93 6.59 -13.62 -17.30
CA GLY A 93 5.94 -14.80 -16.76
C GLY A 93 5.14 -15.55 -17.81
N PRO A 94 4.45 -16.62 -17.38
CA PRO A 94 3.63 -17.44 -18.27
C PRO A 94 2.38 -16.71 -18.75
N SER A 95 1.66 -17.32 -19.68
CA SER A 95 0.45 -16.72 -20.22
C SER A 95 -0.42 -16.13 -19.10
N SER A 96 -1.30 -15.21 -19.47
CA SER A 96 -2.18 -14.57 -18.51
C SER A 96 -3.28 -15.53 -18.05
N GLY A 97 -3.71 -15.38 -16.80
CA GLY A 97 -4.75 -16.23 -16.26
C GLY A 97 -4.18 -17.44 -15.53
N GLY A 1 -14.90 5.26 20.19
CA GLY A 1 -14.27 6.55 20.02
C GLY A 1 -13.94 7.21 21.35
N SER A 2 -13.02 6.61 22.09
CA SER A 2 -12.62 7.14 23.39
C SER A 2 -11.34 7.97 23.26
N SER A 3 -11.01 8.68 24.33
CA SER A 3 -9.81 9.51 24.34
C SER A 3 -8.97 9.25 25.59
N GLY A 4 -7.68 8.99 25.39
CA GLY A 4 -6.80 8.72 26.51
C GLY A 4 -5.56 9.61 26.50
N SER A 5 -4.68 9.39 25.54
CA SER A 5 -3.46 10.18 25.42
C SER A 5 -2.80 9.99 24.06
N SER A 6 -1.93 10.92 23.70
CA SER A 6 -1.24 10.85 22.41
C SER A 6 0.26 10.73 22.62
N GLY A 7 1.00 10.54 21.51
CA GLY A 7 2.44 10.41 21.59
C GLY A 7 2.95 9.24 20.78
N MET A 8 2.36 8.07 20.97
CA MET A 8 2.76 6.87 20.24
C MET A 8 1.56 6.22 19.56
N ALA A 9 0.73 7.03 18.93
CA ALA A 9 -0.45 6.53 18.23
C ALA A 9 -0.84 7.44 17.07
N SER A 10 -1.50 6.87 16.07
CA SER A 10 -1.92 7.63 14.90
C SER A 10 -3.25 7.11 14.38
N ASP A 11 -3.88 7.90 13.50
CA ASP A 11 -5.16 7.52 12.92
C ASP A 11 -5.46 8.36 11.67
N THR A 12 -5.37 7.72 10.51
CA THR A 12 -5.64 8.41 9.25
C THR A 12 -6.41 7.52 8.30
N PRO A 13 -7.42 8.10 7.62
CA PRO A 13 -8.27 7.38 6.66
C PRO A 13 -7.51 7.00 5.40
N GLY A 14 -6.29 7.54 5.25
CA GLY A 14 -5.49 7.24 4.08
C GLY A 14 -4.27 8.14 3.97
N PHE A 15 -3.25 7.85 4.77
CA PHE A 15 -2.03 8.65 4.76
C PHE A 15 -1.12 8.23 3.60
N TYR A 16 -0.74 6.96 3.59
CA TYR A 16 0.13 6.44 2.54
C TYR A 16 -0.52 6.58 1.16
N MET A 17 -1.79 6.16 1.07
CA MET A 17 -2.52 6.23 -0.18
C MET A 17 -2.37 7.61 -0.82
N ASP A 18 -2.29 8.64 0.02
CA ASP A 18 -2.15 10.01 -0.47
C ASP A 18 -0.75 10.23 -1.05
N LYS A 19 0.25 9.58 -0.45
CA LYS A 19 1.63 9.70 -0.90
C LYS A 19 1.81 9.02 -2.26
N LEU A 20 1.13 7.90 -2.45
CA LEU A 20 1.22 7.16 -3.70
C LEU A 20 0.75 8.00 -4.87
N ASN A 21 -0.47 8.51 -4.79
CA ASN A 21 -1.04 9.34 -5.84
C ASN A 21 -0.13 10.54 -6.14
N LYS A 22 0.46 11.09 -5.09
CA LYS A 22 1.35 12.24 -5.23
C LYS A 22 2.64 11.84 -5.93
N TYR A 23 2.98 10.55 -5.87
CA TYR A 23 4.19 10.05 -6.49
C TYR A 23 3.89 9.50 -7.88
N ARG A 24 2.67 9.02 -8.08
CA ARG A 24 2.27 8.47 -9.36
C ARG A 24 2.14 9.57 -10.42
N GLN A 25 1.80 10.78 -9.97
CA GLN A 25 1.65 11.91 -10.87
C GLN A 25 2.98 12.62 -11.07
N MET A 26 3.78 12.69 -10.01
CA MET A 26 5.09 13.34 -10.07
C MET A 26 6.03 12.59 -10.99
N HIS A 27 6.10 11.27 -10.82
CA HIS A 27 6.97 10.43 -11.64
C HIS A 27 6.31 10.11 -12.98
N GLY A 28 5.05 9.70 -12.93
CA GLY A 28 4.33 9.37 -14.15
C GLY A 28 4.10 7.89 -14.30
N VAL A 29 3.52 7.27 -13.26
CA VAL A 29 3.23 5.84 -13.29
C VAL A 29 1.75 5.58 -13.12
N ALA A 30 1.36 4.31 -13.19
CA ALA A 30 -0.03 3.92 -13.04
C ALA A 30 -0.23 3.00 -11.84
N ILE A 31 -0.91 3.51 -10.81
CA ILE A 31 -1.17 2.74 -9.61
C ILE A 31 -2.55 2.10 -9.63
N THR A 32 -2.63 0.84 -9.23
CA THR A 32 -3.89 0.12 -9.21
C THR A 32 -4.06 -0.65 -7.91
N TYR A 33 -5.21 -0.45 -7.26
CA TYR A 33 -5.50 -1.12 -6.01
C TYR A 33 -6.39 -2.34 -6.23
N LYS A 34 -5.80 -3.53 -6.10
CA LYS A 34 -6.54 -4.77 -6.29
C LYS A 34 -7.17 -5.23 -4.98
N GLU A 35 -8.48 -5.43 -4.99
CA GLU A 35 -9.21 -5.86 -3.81
C GLU A 35 -9.15 -7.38 -3.66
N LEU A 36 -8.59 -7.85 -2.56
CA LEU A 36 -8.46 -9.29 -2.29
C LEU A 36 -9.59 -9.76 -1.39
N SER A 37 -9.73 -11.09 -1.29
CA SER A 37 -10.78 -11.67 -0.46
C SER A 37 -10.52 -11.38 1.02
N THR A 38 -11.45 -11.80 1.87
CA THR A 38 -11.33 -11.58 3.30
C THR A 38 -10.86 -12.83 4.01
N SER A 39 -9.93 -12.66 4.96
CA SER A 39 -9.38 -13.78 5.71
C SER A 39 -9.37 -13.47 7.21
N GLY A 40 -9.83 -14.43 8.00
CA GLY A 40 -9.87 -14.25 9.44
C GLY A 40 -11.11 -14.85 10.07
N PRO A 41 -11.29 -14.60 11.39
CA PRO A 41 -12.44 -15.12 12.14
C PRO A 41 -13.75 -14.45 11.72
N PRO A 42 -14.86 -14.99 12.20
CA PRO A 42 -16.20 -14.46 11.90
C PRO A 42 -16.46 -13.12 12.57
N HIS A 43 -16.14 -13.03 13.86
CA HIS A 43 -16.33 -11.81 14.62
C HIS A 43 -15.55 -10.65 13.99
N ASP A 44 -14.26 -10.87 13.79
CA ASP A 44 -13.40 -9.85 13.20
C ASP A 44 -12.98 -10.24 11.79
N ARG A 45 -13.42 -9.46 10.81
CA ARG A 45 -13.10 -9.72 9.41
C ARG A 45 -11.95 -8.84 8.94
N ARG A 46 -10.89 -9.46 8.43
CA ARG A 46 -9.72 -8.72 7.95
C ARG A 46 -9.65 -8.75 6.43
N PHE A 47 -9.85 -7.60 5.81
CA PHE A 47 -9.80 -7.49 4.35
C PHE A 47 -8.38 -7.25 3.87
N THR A 48 -7.95 -8.07 2.91
CA THR A 48 -6.60 -7.95 2.35
C THR A 48 -6.62 -7.14 1.06
N PHE A 49 -5.63 -6.27 0.90
CA PHE A 49 -5.52 -5.42 -0.28
C PHE A 49 -4.07 -5.32 -0.75
N GLN A 50 -3.88 -4.89 -1.99
CA GLN A 50 -2.55 -4.74 -2.55
C GLN A 50 -2.53 -3.68 -3.65
N VAL A 51 -1.39 -3.01 -3.80
CA VAL A 51 -1.25 -1.97 -4.82
C VAL A 51 -0.36 -2.44 -5.96
N LEU A 52 -0.55 -1.87 -7.13
CA LEU A 52 0.23 -2.22 -8.31
C LEU A 52 0.77 -0.97 -9.01
N ILE A 53 2.09 -0.78 -8.94
CA ILE A 53 2.72 0.37 -9.57
C ILE A 53 3.63 -0.06 -10.72
N ASP A 54 3.53 0.64 -11.84
CA ASP A 54 4.34 0.33 -13.01
C ASP A 54 4.26 -1.16 -13.35
N GLU A 55 3.04 -1.70 -13.34
CA GLU A 55 2.82 -3.10 -13.65
C GLU A 55 3.56 -4.00 -12.64
N LYS A 56 3.77 -3.48 -11.45
CA LYS A 56 4.47 -4.23 -10.40
C LYS A 56 3.48 -4.74 -9.36
N GLU A 57 3.78 -5.91 -8.79
CA GLU A 57 2.92 -6.51 -7.78
C GLU A 57 3.51 -6.33 -6.39
N PHE A 58 2.84 -5.53 -5.56
CA PHE A 58 3.30 -5.27 -4.21
C PHE A 58 2.69 -6.28 -3.23
N PRO A 59 3.34 -6.45 -2.08
CA PRO A 59 2.90 -7.39 -1.04
C PRO A 59 1.63 -6.91 -0.35
N GLU A 60 0.52 -7.60 -0.62
CA GLU A 60 -0.77 -7.25 -0.03
C GLU A 60 -0.64 -7.08 1.48
N ALA A 61 -1.68 -6.55 2.11
CA ALA A 61 -1.69 -6.33 3.55
C ALA A 61 -3.09 -6.50 4.12
N LYS A 62 -3.16 -6.78 5.42
CA LYS A 62 -4.44 -6.96 6.09
C LYS A 62 -4.90 -5.67 6.76
N GLY A 63 -6.21 -5.45 6.79
CA GLY A 63 -6.75 -4.25 7.39
C GLY A 63 -8.12 -4.48 8.02
N ARG A 64 -8.35 -3.86 9.18
CA ARG A 64 -9.61 -4.00 9.89
C ARG A 64 -10.78 -3.86 8.93
N SER A 65 -10.88 -2.71 8.28
CA SER A 65 -11.96 -2.43 7.33
C SER A 65 -11.43 -2.40 5.90
N LYS A 66 -12.33 -2.20 4.96
CA LYS A 66 -11.97 -2.15 3.55
C LYS A 66 -10.92 -1.07 3.30
N GLN A 67 -11.23 0.16 3.71
CA GLN A 67 -10.31 1.27 3.53
C GLN A 67 -9.00 1.02 4.24
N GLU A 68 -9.05 0.91 5.57
CA GLU A 68 -7.86 0.64 6.37
C GLU A 68 -6.93 -0.33 5.66
N ALA A 69 -7.51 -1.29 4.96
CA ALA A 69 -6.73 -2.28 4.23
C ALA A 69 -5.93 -1.65 3.10
N ARG A 70 -6.57 -0.75 2.36
CA ARG A 70 -5.92 -0.06 1.25
C ARG A 70 -4.69 0.71 1.73
N ASN A 71 -4.86 1.44 2.83
CA ASN A 71 -3.77 2.23 3.39
C ASN A 71 -2.58 1.35 3.73
N ALA A 72 -2.80 0.34 4.57
CA ALA A 72 -1.74 -0.59 4.96
C ALA A 72 -0.92 -1.03 3.75
N ALA A 73 -1.59 -1.69 2.80
CA ALA A 73 -0.93 -2.17 1.60
C ALA A 73 0.03 -1.11 1.05
N ALA A 74 -0.39 0.14 1.09
CA ALA A 74 0.44 1.24 0.59
C ALA A 74 1.68 1.42 1.45
N LYS A 75 1.55 1.17 2.75
CA LYS A 75 2.68 1.30 3.66
C LYS A 75 3.89 0.53 3.16
N LEU A 76 3.68 -0.72 2.77
CA LEU A 76 4.76 -1.56 2.27
C LEU A 76 5.27 -1.03 0.93
N ALA A 77 4.35 -0.58 0.10
CA ALA A 77 4.69 -0.04 -1.22
C ALA A 77 5.56 1.20 -1.09
N VAL A 78 5.01 2.26 -0.51
CA VAL A 78 5.74 3.50 -0.32
C VAL A 78 7.11 3.25 0.28
N ASP A 79 7.18 2.32 1.22
CA ASP A 79 8.44 1.98 1.87
C ASP A 79 9.47 1.50 0.85
N ILE A 80 9.03 0.65 -0.08
CA ILE A 80 9.91 0.12 -1.11
C ILE A 80 10.36 1.22 -2.07
N LEU A 81 9.41 2.02 -2.51
CA LEU A 81 9.70 3.12 -3.43
C LEU A 81 10.79 4.03 -2.88
N ASP A 82 10.67 4.36 -1.60
CA ASP A 82 11.64 5.23 -0.93
C ASP A 82 12.95 4.49 -0.70
N ASN A 83 12.85 3.29 -0.13
CA ASN A 83 14.04 2.48 0.15
C ASN A 83 14.84 2.23 -1.12
N GLU A 84 14.14 2.05 -2.23
CA GLU A 84 14.79 1.81 -3.51
C GLU A 84 15.09 3.12 -4.23
N ASN A 85 14.30 4.15 -3.92
CA ASN A 85 14.48 5.46 -4.55
C ASN A 85 15.94 5.86 -4.58
N LYS A 86 16.59 5.77 -3.41
CA LYS A 86 18.00 6.13 -3.31
C LYS A 86 18.77 5.68 -4.54
N VAL A 87 19.51 6.61 -5.14
CA VAL A 87 20.30 6.32 -6.33
C VAL A 87 20.99 4.98 -6.22
N ASP A 88 20.48 3.98 -6.93
CA ASP A 88 21.04 2.64 -6.91
C ASP A 88 20.96 1.99 -8.28
N CYS A 89 21.52 0.79 -8.40
CA CYS A 89 21.51 0.06 -9.66
C CYS A 89 20.07 -0.20 -10.12
N HIS A 90 19.78 0.15 -11.37
CA HIS A 90 18.45 -0.04 -11.94
C HIS A 90 18.16 -1.53 -12.13
N THR A 91 19.13 -2.25 -12.68
CA THR A 91 18.99 -3.67 -12.92
C THR A 91 18.20 -4.35 -11.80
N SER A 92 17.48 -5.41 -12.14
CA SER A 92 16.68 -6.14 -11.16
C SER A 92 16.87 -7.64 -11.32
N GLY A 93 16.28 -8.41 -10.40
CA GLY A 93 16.39 -9.86 -10.46
C GLY A 93 15.55 -10.54 -9.40
N PRO A 94 15.53 -11.88 -9.45
CA PRO A 94 14.75 -12.69 -8.49
C PRO A 94 15.35 -12.65 -7.08
N SER A 95 16.66 -12.80 -7.00
CA SER A 95 17.36 -12.78 -5.71
C SER A 95 17.33 -11.38 -5.12
N SER A 96 16.93 -11.30 -3.85
CA SER A 96 16.87 -10.01 -3.15
C SER A 96 18.26 -9.54 -2.74
N GLY A 97 18.46 -8.23 -2.73
CA GLY A 97 19.75 -7.68 -2.36
C GLY A 97 20.39 -6.87 -3.47
N GLY A 1 -26.35 17.14 15.72
CA GLY A 1 -25.14 17.29 14.93
C GLY A 1 -24.28 18.45 15.41
N SER A 2 -23.44 18.18 16.40
CA SER A 2 -22.56 19.22 16.94
C SER A 2 -21.11 18.97 16.55
N SER A 3 -20.46 19.99 16.02
CA SER A 3 -19.07 19.88 15.58
C SER A 3 -18.15 20.61 16.55
N GLY A 4 -16.88 20.18 16.60
CA GLY A 4 -15.92 20.80 17.49
C GLY A 4 -14.69 19.94 17.71
N SER A 5 -13.62 20.26 16.99
CA SER A 5 -12.38 19.50 17.10
C SER A 5 -11.18 20.34 16.63
N SER A 6 -9.98 19.80 16.83
CA SER A 6 -8.77 20.50 16.42
C SER A 6 -8.00 19.69 15.38
N GLY A 7 -7.87 18.40 15.63
CA GLY A 7 -7.16 17.53 14.70
C GLY A 7 -6.04 16.75 15.37
N MET A 8 -5.51 15.76 14.67
CA MET A 8 -4.43 14.93 15.21
C MET A 8 -3.70 14.21 14.10
N ALA A 9 -2.64 13.49 14.46
CA ALA A 9 -1.85 12.74 13.48
C ALA A 9 -1.71 11.29 13.89
N SER A 10 -2.81 10.70 14.37
CA SER A 10 -2.79 9.31 14.80
C SER A 10 -3.93 8.53 14.15
N ASP A 11 -3.65 7.29 13.77
CA ASP A 11 -4.65 6.43 13.14
C ASP A 11 -5.13 7.05 11.82
N THR A 12 -4.23 7.75 11.15
CA THR A 12 -4.56 8.39 9.87
C THR A 12 -5.44 7.50 9.02
N PRO A 13 -6.46 8.10 8.40
CA PRO A 13 -7.40 7.37 7.53
C PRO A 13 -6.75 6.90 6.23
N GLY A 14 -5.69 7.57 5.83
CA GLY A 14 -4.99 7.21 4.61
C GLY A 14 -3.82 8.13 4.31
N PHE A 15 -2.76 8.03 5.11
CA PHE A 15 -1.58 8.86 4.93
C PHE A 15 -0.76 8.38 3.73
N TYR A 16 -0.38 7.12 3.75
CA TYR A 16 0.41 6.54 2.66
C TYR A 16 -0.30 6.72 1.32
N MET A 17 -1.59 6.43 1.30
CA MET A 17 -2.39 6.56 0.09
C MET A 17 -2.15 7.92 -0.57
N ASP A 18 -2.21 8.98 0.23
CA ASP A 18 -2.01 10.34 -0.28
C ASP A 18 -0.60 10.50 -0.84
N LYS A 19 0.35 9.74 -0.28
CA LYS A 19 1.74 9.81 -0.72
C LYS A 19 1.91 9.07 -2.05
N LEU A 20 1.19 7.98 -2.22
CA LEU A 20 1.26 7.18 -3.44
C LEU A 20 0.81 7.99 -4.64
N ASN A 21 -0.44 8.47 -4.59
CA ASN A 21 -0.99 9.26 -5.68
C ASN A 21 -0.10 10.46 -6.00
N LYS A 22 0.62 10.94 -5.00
CA LYS A 22 1.53 12.08 -5.16
C LYS A 22 2.79 11.66 -5.91
N TYR A 23 3.12 10.37 -5.84
CA TYR A 23 4.31 9.85 -6.50
C TYR A 23 3.94 9.27 -7.87
N ARG A 24 2.67 8.94 -8.06
CA ARG A 24 2.20 8.39 -9.32
C ARG A 24 2.00 9.49 -10.36
N GLN A 25 1.59 10.67 -9.90
CA GLN A 25 1.36 11.79 -10.79
C GLN A 25 2.68 12.52 -11.10
N MET A 26 3.59 12.53 -10.13
CA MET A 26 4.88 13.18 -10.30
C MET A 26 5.77 12.37 -11.24
N HIS A 27 6.03 11.12 -10.88
CA HIS A 27 6.87 10.25 -11.69
C HIS A 27 6.16 9.87 -12.99
N GLY A 28 4.92 9.43 -12.87
CA GLY A 28 4.16 9.03 -14.05
C GLY A 28 3.88 7.55 -14.09
N VAL A 29 3.47 6.99 -12.96
CA VAL A 29 3.17 5.56 -12.87
C VAL A 29 1.68 5.33 -12.64
N ALA A 30 1.22 4.14 -13.00
CA ALA A 30 -0.19 3.78 -12.83
C ALA A 30 -0.39 2.92 -11.59
N ILE A 31 -1.06 3.48 -10.59
CA ILE A 31 -1.33 2.76 -9.35
C ILE A 31 -2.71 2.12 -9.37
N THR A 32 -2.76 0.84 -9.03
CA THR A 32 -4.03 0.10 -9.00
C THR A 32 -4.17 -0.71 -7.72
N TYR A 33 -5.32 -0.57 -7.07
CA TYR A 33 -5.57 -1.28 -5.82
C TYR A 33 -6.47 -2.50 -6.07
N LYS A 34 -5.88 -3.69 -6.00
CA LYS A 34 -6.62 -4.92 -6.21
C LYS A 34 -7.26 -5.41 -4.92
N GLU A 35 -8.57 -5.59 -4.93
CA GLU A 35 -9.30 -6.05 -3.76
C GLU A 35 -9.21 -7.57 -3.64
N LEU A 36 -8.45 -8.03 -2.64
CA LEU A 36 -8.29 -9.46 -2.41
C LEU A 36 -9.40 -10.00 -1.52
N SER A 37 -9.35 -11.30 -1.24
CA SER A 37 -10.36 -11.94 -0.40
C SER A 37 -10.16 -11.60 1.06
N THR A 38 -10.98 -12.18 1.93
CA THR A 38 -10.90 -11.93 3.36
C THR A 38 -10.47 -13.18 4.11
N SER A 39 -9.64 -13.00 5.13
CA SER A 39 -9.17 -14.12 5.93
C SER A 39 -9.29 -13.81 7.42
N GLY A 40 -10.01 -14.68 8.14
CA GLY A 40 -10.20 -14.49 9.57
C GLY A 40 -11.46 -15.15 10.08
N PRO A 41 -11.84 -14.82 11.32
CA PRO A 41 -13.04 -15.37 11.96
C PRO A 41 -14.33 -14.87 11.31
N PRO A 42 -15.46 -15.48 11.69
CA PRO A 42 -16.77 -15.11 11.16
C PRO A 42 -17.23 -13.74 11.67
N HIS A 43 -17.01 -13.49 12.95
CA HIS A 43 -17.41 -12.22 13.56
C HIS A 43 -16.56 -11.08 13.02
N ASP A 44 -15.25 -11.28 12.98
CA ASP A 44 -14.32 -10.27 12.49
C ASP A 44 -13.73 -10.69 11.15
N ARG A 45 -14.05 -9.93 10.11
CA ARG A 45 -13.54 -10.21 8.76
C ARG A 45 -12.45 -9.22 8.37
N ARG A 46 -11.26 -9.75 8.09
CA ARG A 46 -10.13 -8.92 7.71
C ARG A 46 -10.05 -8.78 6.19
N PHE A 47 -10.24 -7.57 5.69
CA PHE A 47 -10.18 -7.31 4.26
C PHE A 47 -8.75 -7.04 3.81
N THR A 48 -8.27 -7.86 2.89
CA THR A 48 -6.91 -7.73 2.37
C THR A 48 -6.90 -6.93 1.07
N PHE A 49 -5.86 -6.13 0.89
CA PHE A 49 -5.72 -5.31 -0.31
C PHE A 49 -4.26 -5.22 -0.75
N GLN A 50 -4.05 -4.73 -1.97
CA GLN A 50 -2.70 -4.61 -2.52
C GLN A 50 -2.66 -3.56 -3.62
N VAL A 51 -1.50 -2.93 -3.79
CA VAL A 51 -1.33 -1.91 -4.82
C VAL A 51 -0.42 -2.40 -5.94
N LEU A 52 -0.60 -1.83 -7.13
CA LEU A 52 0.20 -2.20 -8.28
C LEU A 52 0.77 -0.97 -8.99
N ILE A 53 2.09 -0.80 -8.90
CA ILE A 53 2.75 0.34 -9.52
C ILE A 53 3.67 -0.11 -10.66
N ASP A 54 3.46 0.44 -11.84
CA ASP A 54 4.26 0.10 -13.01
C ASP A 54 4.21 -1.40 -13.28
N GLU A 55 3.00 -1.96 -13.27
CA GLU A 55 2.81 -3.39 -13.50
C GLU A 55 3.57 -4.22 -12.48
N LYS A 56 3.75 -3.67 -11.29
CA LYS A 56 4.46 -4.36 -10.23
C LYS A 56 3.50 -4.85 -9.15
N GLU A 57 3.63 -6.12 -8.77
CA GLU A 57 2.77 -6.71 -7.76
C GLU A 57 3.37 -6.53 -6.36
N PHE A 58 2.79 -5.62 -5.58
CA PHE A 58 3.26 -5.34 -4.24
C PHE A 58 2.64 -6.32 -3.24
N PRO A 59 3.30 -6.48 -2.08
CA PRO A 59 2.84 -7.37 -1.02
C PRO A 59 1.57 -6.86 -0.33
N GLU A 60 0.44 -7.49 -0.65
CA GLU A 60 -0.83 -7.09 -0.07
C GLU A 60 -0.72 -6.92 1.44
N ALA A 61 -1.80 -6.47 2.07
CA ALA A 61 -1.82 -6.26 3.51
C ALA A 61 -3.23 -6.39 4.07
N LYS A 62 -3.33 -6.62 5.37
CA LYS A 62 -4.62 -6.77 6.02
C LYS A 62 -5.08 -5.45 6.65
N GLY A 63 -6.39 -5.27 6.76
CA GLY A 63 -6.93 -4.05 7.32
C GLY A 63 -8.31 -4.25 7.91
N ARG A 64 -8.65 -3.44 8.91
CA ARG A 64 -9.96 -3.53 9.55
C ARG A 64 -11.08 -3.37 8.54
N SER A 65 -11.04 -2.27 7.78
CA SER A 65 -12.06 -2.00 6.78
C SER A 65 -11.44 -1.92 5.39
N LYS A 66 -12.28 -2.08 4.37
CA LYS A 66 -11.81 -2.02 2.99
C LYS A 66 -10.78 -0.91 2.80
N GLN A 67 -11.18 0.31 3.14
CA GLN A 67 -10.29 1.47 3.02
C GLN A 67 -9.03 1.28 3.87
N GLU A 68 -9.24 1.00 5.15
CA GLU A 68 -8.12 0.81 6.07
C GLU A 68 -7.08 -0.12 5.47
N ALA A 69 -7.54 -1.15 4.78
CA ALA A 69 -6.65 -2.13 4.15
C ALA A 69 -5.77 -1.45 3.10
N ARG A 70 -6.39 -0.67 2.22
CA ARG A 70 -5.65 0.02 1.17
C ARG A 70 -4.49 0.83 1.76
N ASN A 71 -4.77 1.59 2.80
CA ASN A 71 -3.75 2.40 3.44
C ASN A 71 -2.60 1.54 3.94
N ALA A 72 -2.92 0.35 4.42
CA ALA A 72 -1.91 -0.58 4.92
C ALA A 72 -1.06 -1.13 3.78
N ALA A 73 -1.72 -1.71 2.78
CA ALA A 73 -1.02 -2.28 1.63
C ALA A 73 -0.07 -1.25 1.01
N ALA A 74 -0.44 0.02 1.10
CA ALA A 74 0.37 1.10 0.55
C ALA A 74 1.64 1.31 1.37
N LYS A 75 1.50 1.18 2.70
CA LYS A 75 2.63 1.35 3.59
C LYS A 75 3.84 0.54 3.12
N LEU A 76 3.58 -0.69 2.69
CA LEU A 76 4.65 -1.56 2.22
C LEU A 76 5.19 -1.08 0.89
N ALA A 77 4.32 -0.56 0.04
CA ALA A 77 4.71 -0.06 -1.27
C ALA A 77 5.62 1.16 -1.14
N VAL A 78 5.09 2.22 -0.54
CA VAL A 78 5.86 3.45 -0.34
C VAL A 78 7.23 3.15 0.24
N ASP A 79 7.26 2.30 1.26
CA ASP A 79 8.52 1.93 1.91
C ASP A 79 9.54 1.46 0.89
N ILE A 80 9.05 0.84 -0.19
CA ILE A 80 9.93 0.34 -1.24
C ILE A 80 10.34 1.46 -2.20
N LEU A 81 9.35 2.15 -2.76
CA LEU A 81 9.61 3.24 -3.68
C LEU A 81 10.76 4.11 -3.19
N ASP A 82 10.69 4.52 -1.93
CA ASP A 82 11.72 5.35 -1.33
C ASP A 82 13.10 4.95 -1.84
N ASN A 83 13.37 3.64 -1.84
CA ASN A 83 14.65 3.12 -2.31
C ASN A 83 14.62 2.84 -3.80
N GLU A 84 13.45 2.47 -4.31
CA GLU A 84 13.28 2.17 -5.72
C GLU A 84 14.41 1.26 -6.22
N ASN A 85 14.96 0.47 -5.31
CA ASN A 85 16.04 -0.45 -5.66
C ASN A 85 15.49 -1.76 -6.20
N LYS A 86 14.49 -2.30 -5.51
CA LYS A 86 13.87 -3.56 -5.94
C LYS A 86 13.69 -3.60 -7.45
N VAL A 87 13.60 -4.81 -7.99
CA VAL A 87 13.43 -4.98 -9.43
C VAL A 87 12.29 -5.95 -9.74
N ASP A 88 11.51 -5.64 -10.77
CA ASP A 88 10.39 -6.47 -11.16
C ASP A 88 10.88 -7.80 -11.74
N CYS A 89 10.02 -8.81 -11.66
CA CYS A 89 10.37 -10.14 -12.16
C CYS A 89 10.18 -10.21 -13.68
N HIS A 90 10.69 -11.28 -14.28
CA HIS A 90 10.59 -11.47 -15.72
C HIS A 90 9.30 -12.21 -16.08
N THR A 91 8.88 -12.07 -17.33
CA THR A 91 7.66 -12.73 -17.80
C THR A 91 7.96 -14.11 -18.37
N SER A 92 8.80 -14.16 -19.40
CA SER A 92 9.17 -15.42 -20.03
C SER A 92 10.31 -16.08 -19.28
N GLY A 93 10.17 -17.38 -19.04
CA GLY A 93 11.21 -18.12 -18.34
C GLY A 93 12.45 -18.33 -19.18
N PRO A 94 13.52 -18.86 -18.55
CA PRO A 94 14.78 -19.12 -19.24
C PRO A 94 14.68 -20.26 -20.23
N SER A 95 15.80 -20.62 -20.84
CA SER A 95 15.83 -21.71 -21.83
C SER A 95 15.63 -23.06 -21.14
N SER A 96 15.56 -24.11 -21.96
CA SER A 96 15.36 -25.46 -21.44
C SER A 96 16.51 -25.87 -20.52
N GLY A 97 16.18 -26.24 -19.30
CA GLY A 97 17.21 -26.65 -18.34
C GLY A 97 17.28 -28.15 -18.18
N GLY A 1 -26.59 -1.67 3.81
CA GLY A 1 -26.97 -0.74 4.85
C GLY A 1 -25.78 -0.04 5.48
N SER A 2 -25.93 1.26 5.72
CA SER A 2 -24.85 2.05 6.32
C SER A 2 -25.31 2.69 7.62
N SER A 3 -24.89 2.11 8.74
CA SER A 3 -25.27 2.62 10.05
C SER A 3 -24.47 1.92 11.16
N GLY A 4 -23.66 2.69 11.88
CA GLY A 4 -22.87 2.13 12.95
C GLY A 4 -21.40 2.00 12.58
N SER A 5 -20.73 0.99 13.13
CA SER A 5 -19.32 0.77 12.86
C SER A 5 -18.50 2.02 13.19
N SER A 6 -18.77 2.60 14.35
CA SER A 6 -18.06 3.80 14.78
C SER A 6 -16.61 3.49 15.13
N GLY A 7 -15.74 4.49 15.00
CA GLY A 7 -14.33 4.30 15.30
C GLY A 7 -13.55 5.59 15.22
N MET A 8 -13.09 5.94 14.02
CA MET A 8 -12.32 7.16 13.83
C MET A 8 -11.30 7.35 14.95
N ALA A 9 -10.59 6.28 15.28
CA ALA A 9 -9.58 6.34 16.33
C ALA A 9 -8.19 6.05 15.78
N SER A 10 -7.59 7.05 15.15
CA SER A 10 -6.26 6.89 14.58
C SER A 10 -5.67 8.24 14.19
N ASP A 11 -4.38 8.27 13.90
CA ASP A 11 -3.69 9.50 13.52
C ASP A 11 -4.19 9.99 12.16
N THR A 12 -4.39 9.06 11.24
CA THR A 12 -4.87 9.41 9.89
C THR A 12 -5.46 8.20 9.20
N PRO A 13 -6.61 8.41 8.52
CA PRO A 13 -7.31 7.35 7.79
C PRO A 13 -6.55 6.88 6.56
N GLY A 14 -6.06 7.85 5.78
CA GLY A 14 -5.32 7.52 4.57
C GLY A 14 -4.15 8.45 4.35
N PHE A 15 -3.01 8.11 4.95
CA PHE A 15 -1.80 8.92 4.81
C PHE A 15 -0.92 8.41 3.68
N TYR A 16 -0.67 7.11 3.67
CA TYR A 16 0.16 6.49 2.65
C TYR A 16 -0.51 6.59 1.28
N MET A 17 -1.77 6.18 1.21
CA MET A 17 -2.52 6.23 -0.03
C MET A 17 -2.32 7.56 -0.74
N ASP A 18 -2.32 8.64 0.03
CA ASP A 18 -2.13 9.98 -0.52
C ASP A 18 -0.71 10.16 -1.04
N LYS A 19 0.26 9.63 -0.31
CA LYS A 19 1.66 9.73 -0.70
C LYS A 19 1.90 9.04 -2.04
N LEU A 20 1.14 7.98 -2.31
CA LEU A 20 1.27 7.23 -3.55
C LEU A 20 0.80 8.07 -4.74
N ASN A 21 -0.45 8.51 -4.69
CA ASN A 21 -1.01 9.32 -5.77
C ASN A 21 -0.13 10.53 -6.06
N LYS A 22 0.56 11.00 -5.05
CA LYS A 22 1.45 12.15 -5.19
C LYS A 22 2.73 11.76 -5.94
N TYR A 23 3.06 10.48 -5.89
CA TYR A 23 4.26 9.97 -6.55
C TYR A 23 3.92 9.44 -7.94
N ARG A 24 2.69 8.95 -8.10
CA ARG A 24 2.24 8.41 -9.37
C ARG A 24 2.15 9.51 -10.43
N GLN A 25 1.86 10.72 -9.99
CA GLN A 25 1.73 11.86 -10.89
C GLN A 25 3.08 12.54 -11.11
N MET A 26 3.92 12.47 -10.09
CA MET A 26 5.26 13.08 -10.16
C MET A 26 6.16 12.29 -11.09
N HIS A 27 6.14 10.97 -10.94
CA HIS A 27 6.97 10.08 -11.76
C HIS A 27 6.25 9.73 -13.05
N GLY A 28 4.94 9.54 -12.97
CA GLY A 28 4.16 9.20 -14.14
C GLY A 28 3.88 7.71 -14.24
N VAL A 29 3.50 7.10 -13.11
CA VAL A 29 3.21 5.68 -13.06
C VAL A 29 1.72 5.44 -12.85
N ALA A 30 1.29 4.20 -13.12
CA ALA A 30 -0.11 3.84 -12.96
C ALA A 30 -0.31 2.96 -11.73
N ILE A 31 -0.97 3.51 -10.72
CA ILE A 31 -1.22 2.77 -9.49
C ILE A 31 -2.61 2.13 -9.51
N THR A 32 -2.66 0.85 -9.18
CA THR A 32 -3.93 0.11 -9.15
C THR A 32 -4.10 -0.65 -7.85
N TYR A 33 -5.29 -0.56 -7.27
CA TYR A 33 -5.58 -1.25 -6.01
C TYR A 33 -6.44 -2.48 -6.26
N LYS A 34 -5.82 -3.65 -6.19
CA LYS A 34 -6.54 -4.91 -6.41
C LYS A 34 -7.18 -5.39 -5.11
N GLU A 35 -8.50 -5.52 -5.13
CA GLU A 35 -9.25 -5.97 -3.95
C GLU A 35 -9.12 -7.49 -3.79
N LEU A 36 -8.51 -7.91 -2.69
CA LEU A 36 -8.33 -9.32 -2.40
C LEU A 36 -9.45 -9.85 -1.50
N SER A 37 -9.48 -11.17 -1.33
CA SER A 37 -10.50 -11.80 -0.49
C SER A 37 -10.34 -11.38 0.97
N THR A 38 -11.29 -11.78 1.81
CA THR A 38 -11.25 -11.46 3.22
C THR A 38 -10.99 -12.70 4.07
N SER A 39 -10.10 -12.57 5.05
CA SER A 39 -9.75 -13.68 5.92
C SER A 39 -9.78 -13.24 7.39
N GLY A 40 -9.92 -14.21 8.28
CA GLY A 40 -9.95 -13.90 9.71
C GLY A 40 -11.20 -14.45 10.39
N PRO A 41 -11.40 -14.05 11.65
CA PRO A 41 -12.56 -14.50 12.44
C PRO A 41 -13.86 -13.90 11.94
N PRO A 42 -14.98 -14.42 12.46
CA PRO A 42 -16.32 -13.94 12.08
C PRO A 42 -16.61 -12.55 12.60
N HIS A 43 -16.37 -12.33 13.89
CA HIS A 43 -16.61 -11.04 14.51
C HIS A 43 -15.78 -9.94 13.82
N ASP A 44 -14.49 -10.19 13.70
CA ASP A 44 -13.59 -9.23 13.05
C ASP A 44 -13.13 -9.74 11.69
N ARG A 45 -13.53 -9.04 10.64
CA ARG A 45 -13.16 -9.41 9.29
C ARG A 45 -11.99 -8.56 8.77
N ARG A 46 -10.88 -9.22 8.46
CA ARG A 46 -9.71 -8.52 7.97
C ARG A 46 -9.64 -8.58 6.45
N PHE A 47 -9.77 -7.43 5.81
CA PHE A 47 -9.73 -7.34 4.36
C PHE A 47 -8.30 -7.13 3.86
N THR A 48 -7.88 -7.92 2.88
CA THR A 48 -6.55 -7.82 2.33
C THR A 48 -6.55 -7.03 1.03
N PHE A 49 -5.57 -6.15 0.87
CA PHE A 49 -5.46 -5.33 -0.33
C PHE A 49 -4.02 -5.29 -0.84
N GLN A 50 -3.83 -4.83 -2.06
CA GLN A 50 -2.52 -4.74 -2.67
C GLN A 50 -2.49 -3.70 -3.79
N VAL A 51 -1.40 -2.93 -3.85
CA VAL A 51 -1.25 -1.90 -4.87
C VAL A 51 -0.33 -2.37 -5.99
N LEU A 52 -0.51 -1.80 -7.17
CA LEU A 52 0.31 -2.15 -8.33
C LEU A 52 0.84 -0.91 -9.02
N ILE A 53 2.16 -0.73 -8.98
CA ILE A 53 2.79 0.42 -9.62
C ILE A 53 3.71 -0.01 -10.76
N ASP A 54 3.58 0.68 -11.89
CA ASP A 54 4.40 0.38 -13.06
C ASP A 54 4.29 -1.11 -13.42
N GLU A 55 3.09 -1.65 -13.30
CA GLU A 55 2.85 -3.05 -13.60
C GLU A 55 3.63 -3.96 -12.65
N LYS A 56 3.75 -3.52 -11.40
CA LYS A 56 4.46 -4.29 -10.38
C LYS A 56 3.50 -4.81 -9.33
N GLU A 57 3.76 -6.02 -8.84
CA GLU A 57 2.91 -6.63 -7.82
C GLU A 57 3.51 -6.44 -6.43
N PHE A 58 2.91 -5.58 -5.63
CA PHE A 58 3.39 -5.31 -4.28
C PHE A 58 2.79 -6.30 -3.29
N PRO A 59 3.45 -6.45 -2.14
CA PRO A 59 3.01 -7.37 -1.09
C PRO A 59 1.74 -6.87 -0.39
N GLU A 60 0.62 -7.52 -0.69
CA GLU A 60 -0.66 -7.14 -0.10
C GLU A 60 -0.53 -6.97 1.41
N ALA A 61 -1.60 -6.49 2.04
CA ALA A 61 -1.60 -6.27 3.49
C ALA A 61 -3.01 -6.44 4.06
N LYS A 62 -3.07 -6.75 5.35
CA LYS A 62 -4.36 -6.94 6.02
C LYS A 62 -4.81 -5.66 6.71
N GLY A 63 -6.11 -5.44 6.74
CA GLY A 63 -6.65 -4.25 7.38
C GLY A 63 -7.97 -4.51 8.07
N ARG A 64 -8.13 -3.94 9.26
CA ARG A 64 -9.36 -4.11 10.02
C ARG A 64 -10.59 -3.99 9.12
N SER A 65 -10.69 -2.85 8.43
CA SER A 65 -11.82 -2.59 7.53
C SER A 65 -11.36 -2.58 6.08
N LYS A 66 -12.31 -2.40 5.17
CA LYS A 66 -12.01 -2.37 3.74
C LYS A 66 -11.00 -1.27 3.43
N GLN A 67 -11.33 -0.04 3.80
CA GLN A 67 -10.44 1.09 3.55
C GLN A 67 -9.12 0.91 4.27
N GLU A 68 -9.17 0.70 5.58
CA GLU A 68 -7.97 0.51 6.39
C GLU A 68 -6.98 -0.40 5.68
N ALA A 69 -7.50 -1.39 4.96
CA ALA A 69 -6.66 -2.33 4.22
C ALA A 69 -5.88 -1.63 3.12
N ARG A 70 -6.54 -0.70 2.42
CA ARG A 70 -5.90 0.04 1.35
C ARG A 70 -4.69 0.81 1.85
N ASN A 71 -4.83 1.44 3.01
CA ASN A 71 -3.75 2.20 3.61
C ASN A 71 -2.55 1.32 3.90
N ALA A 72 -2.81 0.19 4.55
CA ALA A 72 -1.75 -0.76 4.90
C ALA A 72 -0.97 -1.18 3.65
N ALA A 73 -1.64 -1.83 2.73
CA ALA A 73 -1.02 -2.29 1.49
C ALA A 73 -0.10 -1.22 0.92
N ALA A 74 -0.52 0.04 1.04
CA ALA A 74 0.27 1.16 0.53
C ALA A 74 1.53 1.35 1.36
N LYS A 75 1.43 1.12 2.66
CA LYS A 75 2.57 1.27 3.56
C LYS A 75 3.78 0.52 3.03
N LEU A 76 3.59 -0.74 2.69
CA LEU A 76 4.67 -1.57 2.17
C LEU A 76 5.16 -1.03 0.82
N ALA A 77 4.23 -0.54 0.02
CA ALA A 77 4.56 0.00 -1.30
C ALA A 77 5.46 1.24 -1.18
N VAL A 78 4.93 2.27 -0.52
CA VAL A 78 5.68 3.51 -0.33
C VAL A 78 7.07 3.23 0.25
N ASP A 79 7.12 2.40 1.28
CA ASP A 79 8.38 2.05 1.92
C ASP A 79 9.44 1.67 0.88
N ILE A 80 9.04 0.85 -0.09
CA ILE A 80 9.96 0.42 -1.14
C ILE A 80 10.30 1.58 -2.08
N LEU A 81 9.27 2.15 -2.70
CA LEU A 81 9.47 3.27 -3.62
C LEU A 81 10.55 4.21 -3.12
N ASP A 82 10.40 4.68 -1.89
CA ASP A 82 11.37 5.59 -1.29
C ASP A 82 12.79 5.19 -1.66
N ASN A 83 13.06 3.89 -1.61
CA ASN A 83 14.38 3.38 -1.95
C ASN A 83 14.49 3.07 -3.44
N GLU A 84 13.37 2.67 -4.04
CA GLU A 84 13.34 2.35 -5.46
C GLU A 84 14.52 1.45 -5.84
N ASN A 85 15.01 0.70 -4.86
CA ASN A 85 16.14 -0.21 -5.09
C ASN A 85 15.68 -1.47 -5.81
N LYS A 86 14.90 -1.30 -6.88
CA LYS A 86 14.39 -2.43 -7.65
C LYS A 86 15.53 -3.36 -8.05
N VAL A 87 15.31 -4.66 -7.88
CA VAL A 87 16.31 -5.66 -8.24
C VAL A 87 16.85 -5.43 -9.64
N ASP A 88 18.14 -5.66 -9.82
CA ASP A 88 18.77 -5.48 -11.12
C ASP A 88 18.36 -6.59 -12.09
N CYS A 89 17.42 -6.27 -12.97
CA CYS A 89 16.93 -7.24 -13.96
C CYS A 89 16.56 -6.56 -15.26
N HIS A 90 16.22 -7.35 -16.27
CA HIS A 90 15.84 -6.82 -17.58
C HIS A 90 14.60 -5.95 -17.47
N THR A 91 14.79 -4.68 -17.13
CA THR A 91 13.68 -3.74 -16.99
C THR A 91 13.47 -2.95 -18.27
N SER A 92 12.23 -2.95 -18.76
CA SER A 92 11.89 -2.23 -19.98
C SER A 92 12.53 -0.84 -19.99
N GLY A 93 12.59 -0.23 -21.17
CA GLY A 93 13.17 1.10 -21.29
C GLY A 93 12.72 2.02 -20.19
N PRO A 94 13.62 2.92 -19.76
CA PRO A 94 13.33 3.89 -18.69
C PRO A 94 12.32 4.95 -19.13
N SER A 95 11.60 5.50 -18.16
CA SER A 95 10.59 6.52 -18.43
C SER A 95 11.13 7.91 -18.12
N SER A 96 10.89 8.85 -19.02
CA SER A 96 11.35 10.23 -18.84
C SER A 96 10.18 11.16 -18.52
N GLY A 97 10.03 11.49 -17.25
CA GLY A 97 8.96 12.36 -16.83
C GLY A 97 8.98 13.70 -17.54
N GLY A 1 -25.26 18.00 8.45
CA GLY A 1 -25.21 16.56 8.33
C GLY A 1 -23.82 16.01 8.55
N SER A 2 -23.48 14.97 7.79
CA SER A 2 -22.16 14.34 7.91
C SER A 2 -21.06 15.39 7.93
N SER A 3 -19.83 14.95 8.18
CA SER A 3 -18.68 15.85 8.23
C SER A 3 -17.39 15.10 7.95
N GLY A 4 -16.44 15.80 7.33
CA GLY A 4 -15.17 15.18 7.00
C GLY A 4 -14.04 16.18 6.96
N SER A 5 -13.17 16.06 5.95
CA SER A 5 -12.03 16.95 5.81
C SER A 5 -11.14 16.91 7.04
N SER A 6 -10.88 15.71 7.54
CA SER A 6 -10.05 15.53 8.72
C SER A 6 -8.66 15.04 8.33
N GLY A 7 -7.71 15.20 9.25
CA GLY A 7 -6.35 14.77 8.98
C GLY A 7 -5.45 14.91 10.19
N MET A 8 -5.86 14.30 11.31
CA MET A 8 -5.08 14.36 12.54
C MET A 8 -3.81 13.52 12.42
N ALA A 9 -2.98 13.58 13.45
CA ALA A 9 -1.72 12.83 13.46
C ALA A 9 -1.99 11.33 13.50
N SER A 10 -3.01 10.92 14.24
CA SER A 10 -3.37 9.52 14.36
C SER A 10 -4.73 9.24 13.73
N ASP A 11 -5.03 7.97 13.52
CA ASP A 11 -6.30 7.57 12.92
C ASP A 11 -6.51 8.25 11.58
N THR A 12 -5.42 8.45 10.84
CA THR A 12 -5.48 9.09 9.53
C THR A 12 -6.27 8.25 8.54
N PRO A 13 -7.14 8.92 7.77
CA PRO A 13 -7.98 8.25 6.77
C PRO A 13 -7.17 7.72 5.58
N GLY A 14 -6.26 8.56 5.08
CA GLY A 14 -5.44 8.16 3.96
C GLY A 14 -4.09 8.86 3.95
N PHE A 15 -3.14 8.34 4.72
CA PHE A 15 -1.81 8.92 4.80
C PHE A 15 -0.94 8.44 3.65
N TYR A 16 -0.65 7.14 3.64
CA TYR A 16 0.18 6.56 2.60
C TYR A 16 -0.50 6.67 1.22
N MET A 17 -1.77 6.26 1.17
CA MET A 17 -2.52 6.31 -0.08
C MET A 17 -2.33 7.66 -0.77
N ASP A 18 -2.33 8.73 0.01
CA ASP A 18 -2.16 10.07 -0.53
C ASP A 18 -0.74 10.27 -1.03
N LYS A 19 0.22 9.63 -0.37
CA LYS A 19 1.62 9.75 -0.77
C LYS A 19 1.87 9.03 -2.09
N LEU A 20 1.21 7.89 -2.27
CA LEU A 20 1.36 7.11 -3.50
C LEU A 20 1.00 7.95 -4.73
N ASN A 21 -0.20 8.53 -4.69
CA ASN A 21 -0.67 9.36 -5.80
C ASN A 21 0.35 10.46 -6.14
N LYS A 22 0.67 11.27 -5.14
CA LYS A 22 1.63 12.35 -5.32
C LYS A 22 2.88 11.87 -6.03
N TYR A 23 3.11 10.55 -5.99
CA TYR A 23 4.28 9.96 -6.63
C TYR A 23 3.92 9.46 -8.03
N ARG A 24 2.72 8.92 -8.17
CA ARG A 24 2.26 8.40 -9.46
C ARG A 24 2.09 9.53 -10.48
N GLN A 25 1.73 10.70 -9.98
CA GLN A 25 1.53 11.86 -10.85
C GLN A 25 2.85 12.59 -11.10
N MET A 26 3.82 12.37 -10.20
CA MET A 26 5.12 13.00 -10.32
C MET A 26 6.01 12.24 -11.29
N HIS A 27 6.16 10.94 -11.05
CA HIS A 27 6.99 10.09 -11.90
C HIS A 27 6.26 9.75 -13.19
N GLY A 28 4.94 9.55 -13.10
CA GLY A 28 4.16 9.22 -14.26
C GLY A 28 3.89 7.72 -14.38
N VAL A 29 3.52 7.10 -13.27
CA VAL A 29 3.24 5.67 -13.26
C VAL A 29 1.74 5.41 -13.12
N ALA A 30 1.37 4.13 -13.10
CA ALA A 30 -0.03 3.74 -12.95
C ALA A 30 -0.24 2.88 -11.71
N ILE A 31 -0.93 3.44 -10.73
CA ILE A 31 -1.20 2.73 -9.49
C ILE A 31 -2.58 2.08 -9.51
N THR A 32 -2.63 0.79 -9.19
CA THR A 32 -3.89 0.05 -9.17
C THR A 32 -4.06 -0.72 -7.88
N TYR A 33 -5.21 -0.55 -7.23
CA TYR A 33 -5.49 -1.23 -5.98
C TYR A 33 -6.41 -2.43 -6.21
N LYS A 34 -5.82 -3.62 -6.16
CA LYS A 34 -6.59 -4.85 -6.37
C LYS A 34 -7.30 -5.26 -5.08
N GLU A 35 -8.58 -5.62 -5.21
CA GLU A 35 -9.36 -6.04 -4.06
C GLU A 35 -9.26 -7.55 -3.84
N LEU A 36 -8.54 -7.93 -2.80
CA LEU A 36 -8.35 -9.34 -2.49
C LEU A 36 -9.53 -9.87 -1.67
N SER A 37 -9.48 -11.16 -1.34
CA SER A 37 -10.54 -11.79 -0.56
C SER A 37 -10.36 -11.55 0.92
N THR A 38 -11.34 -11.95 1.72
CA THR A 38 -11.29 -11.77 3.16
C THR A 38 -10.66 -12.98 3.85
N SER A 39 -9.97 -12.74 4.95
CA SER A 39 -9.32 -13.82 5.69
C SER A 39 -9.40 -13.56 7.19
N GLY A 40 -9.48 -14.65 7.96
CA GLY A 40 -9.56 -14.53 9.41
C GLY A 40 -10.73 -15.30 9.99
N PRO A 41 -11.01 -15.08 11.28
CA PRO A 41 -12.12 -15.75 11.98
C PRO A 41 -13.47 -15.28 11.49
N PRO A 42 -14.53 -16.00 11.92
CA PRO A 42 -15.90 -15.67 11.54
C PRO A 42 -16.40 -14.38 12.19
N HIS A 43 -16.08 -14.21 13.48
CA HIS A 43 -16.49 -13.02 14.21
C HIS A 43 -15.78 -11.77 13.67
N ASP A 44 -14.46 -11.86 13.53
CA ASP A 44 -13.67 -10.74 13.03
C ASP A 44 -13.17 -11.04 11.61
N ARG A 45 -13.65 -10.25 10.65
CA ARG A 45 -13.25 -10.41 9.26
C ARG A 45 -12.23 -9.36 8.85
N ARG A 46 -11.08 -9.81 8.35
CA ARG A 46 -10.03 -8.90 7.92
C ARG A 46 -9.96 -8.80 6.41
N PHE A 47 -10.03 -7.58 5.89
CA PHE A 47 -9.98 -7.36 4.45
C PHE A 47 -8.55 -7.10 3.98
N THR A 48 -8.13 -7.82 2.95
CA THR A 48 -6.79 -7.66 2.41
C THR A 48 -6.80 -6.84 1.11
N PHE A 49 -5.74 -6.08 0.89
CA PHE A 49 -5.63 -5.25 -0.30
C PHE A 49 -4.19 -5.15 -0.76
N GLN A 50 -3.99 -4.84 -2.04
CA GLN A 50 -2.66 -4.71 -2.61
C GLN A 50 -2.61 -3.62 -3.67
N VAL A 51 -1.43 -3.06 -3.89
CA VAL A 51 -1.26 -2.01 -4.89
C VAL A 51 -0.33 -2.45 -6.01
N LEU A 52 -0.51 -1.87 -7.19
CA LEU A 52 0.31 -2.21 -8.34
C LEU A 52 0.83 -0.96 -9.02
N ILE A 53 2.14 -0.76 -8.99
CA ILE A 53 2.76 0.40 -9.60
C ILE A 53 3.73 -0.01 -10.72
N ASP A 54 3.47 0.48 -11.92
CA ASP A 54 4.31 0.16 -13.07
C ASP A 54 4.30 -1.33 -13.36
N GLU A 55 3.10 -1.91 -13.38
CA GLU A 55 2.95 -3.34 -13.64
C GLU A 55 3.70 -4.18 -12.59
N LYS A 56 3.87 -3.61 -11.40
CA LYS A 56 4.58 -4.29 -10.33
C LYS A 56 3.59 -4.80 -9.28
N GLU A 57 3.85 -6.00 -8.75
CA GLU A 57 3.00 -6.60 -7.75
C GLU A 57 3.57 -6.39 -6.35
N PHE A 58 2.92 -5.54 -5.56
CA PHE A 58 3.37 -5.26 -4.21
C PHE A 58 2.77 -6.25 -3.21
N PRO A 59 3.43 -6.40 -2.06
CA PRO A 59 2.98 -7.31 -1.00
C PRO A 59 1.69 -6.84 -0.33
N GLU A 60 0.58 -7.50 -0.65
CA GLU A 60 -0.71 -7.14 -0.07
C GLU A 60 -0.59 -6.97 1.44
N ALA A 61 -1.69 -6.54 2.07
CA ALA A 61 -1.72 -6.33 3.50
C ALA A 61 -3.14 -6.48 4.05
N LYS A 62 -3.24 -6.79 5.34
CA LYS A 62 -4.54 -6.95 5.99
C LYS A 62 -4.97 -5.67 6.66
N GLY A 63 -6.28 -5.50 6.81
CA GLY A 63 -6.81 -4.30 7.45
C GLY A 63 -8.19 -4.51 8.03
N ARG A 64 -8.44 -3.92 9.19
CA ARG A 64 -9.73 -4.05 9.85
C ARG A 64 -10.88 -3.71 8.90
N SER A 65 -10.85 -2.49 8.36
CA SER A 65 -11.89 -2.05 7.44
C SER A 65 -11.35 -2.00 6.01
N LYS A 66 -12.25 -2.14 5.04
CA LYS A 66 -11.86 -2.11 3.64
C LYS A 66 -10.86 -1.00 3.37
N GLN A 67 -11.13 0.19 3.89
CA GLN A 67 -10.25 1.33 3.70
C GLN A 67 -8.94 1.14 4.47
N GLU A 68 -9.05 0.67 5.71
CA GLU A 68 -7.87 0.43 6.54
C GLU A 68 -6.89 -0.50 5.83
N ALA A 69 -7.42 -1.46 5.07
CA ALA A 69 -6.58 -2.41 4.35
C ALA A 69 -5.77 -1.71 3.28
N ARG A 70 -6.41 -0.86 2.50
CA ARG A 70 -5.73 -0.13 1.43
C ARG A 70 -4.55 0.67 1.99
N ASN A 71 -4.79 1.39 3.08
CA ASN A 71 -3.75 2.20 3.70
C ASN A 71 -2.56 1.33 4.09
N ALA A 72 -2.83 0.15 4.62
CA ALA A 72 -1.79 -0.78 5.03
C ALA A 72 -0.98 -1.25 3.83
N ALA A 73 -1.67 -1.75 2.82
CA ALA A 73 -1.01 -2.24 1.61
C ALA A 73 -0.11 -1.16 1.00
N ALA A 74 -0.55 0.08 1.09
CA ALA A 74 0.21 1.20 0.54
C ALA A 74 1.48 1.44 1.35
N LYS A 75 1.40 1.23 2.66
CA LYS A 75 2.55 1.42 3.53
C LYS A 75 3.76 0.64 3.03
N LEU A 76 3.54 -0.63 2.70
CA LEU A 76 4.62 -1.48 2.20
C LEU A 76 5.14 -0.96 0.86
N ALA A 77 4.23 -0.47 0.03
CA ALA A 77 4.59 0.05 -1.28
C ALA A 77 5.48 1.29 -1.15
N VAL A 78 4.97 2.31 -0.48
CA VAL A 78 5.72 3.55 -0.28
C VAL A 78 7.09 3.27 0.33
N ASP A 79 7.13 2.37 1.30
CA ASP A 79 8.38 2.02 1.97
C ASP A 79 9.43 1.58 0.94
N ILE A 80 8.98 0.90 -0.10
CA ILE A 80 9.88 0.43 -1.16
C ILE A 80 10.28 1.57 -2.08
N LEU A 81 9.30 2.23 -2.66
CA LEU A 81 9.55 3.34 -3.57
C LEU A 81 10.69 4.21 -3.07
N ASP A 82 10.57 4.69 -1.84
CA ASP A 82 11.60 5.53 -1.23
C ASP A 82 12.99 5.06 -1.64
N ASN A 83 13.20 3.75 -1.62
CA ASN A 83 14.49 3.17 -1.99
C ASN A 83 14.55 2.90 -3.49
N GLU A 84 13.41 2.54 -4.07
CA GLU A 84 13.33 2.25 -5.49
C GLU A 84 14.46 1.32 -5.93
N ASN A 85 14.97 0.54 -4.97
CA ASN A 85 16.06 -0.39 -5.25
C ASN A 85 15.51 -1.76 -5.66
N LYS A 86 14.74 -2.37 -4.77
CA LYS A 86 14.15 -3.68 -5.04
C LYS A 86 13.79 -3.82 -6.51
N VAL A 87 14.47 -4.73 -7.20
CA VAL A 87 14.22 -4.98 -8.62
C VAL A 87 13.39 -6.23 -8.83
N ASP A 88 12.57 -6.23 -9.88
CA ASP A 88 11.72 -7.37 -10.20
C ASP A 88 11.56 -7.52 -11.70
N CYS A 89 11.87 -8.71 -12.21
CA CYS A 89 11.76 -8.99 -13.64
C CYS A 89 10.39 -9.54 -13.97
N HIS A 90 9.67 -8.86 -14.85
CA HIS A 90 8.33 -9.28 -15.26
C HIS A 90 8.15 -9.14 -16.77
N THR A 91 8.14 -10.27 -17.46
CA THR A 91 7.97 -10.27 -18.92
C THR A 91 6.65 -10.93 -19.31
N SER A 92 5.58 -10.15 -19.28
CA SER A 92 4.25 -10.64 -19.64
C SER A 92 3.33 -9.51 -20.05
N GLY A 93 2.84 -9.55 -21.28
CA GLY A 93 1.94 -8.52 -21.77
C GLY A 93 0.63 -9.07 -22.28
N PRO A 94 -0.30 -9.33 -21.35
CA PRO A 94 -1.63 -9.87 -21.68
C PRO A 94 -2.49 -8.86 -22.41
N SER A 95 -3.72 -9.28 -22.76
CA SER A 95 -4.64 -8.40 -23.47
C SER A 95 -4.60 -6.99 -22.90
N SER A 96 -4.86 -6.00 -23.75
CA SER A 96 -4.85 -4.61 -23.34
C SER A 96 -6.27 -4.08 -23.19
N GLY A 97 -7.13 -4.40 -24.16
CA GLY A 97 -8.51 -3.95 -24.11
C GLY A 97 -9.10 -3.78 -25.49
N GLY A 1 -17.54 14.12 8.95
CA GLY A 1 -18.43 12.97 8.90
C GLY A 1 -17.72 11.68 9.28
N SER A 2 -18.13 10.59 8.64
CA SER A 2 -17.53 9.29 8.92
C SER A 2 -16.31 9.05 8.04
N SER A 3 -15.47 10.07 7.91
CA SER A 3 -14.26 9.98 7.09
C SER A 3 -13.35 8.86 7.60
N GLY A 4 -13.02 8.91 8.88
CA GLY A 4 -12.16 7.90 9.46
C GLY A 4 -11.86 8.17 10.93
N SER A 5 -12.20 7.21 11.79
CA SER A 5 -11.98 7.35 13.22
C SER A 5 -11.14 6.19 13.75
N SER A 6 -11.67 4.97 13.62
CA SER A 6 -10.99 3.78 14.09
C SER A 6 -9.55 3.74 13.56
N GLY A 7 -8.76 2.81 14.09
CA GLY A 7 -7.38 2.69 13.66
C GLY A 7 -6.73 4.03 13.40
N MET A 8 -6.90 4.97 14.34
CA MET A 8 -6.32 6.29 14.21
C MET A 8 -4.84 6.21 13.83
N ALA A 9 -4.50 6.76 12.68
CA ALA A 9 -3.12 6.76 12.20
C ALA A 9 -2.68 8.14 11.77
N SER A 10 -1.84 8.78 12.58
CA SER A 10 -1.35 10.12 12.28
C SER A 10 -2.51 11.07 12.02
N ASP A 11 -3.65 10.81 12.66
CA ASP A 11 -4.83 11.65 12.49
C ASP A 11 -5.21 11.77 11.01
N THR A 12 -5.05 10.68 10.28
CA THR A 12 -5.38 10.66 8.86
C THR A 12 -5.92 9.31 8.44
N PRO A 13 -6.97 9.32 7.59
CA PRO A 13 -7.61 8.11 7.09
C PRO A 13 -6.72 7.34 6.12
N GLY A 14 -6.15 8.05 5.15
CA GLY A 14 -5.27 7.43 4.18
C GLY A 14 -4.06 8.26 3.85
N PHE A 15 -3.14 8.36 4.81
CA PHE A 15 -1.93 9.15 4.62
C PHE A 15 -1.03 8.52 3.55
N TYR A 16 -0.79 7.23 3.68
CA TYR A 16 0.05 6.51 2.72
C TYR A 16 -0.57 6.53 1.33
N MET A 17 -1.89 6.32 1.27
CA MET A 17 -2.60 6.31 -0.01
C MET A 17 -2.42 7.64 -0.73
N ASP A 18 -2.22 8.71 0.03
CA ASP A 18 -2.04 10.04 -0.53
C ASP A 18 -0.62 10.20 -1.07
N LYS A 19 0.33 9.54 -0.42
CA LYS A 19 1.72 9.62 -0.84
C LYS A 19 1.95 8.93 -2.18
N LEU A 20 1.17 7.87 -2.42
CA LEU A 20 1.27 7.12 -3.67
C LEU A 20 0.81 7.96 -4.84
N ASN A 21 -0.47 8.34 -4.83
CA ASN A 21 -1.04 9.15 -5.90
C ASN A 21 -0.19 10.39 -6.16
N LYS A 22 0.51 10.85 -5.13
CA LYS A 22 1.36 12.03 -5.24
C LYS A 22 2.68 11.68 -5.93
N TYR A 23 3.06 10.41 -5.86
CA TYR A 23 4.30 9.94 -6.48
C TYR A 23 4.03 9.38 -7.87
N ARG A 24 2.79 8.97 -8.11
CA ARG A 24 2.41 8.41 -9.40
C ARG A 24 2.34 9.49 -10.47
N GLN A 25 1.99 10.71 -10.05
CA GLN A 25 1.88 11.83 -10.96
C GLN A 25 3.26 12.44 -11.25
N MET A 26 4.04 12.64 -10.20
CA MET A 26 5.38 13.20 -10.34
C MET A 26 6.23 12.36 -11.28
N HIS A 27 6.18 11.04 -11.12
CA HIS A 27 6.94 10.13 -11.95
C HIS A 27 6.19 9.83 -13.25
N GLY A 28 4.90 9.55 -13.14
CA GLY A 28 4.09 9.25 -14.31
C GLY A 28 3.79 7.77 -14.44
N VAL A 29 3.61 7.11 -13.31
CA VAL A 29 3.31 5.67 -13.30
C VAL A 29 1.81 5.42 -13.17
N ALA A 30 1.43 4.15 -13.09
CA ALA A 30 0.04 3.78 -12.97
C ALA A 30 -0.19 2.93 -11.71
N ILE A 31 -0.88 3.51 -10.73
CA ILE A 31 -1.17 2.82 -9.49
C ILE A 31 -2.56 2.20 -9.50
N THR A 32 -2.64 0.91 -9.19
CA THR A 32 -3.90 0.20 -9.17
C THR A 32 -4.10 -0.55 -7.86
N TYR A 33 -5.29 -0.39 -7.26
CA TYR A 33 -5.60 -1.05 -6.00
C TYR A 33 -6.53 -2.23 -6.22
N LYS A 34 -5.98 -3.44 -6.16
CA LYS A 34 -6.77 -4.65 -6.35
C LYS A 34 -7.47 -5.06 -5.05
N GLU A 35 -8.59 -5.75 -5.17
CA GLU A 35 -9.35 -6.20 -4.02
C GLU A 35 -9.20 -7.70 -3.81
N LEU A 36 -8.43 -8.09 -2.79
CA LEU A 36 -8.21 -9.49 -2.50
C LEU A 36 -9.29 -10.04 -1.56
N SER A 37 -9.35 -11.36 -1.44
CA SER A 37 -10.35 -12.00 -0.59
C SER A 37 -10.18 -11.54 0.86
N THR A 38 -10.99 -12.12 1.75
CA THR A 38 -10.94 -11.76 3.16
C THR A 38 -10.58 -12.98 4.02
N SER A 39 -9.58 -12.81 4.87
CA SER A 39 -9.13 -13.89 5.75
C SER A 39 -9.28 -13.50 7.21
N GLY A 40 -9.29 -14.51 8.09
CA GLY A 40 -9.44 -14.25 9.51
C GLY A 40 -10.62 -14.99 10.11
N PRO A 41 -10.89 -14.71 11.40
CA PRO A 41 -12.00 -15.35 12.12
C PRO A 41 -13.36 -14.87 11.62
N PRO A 42 -14.43 -15.55 12.07
CA PRO A 42 -15.80 -15.21 11.69
C PRO A 42 -16.26 -13.89 12.30
N HIS A 43 -16.05 -13.74 13.60
CA HIS A 43 -16.45 -12.53 14.31
C HIS A 43 -15.77 -11.30 13.70
N ASP A 44 -14.45 -11.37 13.57
CA ASP A 44 -13.67 -10.26 13.02
C ASP A 44 -13.14 -10.63 11.64
N ARG A 45 -13.61 -9.91 10.62
CA ARG A 45 -13.18 -10.16 9.25
C ARG A 45 -12.13 -9.13 8.81
N ARG A 46 -11.01 -9.61 8.31
CA ARG A 46 -9.94 -8.74 7.85
C ARG A 46 -9.83 -8.74 6.34
N PHE A 47 -9.97 -7.56 5.75
CA PHE A 47 -9.89 -7.42 4.29
C PHE A 47 -8.46 -7.21 3.83
N THR A 48 -8.06 -7.92 2.78
CA THR A 48 -6.71 -7.81 2.25
C THR A 48 -6.69 -7.02 0.95
N PHE A 49 -5.79 -6.06 0.85
CA PHE A 49 -5.67 -5.23 -0.34
C PHE A 49 -4.21 -5.11 -0.78
N GLN A 50 -4.01 -4.67 -2.02
CA GLN A 50 -2.67 -4.52 -2.57
C GLN A 50 -2.64 -3.44 -3.63
N VAL A 51 -1.43 -2.95 -3.94
CA VAL A 51 -1.27 -1.91 -4.94
C VAL A 51 -0.36 -2.38 -6.08
N LEU A 52 -0.56 -1.81 -7.27
CA LEU A 52 0.23 -2.17 -8.43
C LEU A 52 0.76 -0.94 -9.14
N ILE A 53 2.08 -0.79 -9.18
CA ILE A 53 2.71 0.35 -9.83
C ILE A 53 3.62 -0.10 -10.97
N ASP A 54 3.42 0.49 -12.14
CA ASP A 54 4.22 0.16 -13.32
C ASP A 54 4.15 -1.33 -13.62
N GLU A 55 2.95 -1.90 -13.50
CA GLU A 55 2.74 -3.32 -13.76
C GLU A 55 3.49 -4.17 -12.74
N LYS A 56 3.69 -3.61 -11.55
CA LYS A 56 4.40 -4.32 -10.48
C LYS A 56 3.41 -4.82 -9.42
N GLU A 57 3.71 -6.00 -8.86
CA GLU A 57 2.85 -6.59 -7.84
C GLU A 57 3.45 -6.38 -6.45
N PHE A 58 2.79 -5.57 -5.63
CA PHE A 58 3.26 -5.30 -4.29
C PHE A 58 2.66 -6.29 -3.29
N PRO A 59 3.32 -6.44 -2.14
CA PRO A 59 2.88 -7.37 -1.08
C PRO A 59 1.61 -6.88 -0.39
N GLU A 60 0.49 -7.51 -0.72
CA GLU A 60 -0.80 -7.14 -0.12
C GLU A 60 -0.68 -7.03 1.40
N ALA A 61 -1.75 -6.56 2.04
CA ALA A 61 -1.77 -6.41 3.48
C ALA A 61 -3.20 -6.47 4.02
N LYS A 62 -3.33 -6.78 5.30
CA LYS A 62 -4.64 -6.88 5.95
C LYS A 62 -4.98 -5.58 6.67
N GLY A 63 -6.27 -5.31 6.80
CA GLY A 63 -6.71 -4.09 7.48
C GLY A 63 -8.05 -4.27 8.16
N ARG A 64 -8.17 -3.74 9.38
CA ARG A 64 -9.40 -3.84 10.14
C ARG A 64 -10.61 -3.65 9.23
N SER A 65 -10.65 -2.52 8.53
CA SER A 65 -11.75 -2.22 7.63
C SER A 65 -11.27 -2.11 6.19
N LYS A 66 -12.21 -2.17 5.25
CA LYS A 66 -11.88 -2.07 3.83
C LYS A 66 -10.91 -0.92 3.58
N GLN A 67 -11.22 0.24 4.14
CA GLN A 67 -10.38 1.42 3.98
C GLN A 67 -9.03 1.24 4.68
N GLU A 68 -9.08 0.71 5.89
CA GLU A 68 -7.87 0.48 6.68
C GLU A 68 -6.90 -0.42 5.92
N ALA A 69 -7.43 -1.35 5.15
CA ALA A 69 -6.61 -2.27 4.37
C ALA A 69 -5.84 -1.53 3.28
N ARG A 70 -6.57 -0.75 2.48
CA ARG A 70 -5.95 0.01 1.39
C ARG A 70 -4.76 0.82 1.91
N ASN A 71 -4.96 1.50 3.03
CA ASN A 71 -3.91 2.32 3.63
C ASN A 71 -2.68 1.47 3.95
N ALA A 72 -2.91 0.34 4.61
CA ALA A 72 -1.83 -0.56 4.98
C ALA A 72 -1.03 -1.00 3.75
N ALA A 73 -1.72 -1.63 2.81
CA ALA A 73 -1.09 -2.10 1.58
C ALA A 73 -0.09 -1.07 1.05
N ALA A 74 -0.52 0.19 1.04
CA ALA A 74 0.33 1.27 0.56
C ALA A 74 1.59 1.41 1.41
N LYS A 75 1.44 1.20 2.72
CA LYS A 75 2.56 1.30 3.64
C LYS A 75 3.75 0.50 3.14
N LEU A 76 3.49 -0.73 2.72
CA LEU A 76 4.55 -1.61 2.22
C LEU A 76 5.11 -1.08 0.90
N ALA A 77 4.23 -0.58 0.05
CA ALA A 77 4.63 -0.03 -1.24
C ALA A 77 5.52 1.20 -1.06
N VAL A 78 4.95 2.25 -0.49
CA VAL A 78 5.68 3.49 -0.27
C VAL A 78 7.06 3.21 0.32
N ASP A 79 7.10 2.31 1.31
CA ASP A 79 8.36 1.95 1.96
C ASP A 79 9.38 1.46 0.93
N ILE A 80 8.90 0.75 -0.08
CA ILE A 80 9.77 0.22 -1.12
C ILE A 80 10.24 1.32 -2.06
N LEU A 81 9.28 2.09 -2.60
CA LEU A 81 9.60 3.19 -3.51
C LEU A 81 10.76 4.02 -2.97
N ASP A 82 10.62 4.52 -1.76
CA ASP A 82 11.66 5.32 -1.13
C ASP A 82 13.04 4.76 -1.43
N ASN A 83 13.10 3.45 -1.63
CA ASN A 83 14.37 2.78 -1.92
C ASN A 83 14.48 2.46 -3.41
N GLU A 84 13.35 2.20 -4.05
CA GLU A 84 13.32 1.88 -5.46
C GLU A 84 14.32 0.78 -5.79
N ASN A 85 14.62 -0.06 -4.80
CA ASN A 85 15.56 -1.15 -4.98
C ASN A 85 14.91 -2.49 -4.66
N LYS A 86 14.38 -3.15 -5.68
CA LYS A 86 13.73 -4.44 -5.51
C LYS A 86 14.75 -5.52 -5.17
N VAL A 87 14.33 -6.49 -4.37
CA VAL A 87 15.21 -7.59 -3.97
C VAL A 87 16.13 -8.00 -5.12
N ASP A 88 17.42 -8.15 -4.80
CA ASP A 88 18.40 -8.53 -5.81
C ASP A 88 18.05 -9.88 -6.43
N CYS A 89 18.67 -10.19 -7.55
CA CYS A 89 18.43 -11.44 -8.25
C CYS A 89 19.39 -12.53 -7.77
N HIS A 90 19.03 -13.78 -8.02
CA HIS A 90 19.86 -14.91 -7.62
C HIS A 90 20.29 -15.74 -8.83
N THR A 91 21.17 -16.71 -8.59
CA THR A 91 21.66 -17.56 -9.66
C THR A 91 21.42 -19.04 -9.34
N SER A 92 21.41 -19.86 -10.39
CA SER A 92 21.18 -21.29 -10.22
C SER A 92 22.50 -22.04 -10.04
N GLY A 93 23.46 -21.75 -10.90
CA GLY A 93 24.76 -22.39 -10.82
C GLY A 93 24.75 -23.78 -11.43
N PRO A 94 25.74 -24.61 -11.04
CA PRO A 94 25.87 -25.97 -11.55
C PRO A 94 24.77 -26.89 -11.01
N SER A 95 24.75 -28.13 -11.50
CA SER A 95 23.75 -29.10 -11.08
C SER A 95 23.46 -28.96 -9.58
N SER A 96 24.50 -29.10 -8.76
CA SER A 96 24.35 -29.00 -7.32
C SER A 96 25.42 -28.08 -6.73
N GLY A 97 25.24 -27.70 -5.47
CA GLY A 97 26.19 -26.84 -4.81
C GLY A 97 25.72 -25.39 -4.74
N GLY A 1 -15.34 11.94 16.46
CA GLY A 1 -14.65 12.04 15.17
C GLY A 1 -13.15 11.83 15.30
N SER A 2 -12.41 12.39 14.36
CA SER A 2 -10.95 12.26 14.35
C SER A 2 -10.28 13.50 14.95
N SER A 3 -9.44 13.29 15.95
CA SER A 3 -8.75 14.39 16.60
C SER A 3 -7.24 14.18 16.57
N GLY A 4 -6.57 14.90 15.67
CA GLY A 4 -5.12 14.76 15.56
C GLY A 4 -4.39 15.97 16.10
N SER A 5 -3.30 16.36 15.44
CA SER A 5 -2.51 17.50 15.87
C SER A 5 -1.98 17.28 17.28
N SER A 6 -1.47 16.08 17.55
CA SER A 6 -0.94 15.75 18.86
C SER A 6 0.05 14.59 18.77
N GLY A 7 0.96 14.52 19.73
CA GLY A 7 1.95 13.46 19.74
C GLY A 7 1.38 12.14 20.21
N MET A 8 0.22 11.77 19.68
CA MET A 8 -0.43 10.52 20.06
C MET A 8 -0.88 9.76 18.82
N ALA A 9 -0.58 8.46 18.78
CA ALA A 9 -0.96 7.62 17.65
C ALA A 9 -2.41 7.86 17.26
N SER A 10 -2.71 7.67 15.97
CA SER A 10 -4.06 7.87 15.46
C SER A 10 -4.36 6.90 14.32
N ASP A 11 -5.61 6.91 13.86
CA ASP A 11 -6.03 6.03 12.77
C ASP A 11 -6.42 6.85 11.54
N THR A 12 -5.43 7.29 10.78
CA THR A 12 -5.67 8.08 9.58
C THR A 12 -6.45 7.28 8.55
N PRO A 13 -7.43 7.93 7.92
CA PRO A 13 -8.27 7.30 6.89
C PRO A 13 -7.51 7.03 5.60
N GLY A 14 -6.46 7.82 5.37
CA GLY A 14 -5.66 7.63 4.17
C GLY A 14 -4.39 8.47 4.18
N PHE A 15 -3.36 7.96 4.85
CA PHE A 15 -2.09 8.67 4.94
C PHE A 15 -1.16 8.27 3.80
N TYR A 16 -0.69 7.03 3.83
CA TYR A 16 0.21 6.53 2.79
C TYR A 16 -0.39 6.73 1.41
N MET A 17 -1.66 6.36 1.27
CA MET A 17 -2.36 6.49 -0.01
C MET A 17 -2.07 7.86 -0.64
N ASP A 18 -2.16 8.91 0.17
CA ASP A 18 -1.92 10.26 -0.30
C ASP A 18 -0.49 10.41 -0.83
N LYS A 19 0.42 9.64 -0.25
CA LYS A 19 1.82 9.68 -0.64
C LYS A 19 2.04 8.94 -1.97
N LEU A 20 1.28 7.87 -2.16
CA LEU A 20 1.38 7.08 -3.39
C LEU A 20 0.96 7.90 -4.61
N ASN A 21 -0.26 8.42 -4.57
CA ASN A 21 -0.78 9.22 -5.66
C ASN A 21 0.15 10.38 -5.99
N LYS A 22 0.48 11.17 -4.96
CA LYS A 22 1.37 12.31 -5.14
C LYS A 22 2.64 11.91 -5.88
N TYR A 23 2.95 10.61 -5.86
CA TYR A 23 4.13 10.09 -6.53
C TYR A 23 3.79 9.58 -7.92
N ARG A 24 2.63 8.96 -8.05
CA ARG A 24 2.19 8.43 -9.34
C ARG A 24 1.97 9.55 -10.35
N GLN A 25 1.35 10.63 -9.89
CA GLN A 25 1.08 11.79 -10.75
C GLN A 25 2.38 12.52 -11.09
N MET A 26 3.34 12.48 -10.18
CA MET A 26 4.62 13.14 -10.38
C MET A 26 5.49 12.35 -11.36
N HIS A 27 5.88 11.15 -10.95
CA HIS A 27 6.72 10.29 -11.79
C HIS A 27 5.99 9.92 -13.08
N GLY A 28 4.68 9.68 -12.97
CA GLY A 28 3.90 9.32 -14.14
C GLY A 28 3.67 7.82 -14.25
N VAL A 29 3.38 7.18 -13.13
CA VAL A 29 3.13 5.75 -13.10
C VAL A 29 1.65 5.44 -12.89
N ALA A 30 1.27 4.20 -13.17
CA ALA A 30 -0.12 3.78 -13.02
C ALA A 30 -0.29 2.91 -11.77
N ILE A 31 -1.02 3.43 -10.80
CA ILE A 31 -1.26 2.70 -9.55
C ILE A 31 -2.64 2.04 -9.55
N THR A 32 -2.68 0.74 -9.28
CA THR A 32 -3.93 0.01 -9.24
C THR A 32 -4.07 -0.78 -7.95
N TYR A 33 -5.22 -0.63 -7.29
CA TYR A 33 -5.47 -1.32 -6.03
C TYR A 33 -6.33 -2.57 -6.26
N LYS A 34 -5.69 -3.73 -6.22
CA LYS A 34 -6.39 -5.00 -6.43
C LYS A 34 -7.04 -5.48 -5.13
N GLU A 35 -8.36 -5.57 -5.13
CA GLU A 35 -9.11 -6.01 -3.96
C GLU A 35 -8.97 -7.52 -3.77
N LEU A 36 -8.52 -7.93 -2.60
CA LEU A 36 -8.35 -9.36 -2.29
C LEU A 36 -9.51 -9.87 -1.45
N SER A 37 -9.59 -11.19 -1.31
CA SER A 37 -10.65 -11.81 -0.53
C SER A 37 -10.47 -11.54 0.96
N THR A 38 -11.44 -11.98 1.76
CA THR A 38 -11.38 -11.77 3.20
C THR A 38 -10.77 -12.99 3.90
N SER A 39 -10.12 -12.74 5.04
CA SER A 39 -9.49 -13.81 5.81
C SER A 39 -9.59 -13.54 7.30
N GLY A 40 -9.94 -14.58 8.06
CA GLY A 40 -10.07 -14.44 9.50
C GLY A 40 -11.27 -15.17 10.05
N PRO A 41 -11.57 -14.94 11.34
CA PRO A 41 -12.71 -15.58 12.02
C PRO A 41 -14.05 -15.06 11.50
N PRO A 42 -15.14 -15.73 11.90
CA PRO A 42 -16.50 -15.34 11.50
C PRO A 42 -16.95 -14.04 12.16
N HIS A 43 -16.47 -13.79 13.37
CA HIS A 43 -16.83 -12.58 14.10
C HIS A 43 -16.07 -11.38 13.55
N ASP A 44 -14.75 -11.50 13.49
CA ASP A 44 -13.90 -10.42 12.98
C ASP A 44 -13.31 -10.78 11.62
N ARG A 45 -13.71 -10.04 10.59
CA ARG A 45 -13.23 -10.28 9.24
C ARG A 45 -12.18 -9.23 8.84
N ARG A 46 -11.08 -9.71 8.28
CA ARG A 46 -10.00 -8.81 7.86
C ARG A 46 -9.92 -8.75 6.34
N PHE A 47 -10.13 -7.56 5.78
CA PHE A 47 -10.07 -7.37 4.34
C PHE A 47 -8.65 -7.08 3.88
N THR A 48 -8.15 -7.92 2.98
CA THR A 48 -6.80 -7.76 2.45
C THR A 48 -6.81 -6.95 1.17
N PHE A 49 -5.72 -6.21 0.94
CA PHE A 49 -5.60 -5.38 -0.26
C PHE A 49 -4.15 -5.29 -0.71
N GLN A 50 -3.94 -4.83 -1.93
CA GLN A 50 -2.60 -4.69 -2.48
C GLN A 50 -2.56 -3.62 -3.57
N VAL A 51 -1.40 -3.00 -3.73
CA VAL A 51 -1.23 -1.95 -4.74
C VAL A 51 -0.32 -2.42 -5.87
N LEU A 52 -0.53 -1.85 -7.05
CA LEU A 52 0.26 -2.21 -8.23
C LEU A 52 0.78 -0.96 -8.93
N ILE A 53 2.10 -0.76 -8.85
CA ILE A 53 2.72 0.40 -9.50
C ILE A 53 3.69 -0.04 -10.59
N ASP A 54 3.57 0.57 -11.76
CA ASP A 54 4.43 0.25 -12.88
C ASP A 54 4.41 -1.24 -13.18
N GLU A 55 3.20 -1.81 -13.25
CA GLU A 55 3.05 -3.23 -13.52
C GLU A 55 3.81 -4.07 -12.50
N LYS A 56 3.86 -3.59 -11.26
CA LYS A 56 4.55 -4.30 -10.20
C LYS A 56 3.57 -4.80 -9.15
N GLU A 57 3.82 -6.01 -8.66
CA GLU A 57 2.94 -6.62 -7.66
C GLU A 57 3.52 -6.44 -6.26
N PHE A 58 2.89 -5.57 -5.48
CA PHE A 58 3.35 -5.30 -4.11
C PHE A 58 2.72 -6.29 -3.13
N PRO A 59 3.38 -6.45 -1.97
CA PRO A 59 2.92 -7.36 -0.92
C PRO A 59 1.63 -6.87 -0.25
N GLU A 60 0.52 -7.54 -0.54
CA GLU A 60 -0.77 -7.16 0.04
C GLU A 60 -0.65 -7.00 1.55
N ALA A 61 -1.76 -6.65 2.19
CA ALA A 61 -1.80 -6.47 3.63
C ALA A 61 -3.22 -6.57 4.16
N LYS A 62 -3.35 -6.83 5.46
CA LYS A 62 -4.65 -6.95 6.09
C LYS A 62 -5.04 -5.65 6.78
N GLY A 63 -6.34 -5.33 6.76
CA GLY A 63 -6.82 -4.12 7.39
C GLY A 63 -8.18 -4.29 8.01
N ARG A 64 -8.39 -3.68 9.18
CA ARG A 64 -9.66 -3.76 9.88
C ARG A 64 -10.82 -3.44 8.95
N SER A 65 -10.74 -2.28 8.30
CA SER A 65 -11.79 -1.86 7.38
C SER A 65 -11.30 -1.90 5.94
N LYS A 66 -12.24 -1.87 4.99
CA LYS A 66 -11.91 -1.92 3.58
C LYS A 66 -10.84 -0.89 3.24
N GLN A 67 -11.16 0.38 3.46
CA GLN A 67 -10.24 1.47 3.17
C GLN A 67 -8.94 1.30 3.97
N GLU A 68 -9.09 0.98 5.25
CA GLU A 68 -7.93 0.78 6.13
C GLU A 68 -6.92 -0.18 5.50
N ALA A 69 -7.45 -1.21 4.83
CA ALA A 69 -6.60 -2.20 4.19
C ALA A 69 -5.77 -1.58 3.07
N ARG A 70 -6.41 -0.74 2.26
CA ARG A 70 -5.74 -0.08 1.15
C ARG A 70 -4.56 0.75 1.65
N ASN A 71 -4.78 1.48 2.74
CA ASN A 71 -3.75 2.32 3.32
C ASN A 71 -2.56 1.49 3.81
N ALA A 72 -2.87 0.31 4.36
CA ALA A 72 -1.84 -0.58 4.87
C ALA A 72 -0.97 -1.11 3.73
N ALA A 73 -1.61 -1.75 2.75
CA ALA A 73 -0.89 -2.30 1.61
C ALA A 73 0.03 -1.26 0.98
N ALA A 74 -0.38 0.00 1.02
CA ALA A 74 0.41 1.09 0.46
C ALA A 74 1.66 1.34 1.30
N LYS A 75 1.53 1.21 2.61
CA LYS A 75 2.65 1.41 3.52
C LYS A 75 3.87 0.64 3.06
N LEU A 76 3.68 -0.65 2.81
CA LEU A 76 4.77 -1.51 2.36
C LEU A 76 5.32 -1.05 1.01
N ALA A 77 4.42 -0.57 0.15
CA ALA A 77 4.81 -0.09 -1.17
C ALA A 77 5.67 1.17 -1.06
N VAL A 78 5.10 2.23 -0.50
CA VAL A 78 5.82 3.49 -0.34
C VAL A 78 7.20 3.26 0.26
N ASP A 79 7.29 2.33 1.21
CA ASP A 79 8.55 2.02 1.86
C ASP A 79 9.57 1.52 0.84
N ILE A 80 9.09 0.77 -0.15
CA ILE A 80 9.97 0.23 -1.18
C ILE A 80 10.39 1.32 -2.16
N LEU A 81 9.42 2.05 -2.68
CA LEU A 81 9.69 3.12 -3.63
C LEU A 81 10.88 3.96 -3.19
N ASP A 82 10.78 4.52 -1.98
CA ASP A 82 11.85 5.35 -1.44
C ASP A 82 13.22 4.80 -1.84
N ASN A 83 13.32 3.48 -1.94
CA ASN A 83 14.56 2.83 -2.32
C ASN A 83 14.56 2.46 -3.80
N GLU A 84 13.37 2.19 -4.33
CA GLU A 84 13.23 1.81 -5.73
C GLU A 84 14.13 0.63 -6.07
N ASN A 85 14.24 -0.31 -5.14
CA ASN A 85 15.06 -1.49 -5.34
C ASN A 85 14.25 -2.64 -5.93
N LYS A 86 14.03 -2.57 -7.25
CA LYS A 86 13.27 -3.61 -7.94
C LYS A 86 13.63 -5.00 -7.42
N VAL A 87 12.67 -5.64 -6.75
CA VAL A 87 12.89 -6.97 -6.20
C VAL A 87 12.65 -8.05 -7.27
N ASP A 88 13.34 -9.17 -7.11
CA ASP A 88 13.20 -10.28 -8.05
C ASP A 88 11.73 -10.57 -8.34
N CYS A 89 11.35 -10.47 -9.62
CA CYS A 89 9.98 -10.73 -10.02
C CYS A 89 9.83 -12.12 -10.61
N HIS A 90 8.62 -12.67 -10.54
CA HIS A 90 8.35 -14.00 -11.06
C HIS A 90 8.98 -15.07 -10.18
N THR A 91 8.78 -14.95 -8.87
CA THR A 91 9.32 -15.90 -7.91
C THR A 91 8.92 -17.34 -8.27
N SER A 92 7.91 -17.46 -9.13
CA SER A 92 7.43 -18.77 -9.54
C SER A 92 6.42 -18.64 -10.67
N GLY A 93 6.21 -19.73 -11.40
CA GLY A 93 5.27 -19.71 -12.51
C GLY A 93 3.89 -20.19 -12.09
N PRO A 94 2.85 -19.41 -12.45
CA PRO A 94 1.46 -19.74 -12.12
C PRO A 94 0.95 -20.95 -12.90
N SER A 95 -0.13 -21.55 -12.42
CA SER A 95 -0.71 -22.71 -13.07
C SER A 95 -1.44 -22.32 -14.35
N SER A 96 -1.64 -23.29 -15.23
CA SER A 96 -2.32 -23.04 -16.49
C SER A 96 -3.81 -23.33 -16.38
N GLY A 97 -4.62 -22.48 -17.02
CA GLY A 97 -6.06 -22.66 -16.97
C GLY A 97 -6.81 -21.45 -17.51
N GLY A 1 -27.91 1.53 -0.96
CA GLY A 1 -28.07 0.23 -0.33
C GLY A 1 -28.66 0.33 1.06
N SER A 2 -27.80 0.24 2.07
CA SER A 2 -28.25 0.32 3.46
C SER A 2 -27.54 1.45 4.19
N SER A 3 -28.14 1.90 5.29
CA SER A 3 -27.56 2.98 6.09
C SER A 3 -26.43 2.47 6.97
N GLY A 4 -25.56 3.37 7.40
CA GLY A 4 -24.44 2.99 8.25
C GLY A 4 -23.14 2.87 7.47
N SER A 5 -22.85 3.86 6.65
CA SER A 5 -21.63 3.86 5.85
C SER A 5 -20.39 3.71 6.72
N SER A 6 -19.57 2.73 6.41
CA SER A 6 -18.35 2.48 7.18
C SER A 6 -17.12 3.00 6.44
N GLY A 7 -16.61 4.14 6.89
CA GLY A 7 -15.44 4.73 6.27
C GLY A 7 -14.74 5.73 7.18
N MET A 8 -14.37 5.29 8.37
CA MET A 8 -13.69 6.15 9.33
C MET A 8 -12.45 5.45 9.90
N ALA A 9 -11.43 6.24 10.21
CA ALA A 9 -10.19 5.70 10.76
C ALA A 9 -9.90 6.31 12.13
N SER A 10 -8.77 5.91 12.72
CA SER A 10 -8.38 6.41 14.03
C SER A 10 -7.35 7.51 13.90
N ASP A 11 -6.59 7.48 12.82
CA ASP A 11 -5.56 8.49 12.57
C ASP A 11 -5.82 9.23 11.25
N THR A 12 -5.84 8.48 10.16
CA THR A 12 -6.07 9.06 8.84
C THR A 12 -6.80 8.07 7.93
N PRO A 13 -7.79 8.58 7.18
CA PRO A 13 -8.57 7.76 6.25
C PRO A 13 -7.75 7.31 5.05
N GLY A 14 -6.49 7.71 5.01
CA GLY A 14 -5.63 7.34 3.91
C GLY A 14 -4.36 8.18 3.84
N PHE A 15 -3.45 7.94 4.77
CA PHE A 15 -2.20 8.68 4.83
C PHE A 15 -1.27 8.27 3.69
N TYR A 16 -0.77 7.04 3.75
CA TYR A 16 0.12 6.52 2.72
C TYR A 16 -0.51 6.65 1.34
N MET A 17 -1.76 6.23 1.22
CA MET A 17 -2.48 6.29 -0.04
C MET A 17 -2.30 7.65 -0.71
N ASP A 18 -2.36 8.71 0.10
CA ASP A 18 -2.20 10.06 -0.41
C ASP A 18 -0.79 10.29 -0.93
N LYS A 19 0.18 9.63 -0.29
CA LYS A 19 1.57 9.75 -0.69
C LYS A 19 1.83 9.05 -2.01
N LEU A 20 1.09 7.98 -2.26
CA LEU A 20 1.24 7.21 -3.50
C LEU A 20 0.88 8.06 -4.71
N ASN A 21 -0.34 8.60 -4.71
CA ASN A 21 -0.80 9.43 -5.81
C ASN A 21 0.21 10.51 -6.15
N LYS A 22 0.67 11.22 -5.11
CA LYS A 22 1.65 12.28 -5.29
C LYS A 22 2.90 11.76 -6.01
N TYR A 23 3.10 10.45 -5.97
CA TYR A 23 4.25 9.83 -6.62
C TYR A 23 3.88 9.34 -8.02
N ARG A 24 2.61 8.97 -8.20
CA ARG A 24 2.14 8.48 -9.48
C ARG A 24 1.96 9.63 -10.47
N GLN A 25 1.64 10.80 -9.95
CA GLN A 25 1.44 11.98 -10.79
C GLN A 25 2.75 12.74 -10.99
N MET A 26 3.72 12.46 -10.13
CA MET A 26 5.02 13.11 -10.21
C MET A 26 5.95 12.34 -11.16
N HIS A 27 6.07 11.04 -10.93
CA HIS A 27 6.93 10.20 -11.76
C HIS A 27 6.22 9.81 -13.05
N GLY A 28 4.90 9.72 -12.99
CA GLY A 28 4.13 9.36 -14.17
C GLY A 28 3.90 7.86 -14.27
N VAL A 29 3.48 7.25 -13.17
CA VAL A 29 3.22 5.82 -13.14
C VAL A 29 1.73 5.53 -12.95
N ALA A 30 1.35 4.28 -13.17
CA ALA A 30 -0.05 3.88 -13.02
C ALA A 30 -0.23 2.98 -11.81
N ILE A 31 -0.91 3.50 -10.78
CA ILE A 31 -1.15 2.73 -9.57
C ILE A 31 -2.54 2.12 -9.57
N THR A 32 -2.62 0.84 -9.22
CA THR A 32 -3.90 0.13 -9.17
C THR A 32 -4.06 -0.64 -7.87
N TYR A 33 -5.26 -0.57 -7.30
CA TYR A 33 -5.55 -1.25 -6.04
C TYR A 33 -6.42 -2.48 -6.27
N LYS A 34 -5.79 -3.65 -6.22
CA LYS A 34 -6.50 -4.90 -6.42
C LYS A 34 -7.13 -5.39 -5.12
N GLU A 35 -8.43 -5.68 -5.17
CA GLU A 35 -9.15 -6.16 -4.00
C GLU A 35 -8.97 -7.66 -3.82
N LEU A 36 -8.59 -8.06 -2.61
CA LEU A 36 -8.37 -9.47 -2.31
C LEU A 36 -9.51 -10.02 -1.44
N SER A 37 -9.54 -11.33 -1.29
CA SER A 37 -10.57 -12.00 -0.48
C SER A 37 -10.49 -11.54 0.97
N THR A 38 -11.34 -12.12 1.82
CA THR A 38 -11.37 -11.78 3.22
C THR A 38 -11.03 -12.98 4.09
N SER A 39 -10.13 -12.78 5.05
CA SER A 39 -9.72 -13.85 5.95
C SER A 39 -9.90 -13.44 7.41
N GLY A 40 -9.89 -14.44 8.30
CA GLY A 40 -10.06 -14.17 9.71
C GLY A 40 -11.30 -14.82 10.28
N PRO A 41 -11.63 -14.49 11.54
CA PRO A 41 -12.79 -15.04 12.23
C PRO A 41 -14.10 -14.51 11.66
N PRO A 42 -15.23 -15.11 12.08
CA PRO A 42 -16.56 -14.72 11.63
C PRO A 42 -16.97 -13.36 12.17
N HIS A 43 -16.72 -13.12 13.46
CA HIS A 43 -17.06 -11.87 14.09
C HIS A 43 -16.26 -10.72 13.49
N ASP A 44 -14.95 -10.90 13.40
CA ASP A 44 -14.07 -9.88 12.84
C ASP A 44 -13.54 -10.31 11.47
N ARG A 45 -13.92 -9.56 10.43
CA ARG A 45 -13.49 -9.86 9.08
C ARG A 45 -12.37 -8.92 8.65
N ARG A 46 -11.25 -9.50 8.24
CA ARG A 46 -10.10 -8.71 7.80
C ARG A 46 -9.99 -8.71 6.27
N PHE A 47 -10.17 -7.55 5.67
CA PHE A 47 -10.09 -7.42 4.22
C PHE A 47 -8.66 -7.13 3.77
N THR A 48 -8.16 -7.95 2.86
CA THR A 48 -6.80 -7.79 2.35
C THR A 48 -6.79 -7.02 1.04
N PHE A 49 -5.75 -6.22 0.83
CA PHE A 49 -5.62 -5.43 -0.39
C PHE A 49 -4.16 -5.34 -0.84
N GLN A 50 -3.96 -4.86 -2.05
CA GLN A 50 -2.61 -4.74 -2.61
C GLN A 50 -2.56 -3.67 -3.70
N VAL A 51 -1.42 -3.01 -3.83
CA VAL A 51 -1.26 -1.97 -4.84
C VAL A 51 -0.33 -2.44 -5.96
N LEU A 52 -0.50 -1.86 -7.14
CA LEU A 52 0.31 -2.21 -8.30
C LEU A 52 0.86 -0.96 -8.98
N ILE A 53 2.18 -0.77 -8.88
CA ILE A 53 2.83 0.37 -9.49
C ILE A 53 3.76 -0.06 -10.62
N ASP A 54 3.63 0.59 -11.77
CA ASP A 54 4.47 0.28 -12.93
C ASP A 54 4.37 -1.20 -13.27
N GLU A 55 3.16 -1.75 -13.17
CA GLU A 55 2.94 -3.16 -13.48
C GLU A 55 3.70 -4.06 -12.51
N LYS A 56 3.85 -3.59 -11.28
CA LYS A 56 4.56 -4.35 -10.25
C LYS A 56 3.60 -4.84 -9.17
N GLU A 57 3.76 -6.12 -8.80
CA GLU A 57 2.90 -6.71 -7.78
C GLU A 57 3.50 -6.52 -6.39
N PHE A 58 2.88 -5.65 -5.59
CA PHE A 58 3.35 -5.38 -4.24
C PHE A 58 2.74 -6.36 -3.24
N PRO A 59 3.40 -6.51 -2.09
CA PRO A 59 2.93 -7.41 -1.02
C PRO A 59 1.66 -6.91 -0.35
N GLU A 60 0.54 -7.57 -0.65
CA GLU A 60 -0.75 -7.19 -0.08
C GLU A 60 -0.63 -7.02 1.43
N ALA A 61 -1.73 -6.59 2.05
CA ALA A 61 -1.75 -6.38 3.49
C ALA A 61 -3.18 -6.51 4.04
N LYS A 62 -3.28 -6.74 5.34
CA LYS A 62 -4.59 -6.88 5.98
C LYS A 62 -4.99 -5.57 6.67
N GLY A 63 -6.30 -5.40 6.86
CA GLY A 63 -6.80 -4.20 7.51
C GLY A 63 -8.23 -4.35 7.99
N ARG A 64 -8.50 -3.85 9.18
CA ARG A 64 -9.84 -3.93 9.76
C ARG A 64 -10.91 -3.75 8.69
N SER A 65 -10.89 -2.60 8.03
CA SER A 65 -11.86 -2.30 6.98
C SER A 65 -11.16 -2.05 5.65
N LYS A 66 -11.89 -2.21 4.56
CA LYS A 66 -11.35 -2.01 3.22
C LYS A 66 -10.42 -0.79 3.20
N GLN A 67 -10.90 0.34 3.71
CA GLN A 67 -10.11 1.56 3.74
C GLN A 67 -8.84 1.35 4.56
N GLU A 68 -8.99 0.78 5.75
CA GLU A 68 -7.85 0.54 6.63
C GLU A 68 -6.83 -0.38 5.95
N ALA A 69 -7.33 -1.29 5.13
CA ALA A 69 -6.46 -2.22 4.42
C ALA A 69 -5.69 -1.53 3.31
N ARG A 70 -6.39 -0.69 2.56
CA ARG A 70 -5.77 0.05 1.46
C ARG A 70 -4.54 0.82 1.93
N ASN A 71 -4.68 1.48 3.08
CA ASN A 71 -3.58 2.27 3.64
C ASN A 71 -2.40 1.37 3.98
N ALA A 72 -2.67 0.27 4.68
CA ALA A 72 -1.64 -0.68 5.06
C ALA A 72 -0.88 -1.20 3.84
N ALA A 73 -1.62 -1.65 2.84
CA ALA A 73 -1.03 -2.17 1.62
C ALA A 73 -0.10 -1.14 0.98
N ALA A 74 -0.51 0.12 1.03
CA ALA A 74 0.29 1.20 0.47
C ALA A 74 1.56 1.45 1.29
N LYS A 75 1.48 1.16 2.58
CA LYS A 75 2.62 1.35 3.48
C LYS A 75 3.83 0.56 2.99
N LEU A 76 3.61 -0.72 2.67
CA LEU A 76 4.68 -1.58 2.19
C LEU A 76 5.21 -1.09 0.85
N ALA A 77 4.31 -0.57 0.01
CA ALA A 77 4.69 -0.07 -1.31
C ALA A 77 5.53 1.21 -1.17
N VAL A 78 4.93 2.25 -0.62
CA VAL A 78 5.62 3.52 -0.44
C VAL A 78 7.00 3.32 0.18
N ASP A 79 7.08 2.43 1.15
CA ASP A 79 8.34 2.13 1.81
C ASP A 79 9.41 1.73 0.81
N ILE A 80 9.04 0.85 -0.12
CA ILE A 80 9.96 0.37 -1.15
C ILE A 80 10.38 1.51 -2.08
N LEU A 81 9.40 2.15 -2.70
CA LEU A 81 9.67 3.25 -3.62
C LEU A 81 10.81 4.12 -3.09
N ASP A 82 10.66 4.62 -1.87
CA ASP A 82 11.68 5.46 -1.26
C ASP A 82 13.08 5.00 -1.66
N ASN A 83 13.31 3.69 -1.60
CA ASN A 83 14.60 3.12 -1.96
C ASN A 83 14.67 2.80 -3.45
N GLU A 84 13.51 2.49 -4.02
CA GLU A 84 13.44 2.16 -5.45
C GLU A 84 14.40 1.03 -5.79
N ASN A 85 14.55 0.09 -4.87
CA ASN A 85 15.44 -1.05 -5.07
C ASN A 85 16.81 -0.58 -5.56
N LYS A 86 17.39 0.39 -4.87
CA LYS A 86 18.70 0.92 -5.23
C LYS A 86 19.82 -0.05 -4.82
N VAL A 87 21.06 0.38 -5.03
CA VAL A 87 22.21 -0.44 -4.69
C VAL A 87 22.65 -0.20 -3.24
N ASP A 88 21.86 0.58 -2.51
CA ASP A 88 22.17 0.89 -1.13
C ASP A 88 21.55 -0.15 -0.19
N CYS A 89 20.32 -0.57 -0.52
CA CYS A 89 19.62 -1.56 0.30
C CYS A 89 19.67 -2.94 -0.36
N HIS A 90 20.21 -3.91 0.37
CA HIS A 90 20.32 -5.27 -0.13
C HIS A 90 19.37 -6.20 0.60
N THR A 91 18.36 -6.69 -0.12
CA THR A 91 17.38 -7.60 0.47
C THR A 91 16.66 -8.41 -0.61
N SER A 92 16.28 -9.64 -0.28
CA SER A 92 15.59 -10.50 -1.22
C SER A 92 14.34 -9.82 -1.77
N GLY A 93 14.18 -9.87 -3.09
CA GLY A 93 13.03 -9.25 -3.73
C GLY A 93 12.41 -10.13 -4.79
N PRO A 94 11.40 -9.60 -5.49
CA PRO A 94 10.71 -10.33 -6.55
C PRO A 94 11.58 -10.55 -7.78
N SER A 95 12.02 -11.80 -7.98
CA SER A 95 12.86 -12.13 -9.12
C SER A 95 12.24 -13.25 -9.94
N SER A 96 12.74 -13.43 -11.16
CA SER A 96 12.22 -14.46 -12.05
C SER A 96 13.11 -15.69 -12.04
N GLY A 97 12.53 -16.85 -12.35
CA GLY A 97 13.30 -18.08 -12.37
C GLY A 97 13.04 -18.91 -13.61
#